data_1J3T
#
_entry.id   1J3T
#
_cell.length_a   1.000
_cell.length_b   1.000
_cell.length_c   1.000
_cell.angle_alpha   90.00
_cell.angle_beta   90.00
_cell.angle_gamma   90.00
#
_symmetry.space_group_name_H-M   'P 1'
#
_entity_poly.entity_id   1
_entity_poly.type   'polypeptide(L)'
_entity_poly.pdbx_seq_one_letter_code
;GSSGSSGVENLKAQALCSWTAKKDNHLNFSKHDIITVLEQQENWWFGEVHGGRGWFPKSYVKIIPGSESGPSSG
;
_entity_poly.pdbx_strand_id   A
#
# COMPACT_ATOMS: atom_id res chain seq x y z
N GLY A 1 -9.71 -8.34 25.17
CA GLY A 1 -8.64 -7.55 25.79
C GLY A 1 -9.21 -6.33 26.49
N SER A 2 -8.72 -6.00 27.68
CA SER A 2 -9.37 -5.03 28.56
C SER A 2 -9.13 -3.59 28.11
N SER A 3 -7.96 -3.29 27.54
CA SER A 3 -7.63 -1.97 27.01
C SER A 3 -6.55 -2.12 25.94
N GLY A 4 -6.32 -1.05 25.19
CA GLY A 4 -5.18 -0.93 24.29
C GLY A 4 -5.66 -0.55 22.91
N SER A 5 -5.47 0.71 22.50
CA SER A 5 -6.02 1.31 21.27
C SER A 5 -5.69 0.59 19.94
N SER A 6 -4.82 -0.43 19.92
CA SER A 6 -4.41 -1.16 18.71
C SER A 6 -3.75 -0.22 17.68
N GLY A 7 -3.64 -0.68 16.44
CA GLY A 7 -3.48 0.16 15.27
C GLY A 7 -2.11 0.80 15.19
N VAL A 8 -1.06 -0.01 15.21
CA VAL A 8 0.32 0.41 14.94
C VAL A 8 0.72 -0.10 13.54
N GLU A 9 -0.26 -0.18 12.63
CA GLU A 9 -0.12 -0.90 11.37
C GLU A 9 0.91 -0.22 10.48
N ASN A 10 1.46 -1.02 9.56
CA ASN A 10 2.45 -0.64 8.56
C ASN A 10 1.99 0.53 7.69
N LEU A 11 2.92 1.03 6.87
CA LEU A 11 2.71 2.13 5.95
C LEU A 11 1.69 1.67 4.91
N LYS A 12 0.85 2.59 4.42
CA LYS A 12 0.05 2.35 3.23
C LYS A 12 0.40 3.40 2.19
N ALA A 13 0.27 3.01 0.93
CA ALA A 13 0.45 3.90 -0.19
C ALA A 13 -0.69 3.62 -1.16
N GLN A 14 -1.37 4.67 -1.59
CA GLN A 14 -2.45 4.58 -2.55
C GLN A 14 -1.84 4.59 -3.96
N ALA A 15 -2.26 3.63 -4.81
CA ALA A 15 -1.84 3.58 -6.20
C ALA A 15 -2.49 4.70 -7.01
N LEU A 16 -1.71 5.29 -7.91
CA LEU A 16 -2.10 6.43 -8.73
C LEU A 16 -2.61 6.03 -10.12
N CYS A 17 -2.33 4.81 -10.53
CA CYS A 17 -2.67 4.24 -11.84
C CYS A 17 -2.75 2.73 -11.64
N SER A 18 -3.50 2.00 -12.47
CA SER A 18 -3.58 0.56 -12.40
C SER A 18 -2.29 -0.05 -12.98
N TRP A 19 -1.79 -1.14 -12.39
CA TRP A 19 -0.65 -1.88 -12.90
C TRP A 19 -0.83 -3.36 -12.57
N THR A 20 -0.99 -4.17 -13.61
CA THR A 20 -1.02 -5.63 -13.52
C THR A 20 0.36 -6.12 -13.06
N ALA A 21 0.43 -7.33 -12.49
CA ALA A 21 1.73 -7.96 -12.24
C ALA A 21 2.37 -8.37 -13.55
N LYS A 22 3.66 -8.75 -13.50
CA LYS A 22 4.41 -9.27 -14.65
C LYS A 22 5.27 -10.45 -14.21
N LYS A 23 6.33 -10.19 -13.43
CA LYS A 23 7.05 -11.26 -12.74
C LYS A 23 6.11 -11.94 -11.74
N ASP A 24 6.55 -13.08 -11.24
CA ASP A 24 5.99 -13.77 -10.08
C ASP A 24 5.85 -12.77 -8.94
N ASN A 25 6.99 -12.26 -8.48
CA ASN A 25 7.14 -11.41 -7.31
C ASN A 25 6.67 -9.97 -7.52
N HIS A 26 5.95 -9.65 -8.60
CA HIS A 26 5.39 -8.32 -8.80
C HIS A 26 3.97 -8.28 -8.22
N LEU A 27 3.66 -7.17 -7.54
CA LEU A 27 2.34 -6.87 -7.02
C LEU A 27 1.40 -6.54 -8.20
N ASN A 28 0.09 -6.65 -8.00
CA ASN A 28 -0.97 -6.24 -8.94
C ASN A 28 -1.97 -5.35 -8.20
N PHE A 29 -2.17 -4.11 -8.68
CA PHE A 29 -3.15 -3.17 -8.16
C PHE A 29 -3.91 -2.48 -9.28
N SER A 30 -4.99 -1.84 -8.88
CA SER A 30 -5.76 -0.88 -9.63
C SER A 30 -5.49 0.55 -9.16
N LYS A 31 -5.86 1.50 -10.03
CA LYS A 31 -5.89 2.92 -9.75
C LYS A 31 -6.78 3.18 -8.55
N HIS A 32 -6.17 3.83 -7.55
CA HIS A 32 -6.72 4.24 -6.26
C HIS A 32 -6.89 3.08 -5.28
N ASP A 33 -6.38 1.88 -5.58
CA ASP A 33 -6.23 0.85 -4.55
C ASP A 33 -5.31 1.35 -3.45
N ILE A 34 -5.40 0.73 -2.29
CA ILE A 34 -4.64 1.03 -1.10
C ILE A 34 -3.83 -0.21 -0.81
N ILE A 35 -2.50 -0.07 -0.78
CA ILE A 35 -1.59 -1.18 -0.62
C ILE A 35 -0.90 -1.02 0.71
N THR A 36 -0.87 -2.10 1.49
CA THR A 36 -0.11 -2.25 2.71
C THR A 36 1.34 -2.31 2.29
N VAL A 37 2.09 -1.22 2.44
CA VAL A 37 3.54 -1.21 2.26
C VAL A 37 4.14 -2.07 3.36
N LEU A 38 5.23 -2.78 3.07
CA LEU A 38 5.83 -3.73 3.99
C LEU A 38 7.35 -3.66 3.98
N GLU A 39 7.99 -3.22 2.89
CA GLU A 39 9.44 -3.03 2.81
C GLU A 39 9.75 -2.10 1.63
N GLN A 40 10.95 -1.53 1.57
CA GLN A 40 11.36 -0.55 0.57
C GLN A 40 12.79 -0.85 0.12
N GLN A 41 12.96 -1.36 -1.09
CA GLN A 41 14.23 -1.30 -1.81
C GLN A 41 14.44 0.14 -2.31
N GLU A 42 15.44 0.33 -3.17
CA GLU A 42 15.85 1.60 -3.79
C GLU A 42 14.68 2.45 -4.30
N ASN A 43 13.61 1.79 -4.78
CA ASN A 43 12.47 2.39 -5.45
C ASN A 43 11.30 1.40 -5.45
N TRP A 44 11.60 0.11 -5.61
CA TRP A 44 10.61 -0.95 -5.53
C TRP A 44 10.26 -1.15 -4.07
N TRP A 45 8.99 -1.24 -3.73
CA TRP A 45 8.49 -1.47 -2.38
C TRP A 45 7.74 -2.78 -2.40
N PHE A 46 7.86 -3.55 -1.33
CA PHE A 46 7.05 -4.73 -1.14
C PHE A 46 5.76 -4.25 -0.51
N GLY A 47 4.61 -4.70 -0.99
CA GLY A 47 3.37 -4.47 -0.29
C GLY A 47 2.24 -5.36 -0.77
N GLU A 48 1.18 -5.41 0.02
CA GLU A 48 0.09 -6.37 -0.07
C GLU A 48 -1.23 -5.64 -0.25
N VAL A 49 -1.97 -6.02 -1.29
CA VAL A 49 -3.29 -5.56 -1.62
C VAL A 49 -4.08 -6.68 -2.30
N HIS A 50 -5.28 -6.95 -1.79
CA HIS A 50 -6.14 -8.04 -2.23
C HIS A 50 -5.35 -9.37 -2.32
N GLY A 51 -4.72 -9.77 -1.21
CA GLY A 51 -4.30 -11.15 -0.94
C GLY A 51 -3.04 -11.61 -1.68
N GLY A 52 -2.31 -10.71 -2.32
CA GLY A 52 -1.12 -11.01 -3.13
C GLY A 52 0.12 -11.16 -2.28
N ARG A 53 0.61 -10.03 -1.79
CA ARG A 53 2.03 -9.65 -1.67
C ARG A 53 2.71 -9.62 -3.04
N GLY A 54 3.73 -8.77 -3.14
CA GLY A 54 4.58 -8.59 -4.29
C GLY A 54 5.31 -7.26 -4.18
N TRP A 55 6.15 -6.97 -5.17
CA TRP A 55 6.98 -5.77 -5.27
C TRP A 55 6.43 -4.82 -6.31
N PHE A 56 6.69 -3.51 -6.17
CA PHE A 56 6.26 -2.53 -7.18
C PHE A 56 7.10 -1.25 -7.10
N PRO A 57 7.41 -0.56 -8.22
CA PRO A 57 8.04 0.75 -8.15
C PRO A 57 7.09 1.73 -7.47
N LYS A 58 7.55 2.34 -6.37
CA LYS A 58 6.75 3.29 -5.62
C LYS A 58 6.30 4.50 -6.45
N SER A 59 6.90 4.74 -7.63
CA SER A 59 6.56 5.87 -8.47
C SER A 59 5.08 5.79 -8.91
N TYR A 60 4.52 4.58 -8.97
CA TYR A 60 3.13 4.33 -9.33
C TYR A 60 2.16 4.67 -8.19
N VAL A 61 2.66 5.04 -7.01
CA VAL A 61 1.86 5.22 -5.80
C VAL A 61 2.23 6.54 -5.13
N LYS A 62 1.55 6.89 -4.03
CA LYS A 62 2.01 7.88 -3.06
C LYS A 62 1.78 7.34 -1.67
N ILE A 63 2.64 7.67 -0.71
CA ILE A 63 2.34 7.47 0.70
C ILE A 63 1.16 8.36 1.06
N ILE A 64 0.35 7.85 1.97
CA ILE A 64 -0.83 8.47 2.52
C ILE A 64 -0.51 8.78 4.00
N PRO A 65 -1.11 9.82 4.60
CA PRO A 65 -0.98 10.09 6.02
C PRO A 65 -1.84 9.07 6.80
N GLY A 66 -3.03 9.42 7.25
CA GLY A 66 -4.03 8.50 7.76
C GLY A 66 -5.26 8.55 6.87
N SER A 67 -6.19 7.62 7.09
CA SER A 67 -7.49 7.54 6.41
C SER A 67 -8.49 8.59 6.95
N GLU A 68 -7.95 9.72 7.36
CA GLU A 68 -8.41 10.64 8.37
C GLU A 68 -9.56 11.53 7.89
N SER A 69 -10.56 11.68 8.76
CA SER A 69 -11.73 12.55 8.61
C SER A 69 -12.51 12.38 7.29
N GLY A 70 -12.30 11.28 6.56
CA GLY A 70 -12.93 11.00 5.29
C GLY A 70 -13.96 9.88 5.46
N PRO A 71 -13.65 8.64 5.05
CA PRO A 71 -14.53 7.49 5.25
C PRO A 71 -14.38 6.95 6.67
N SER A 72 -15.30 6.10 7.10
CA SER A 72 -15.04 5.11 8.13
C SER A 72 -15.73 3.82 7.67
N SER A 73 -15.03 3.01 6.89
CA SER A 73 -15.52 1.79 6.26
C SER A 73 -15.60 0.64 7.28
N GLY A 74 -16.56 0.73 8.22
CA GLY A 74 -16.89 -0.34 9.14
C GLY A 74 -17.68 -1.43 8.45
N GLY A 1 -6.98 -6.08 13.40
CA GLY A 1 -7.29 -5.36 14.63
C GLY A 1 -7.91 -4.01 14.35
N SER A 2 -8.31 -3.28 15.39
CA SER A 2 -9.06 -2.04 15.29
C SER A 2 -9.01 -1.36 16.66
N SER A 3 -8.28 -0.25 16.78
CA SER A 3 -8.01 0.46 18.03
C SER A 3 -7.59 -0.50 19.16
N GLY A 4 -6.40 -1.10 19.04
CA GLY A 4 -5.87 -2.02 20.05
C GLY A 4 -4.75 -1.35 20.85
N SER A 5 -5.07 -0.26 21.55
CA SER A 5 -4.15 0.61 22.28
C SER A 5 -3.24 1.42 21.36
N SER A 6 -2.52 0.78 20.45
CA SER A 6 -1.60 1.43 19.54
C SER A 6 -2.37 2.12 18.41
N GLY A 7 -3.34 1.42 17.80
CA GLY A 7 -4.16 2.00 16.76
C GLY A 7 -3.39 2.32 15.48
N VAL A 8 -2.32 1.57 15.18
CA VAL A 8 -1.47 1.75 13.99
C VAL A 8 -1.67 0.57 13.02
N GLU A 9 -1.07 0.64 11.84
CA GLU A 9 -0.78 -0.49 10.97
C GLU A 9 0.65 -0.32 10.45
N ASN A 10 1.06 -1.12 9.47
CA ASN A 10 2.22 -0.82 8.63
C ASN A 10 1.95 0.44 7.80
N LEU A 11 2.92 0.86 6.98
CA LEU A 11 2.76 1.98 6.08
C LEU A 11 1.67 1.58 5.07
N LYS A 12 0.87 2.53 4.59
CA LYS A 12 0.03 2.32 3.41
C LYS A 12 0.39 3.35 2.37
N ALA A 13 0.22 2.97 1.11
CA ALA A 13 0.48 3.81 -0.04
C ALA A 13 -0.61 3.51 -1.06
N GLN A 14 -1.30 4.55 -1.51
CA GLN A 14 -2.35 4.41 -2.50
C GLN A 14 -1.69 4.42 -3.88
N ALA A 15 -2.09 3.50 -4.75
CA ALA A 15 -1.70 3.51 -6.15
C ALA A 15 -2.30 4.73 -6.88
N LEU A 16 -1.56 5.26 -7.84
CA LEU A 16 -1.89 6.44 -8.64
C LEU A 16 -2.43 6.06 -10.02
N CYS A 17 -2.16 4.84 -10.48
CA CYS A 17 -2.39 4.31 -11.81
C CYS A 17 -2.47 2.78 -11.72
N SER A 18 -2.81 2.09 -12.81
CA SER A 18 -2.93 0.64 -12.83
C SER A 18 -1.67 0.00 -13.41
N TRP A 19 -1.30 -1.18 -12.88
CA TRP A 19 -0.11 -1.90 -13.31
C TRP A 19 -0.17 -3.38 -12.91
N THR A 20 0.18 -4.26 -13.83
CA THR A 20 0.13 -5.71 -13.68
C THR A 20 1.41 -6.25 -13.03
N ALA A 21 1.43 -7.56 -12.80
CA ALA A 21 2.65 -8.34 -12.76
C ALA A 21 3.38 -8.29 -14.10
N LYS A 22 4.63 -8.73 -14.06
CA LYS A 22 5.52 -8.91 -15.20
C LYS A 22 6.52 -9.99 -14.81
N LYS A 23 7.32 -9.69 -13.78
CA LYS A 23 8.16 -10.67 -13.11
C LYS A 23 7.36 -11.35 -12.00
N ASP A 24 7.80 -12.53 -11.61
CA ASP A 24 7.10 -13.51 -10.77
C ASP A 24 6.66 -13.01 -9.40
N ASN A 25 7.34 -12.02 -8.84
CA ASN A 25 7.17 -11.57 -7.46
C ASN A 25 6.54 -10.18 -7.41
N HIS A 26 5.74 -9.80 -8.42
CA HIS A 26 5.06 -8.51 -8.46
C HIS A 26 3.69 -8.56 -7.75
N LEU A 27 3.13 -7.39 -7.45
CA LEU A 27 2.03 -7.19 -6.51
C LEU A 27 0.68 -7.35 -7.21
N ASN A 28 0.37 -6.45 -8.16
CA ASN A 28 -0.79 -6.25 -9.03
C ASN A 28 -1.82 -5.34 -8.36
N PHE A 29 -1.86 -4.06 -8.75
CA PHE A 29 -2.89 -3.11 -8.35
C PHE A 29 -3.43 -2.38 -9.56
N SER A 30 -4.54 -1.70 -9.31
CA SER A 30 -5.18 -0.76 -10.15
C SER A 30 -5.17 0.64 -9.51
N LYS A 31 -5.51 1.65 -10.31
CA LYS A 31 -5.63 3.04 -9.93
C LYS A 31 -6.53 3.18 -8.69
N HIS A 32 -5.99 3.85 -7.67
CA HIS A 32 -6.61 4.26 -6.42
C HIS A 32 -6.72 3.12 -5.40
N ASP A 33 -6.21 1.92 -5.68
CA ASP A 33 -6.13 0.83 -4.70
C ASP A 33 -5.26 1.28 -3.53
N ILE A 34 -5.55 0.79 -2.33
CA ILE A 34 -4.76 1.06 -1.13
C ILE A 34 -3.96 -0.20 -0.84
N ILE A 35 -2.64 -0.08 -0.77
CA ILE A 35 -1.76 -1.21 -0.58
C ILE A 35 -1.09 -1.02 0.78
N THR A 36 -1.09 -2.10 1.56
CA THR A 36 -0.32 -2.22 2.79
C THR A 36 1.12 -2.31 2.33
N VAL A 37 1.90 -1.26 2.54
CA VAL A 37 3.33 -1.28 2.29
C VAL A 37 3.99 -2.16 3.35
N LEU A 38 5.07 -2.84 2.98
CA LEU A 38 5.73 -3.79 3.85
C LEU A 38 7.25 -3.72 3.76
N GLU A 39 7.86 -3.11 2.73
CA GLU A 39 9.32 -3.03 2.65
C GLU A 39 9.74 -1.93 1.65
N GLN A 40 10.99 -1.44 1.71
CA GLN A 40 11.51 -0.36 0.88
C GLN A 40 12.92 -0.67 0.34
N GLN A 41 13.04 -0.85 -0.99
CA GLN A 41 14.30 -0.95 -1.75
C GLN A 41 14.62 0.39 -2.43
N GLU A 42 15.53 0.38 -3.41
CA GLU A 42 16.09 1.55 -4.11
C GLU A 42 14.99 2.50 -4.60
N ASN A 43 13.96 1.94 -5.25
CA ASN A 43 12.83 2.66 -5.81
C ASN A 43 11.58 1.77 -5.89
N TRP A 44 11.66 0.54 -5.40
CA TRP A 44 10.59 -0.44 -5.43
C TRP A 44 10.24 -0.80 -4.01
N TRP A 45 8.96 -1.00 -3.72
CA TRP A 45 8.43 -1.28 -2.40
C TRP A 45 7.70 -2.61 -2.45
N PHE A 46 7.77 -3.36 -1.37
CA PHE A 46 6.96 -4.54 -1.22
C PHE A 46 5.67 -4.09 -0.56
N GLY A 47 4.60 -4.83 -0.78
CA GLY A 47 3.34 -4.56 -0.11
C GLY A 47 2.34 -5.65 -0.42
N GLU A 48 1.13 -5.47 0.07
CA GLU A 48 0.04 -6.42 0.00
C GLU A 48 -1.27 -5.68 -0.27
N VAL A 49 -2.02 -6.09 -1.28
CA VAL A 49 -3.39 -5.63 -1.53
C VAL A 49 -4.20 -6.74 -2.18
N HIS A 50 -5.53 -6.72 -2.04
CA HIS A 50 -6.43 -7.73 -2.57
C HIS A 50 -5.99 -9.16 -2.22
N GLY A 51 -5.31 -9.36 -1.08
CA GLY A 51 -4.84 -10.67 -0.64
C GLY A 51 -3.57 -11.14 -1.34
N GLY A 52 -2.95 -10.32 -2.20
CA GLY A 52 -1.71 -10.63 -2.88
C GLY A 52 -0.61 -9.72 -2.40
N ARG A 53 0.58 -10.29 -2.21
CA ARG A 53 1.83 -9.60 -1.89
C ARG A 53 2.64 -9.44 -3.18
N GLY A 54 3.66 -8.59 -3.13
CA GLY A 54 4.66 -8.50 -4.19
C GLY A 54 5.33 -7.14 -4.20
N TRP A 55 6.31 -6.99 -5.09
CA TRP A 55 7.07 -5.76 -5.29
C TRP A 55 6.41 -4.88 -6.32
N PHE A 56 6.63 -3.56 -6.20
CA PHE A 56 6.16 -2.61 -7.21
C PHE A 56 7.01 -1.34 -7.23
N PRO A 57 7.10 -0.64 -8.38
CA PRO A 57 7.78 0.64 -8.46
C PRO A 57 6.99 1.68 -7.68
N LYS A 58 7.64 2.36 -6.74
CA LYS A 58 6.94 3.33 -5.91
C LYS A 58 6.42 4.51 -6.70
N SER A 59 6.93 4.77 -7.91
CA SER A 59 6.58 5.95 -8.65
C SER A 59 5.11 5.91 -9.09
N TYR A 60 4.56 4.70 -9.18
CA TYR A 60 3.15 4.43 -9.46
C TYR A 60 2.26 4.66 -8.25
N VAL A 61 2.79 5.00 -7.08
CA VAL A 61 2.05 5.11 -5.83
C VAL A 61 2.45 6.40 -5.12
N LYS A 62 1.78 6.71 -4.01
CA LYS A 62 2.26 7.68 -3.03
C LYS A 62 2.03 7.11 -1.64
N ILE A 63 2.90 7.43 -0.68
CA ILE A 63 2.60 7.22 0.74
C ILE A 63 1.42 8.12 1.06
N ILE A 64 0.65 7.70 2.06
CA ILE A 64 -0.51 8.41 2.55
C ILE A 64 -0.24 8.71 4.02
N PRO A 65 -0.61 9.89 4.51
CA PRO A 65 -0.36 10.29 5.88
C PRO A 65 -1.37 9.68 6.85
N GLY A 66 -2.61 9.51 6.40
CA GLY A 66 -3.72 8.88 7.10
C GLY A 66 -4.93 8.84 6.18
N SER A 67 -6.01 8.21 6.63
CA SER A 67 -7.26 8.02 5.90
C SER A 67 -8.42 8.12 6.88
N GLU A 68 -8.58 9.27 7.55
CA GLU A 68 -9.60 9.49 8.58
C GLU A 68 -10.14 10.90 8.44
N SER A 69 -11.15 11.07 7.59
CA SER A 69 -11.64 12.37 7.15
C SER A 69 -13.13 12.58 7.47
N GLY A 70 -13.93 11.51 7.53
CA GLY A 70 -15.35 11.52 7.85
C GLY A 70 -15.70 10.21 8.54
N PRO A 71 -16.96 10.03 8.99
CA PRO A 71 -17.34 8.92 9.85
C PRO A 71 -17.32 7.60 9.09
N SER A 72 -17.13 6.52 9.85
CA SER A 72 -16.83 5.18 9.35
C SER A 72 -15.53 5.24 8.54
N SER A 73 -14.42 5.59 9.20
CA SER A 73 -13.10 5.65 8.58
C SER A 73 -12.53 4.25 8.28
N GLY A 74 -13.16 3.20 8.79
CA GLY A 74 -12.77 1.81 8.67
C GLY A 74 -13.61 0.99 9.64
N GLY A 1 -7.84 4.91 24.11
CA GLY A 1 -7.76 5.73 22.90
C GLY A 1 -6.60 5.29 22.03
N SER A 2 -6.82 5.26 20.72
CA SER A 2 -6.02 4.65 19.67
C SER A 2 -6.13 3.13 19.74
N SER A 3 -7.24 2.60 19.22
CA SER A 3 -7.50 1.18 18.99
C SER A 3 -8.47 1.02 17.82
N GLY A 4 -8.62 -0.22 17.35
CA GLY A 4 -9.73 -0.70 16.56
C GLY A 4 -9.77 -0.07 15.18
N SER A 5 -10.61 0.95 15.02
CA SER A 5 -10.84 1.62 13.76
C SER A 5 -9.55 2.30 13.30
N SER A 6 -9.19 3.42 13.93
CA SER A 6 -8.07 4.26 13.56
C SER A 6 -6.74 3.61 13.98
N GLY A 7 -5.63 4.08 13.42
CA GLY A 7 -4.29 3.55 13.64
C GLY A 7 -3.78 2.91 12.37
N VAL A 8 -4.27 1.69 12.11
CA VAL A 8 -3.84 0.75 11.09
C VAL A 8 -2.42 0.28 11.38
N GLU A 9 -1.91 -0.68 10.58
CA GLU A 9 -0.60 -1.26 10.76
C GLU A 9 0.18 -1.16 9.45
N ASN A 10 1.51 -1.12 9.56
CA ASN A 10 2.51 -0.87 8.52
C ASN A 10 2.33 0.54 7.94
N LEU A 11 3.11 0.88 6.92
CA LEU A 11 2.86 2.00 6.01
C LEU A 11 1.76 1.58 5.02
N LYS A 12 0.95 2.52 4.51
CA LYS A 12 0.01 2.30 3.41
C LYS A 12 0.33 3.34 2.35
N ALA A 13 0.16 2.98 1.07
CA ALA A 13 0.35 3.85 -0.06
C ALA A 13 -0.75 3.57 -1.08
N GLN A 14 -1.41 4.63 -1.57
CA GLN A 14 -2.48 4.52 -2.55
C GLN A 14 -1.83 4.48 -3.95
N ALA A 15 -2.24 3.55 -4.80
CA ALA A 15 -1.82 3.46 -6.20
C ALA A 15 -2.40 4.59 -7.06
N LEU A 16 -1.55 5.11 -7.96
CA LEU A 16 -1.82 6.26 -8.83
C LEU A 16 -2.39 5.85 -10.19
N CYS A 17 -2.30 4.58 -10.58
CA CYS A 17 -2.83 4.01 -11.80
C CYS A 17 -3.04 2.51 -11.55
N SER A 18 -3.81 1.79 -12.38
CA SER A 18 -3.83 0.33 -12.29
C SER A 18 -2.53 -0.21 -12.88
N TRP A 19 -1.95 -1.30 -12.36
CA TRP A 19 -0.78 -1.94 -12.95
C TRP A 19 -0.73 -3.43 -12.59
N THR A 20 -0.03 -4.22 -13.40
CA THR A 20 -0.11 -5.68 -13.46
C THR A 20 1.25 -6.33 -13.20
N ALA A 21 1.25 -7.55 -12.65
CA ALA A 21 2.49 -8.23 -12.30
C ALA A 21 3.19 -8.71 -13.57
N LYS A 22 4.52 -8.65 -13.56
CA LYS A 22 5.41 -8.96 -14.71
C LYS A 22 6.52 -9.93 -14.30
N LYS A 23 6.80 -10.04 -13.00
CA LYS A 23 7.59 -11.13 -12.43
C LYS A 23 6.75 -11.71 -11.30
N ASP A 24 7.18 -12.88 -10.84
CA ASP A 24 6.41 -13.75 -9.95
C ASP A 24 6.15 -13.14 -8.57
N ASN A 25 7.01 -12.25 -8.10
CA ASN A 25 6.82 -11.53 -6.84
C ASN A 25 6.47 -10.07 -7.12
N HIS A 26 5.77 -9.74 -8.21
CA HIS A 26 5.25 -8.37 -8.37
C HIS A 26 3.86 -8.28 -7.76
N LEU A 27 3.54 -7.13 -7.16
CA LEU A 27 2.19 -6.78 -6.74
C LEU A 27 1.40 -6.40 -8.00
N ASN A 28 0.06 -6.42 -7.95
CA ASN A 28 -0.81 -5.86 -8.98
C ASN A 28 -2.01 -5.20 -8.30
N PHE A 29 -2.36 -4.00 -8.75
CA PHE A 29 -3.35 -3.11 -8.13
C PHE A 29 -4.14 -2.37 -9.20
N SER A 30 -5.20 -1.69 -8.78
CA SER A 30 -5.92 -0.73 -9.59
C SER A 30 -5.57 0.72 -9.21
N LYS A 31 -6.02 1.66 -10.05
CA LYS A 31 -5.99 3.09 -9.73
C LYS A 31 -6.84 3.32 -8.50
N HIS A 32 -6.29 4.08 -7.56
CA HIS A 32 -6.86 4.44 -6.28
C HIS A 32 -6.86 3.30 -5.25
N ASP A 33 -6.35 2.11 -5.59
CA ASP A 33 -6.25 1.01 -4.64
C ASP A 33 -5.35 1.44 -3.49
N ILE A 34 -5.60 0.92 -2.30
CA ILE A 34 -4.81 1.14 -1.12
C ILE A 34 -4.03 -0.13 -0.88
N ILE A 35 -2.70 -0.03 -0.79
CA ILE A 35 -1.84 -1.19 -0.64
C ILE A 35 -1.00 -0.94 0.60
N THR A 36 -0.95 -1.96 1.45
CA THR A 36 -0.18 -2.01 2.67
C THR A 36 1.29 -2.08 2.24
N VAL A 37 2.06 -1.00 2.39
CA VAL A 37 3.49 -1.05 2.19
C VAL A 37 4.06 -1.93 3.30
N LEU A 38 5.16 -2.64 3.02
CA LEU A 38 5.77 -3.56 3.95
C LEU A 38 7.27 -3.33 3.96
N GLU A 39 7.95 -3.53 2.83
CA GLU A 39 9.40 -3.38 2.70
C GLU A 39 9.67 -2.28 1.69
N GLN A 40 10.89 -1.73 1.68
CA GLN A 40 11.31 -0.77 0.68
C GLN A 40 12.67 -1.15 0.12
N GLN A 41 12.86 -0.83 -1.15
CA GLN A 41 14.11 -0.73 -1.87
C GLN A 41 14.21 0.71 -2.39
N GLU A 42 15.28 1.04 -3.11
CA GLU A 42 15.61 2.34 -3.68
C GLU A 42 14.41 3.06 -4.29
N ASN A 43 13.69 2.37 -5.18
CA ASN A 43 12.59 2.89 -5.97
C ASN A 43 11.50 1.83 -6.16
N TRP A 44 11.66 0.62 -5.62
CA TRP A 44 10.60 -0.39 -5.60
C TRP A 44 10.25 -0.68 -4.16
N TRP A 45 8.97 -0.88 -3.82
CA TRP A 45 8.52 -1.24 -2.47
C TRP A 45 7.80 -2.57 -2.55
N PHE A 46 7.82 -3.32 -1.46
CA PHE A 46 7.02 -4.51 -1.29
C PHE A 46 5.76 -4.12 -0.54
N GLY A 47 4.64 -4.76 -0.83
CA GLY A 47 3.39 -4.47 -0.15
C GLY A 47 2.34 -5.52 -0.45
N GLU A 48 1.18 -5.41 0.19
CA GLU A 48 0.04 -6.31 0.08
C GLU A 48 -1.21 -5.52 -0.31
N VAL A 49 -1.97 -6.05 -1.27
CA VAL A 49 -3.36 -5.64 -1.51
C VAL A 49 -4.13 -6.85 -2.04
N HIS A 50 -5.45 -6.87 -1.87
CA HIS A 50 -6.40 -7.85 -2.40
C HIS A 50 -6.30 -9.22 -1.74
N GLY A 51 -5.18 -9.59 -1.12
CA GLY A 51 -4.88 -10.94 -0.71
C GLY A 51 -3.62 -11.47 -1.41
N GLY A 52 -2.84 -10.60 -2.06
CA GLY A 52 -1.52 -10.94 -2.55
C GLY A 52 -0.52 -9.86 -2.18
N ARG A 53 0.76 -10.19 -2.36
CA ARG A 53 1.93 -9.53 -1.83
C ARG A 53 3.02 -9.55 -2.88
N GLY A 54 3.67 -8.42 -3.12
CA GLY A 54 4.72 -8.35 -4.13
C GLY A 54 5.38 -6.99 -4.15
N TRP A 55 6.41 -6.88 -4.97
CA TRP A 55 7.18 -5.69 -5.25
C TRP A 55 6.53 -4.87 -6.33
N PHE A 56 6.77 -3.56 -6.33
CA PHE A 56 6.23 -2.66 -7.35
C PHE A 56 7.10 -1.39 -7.41
N PRO A 57 7.21 -0.71 -8.57
CA PRO A 57 7.87 0.58 -8.65
C PRO A 57 7.07 1.58 -7.81
N LYS A 58 7.66 2.11 -6.74
CA LYS A 58 6.95 3.00 -5.84
C LYS A 58 6.45 4.26 -6.54
N SER A 59 7.04 4.67 -7.66
CA SER A 59 6.62 5.92 -8.30
C SER A 59 5.21 5.77 -8.90
N TYR A 60 4.66 4.55 -8.93
CA TYR A 60 3.28 4.29 -9.32
C TYR A 60 2.31 4.52 -8.16
N VAL A 61 2.77 4.86 -6.95
CA VAL A 61 1.97 4.97 -5.74
C VAL A 61 2.35 6.23 -4.97
N LYS A 62 1.68 6.50 -3.83
CA LYS A 62 2.11 7.55 -2.90
C LYS A 62 1.74 7.20 -1.47
N ILE A 63 2.60 7.56 -0.50
CA ILE A 63 2.36 7.38 0.92
C ILE A 63 1.17 8.23 1.34
N ILE A 64 0.39 7.70 2.29
CA ILE A 64 -0.82 8.31 2.80
C ILE A 64 -0.60 8.58 4.31
N PRO A 65 -1.17 9.67 4.85
CA PRO A 65 -0.87 10.10 6.21
C PRO A 65 -1.51 9.28 7.33
N GLY A 66 -2.69 8.67 7.10
CA GLY A 66 -3.45 7.99 8.14
C GLY A 66 -4.02 9.00 9.13
N SER A 67 -5.26 9.44 8.91
CA SER A 67 -5.84 10.59 9.60
C SER A 67 -7.35 10.45 9.86
N GLU A 68 -7.92 9.26 9.66
CA GLU A 68 -9.33 8.98 9.84
C GLU A 68 -9.70 8.84 11.33
N SER A 69 -10.91 9.28 11.68
CA SER A 69 -11.44 9.30 13.04
C SER A 69 -12.95 9.01 13.09
N GLY A 70 -13.42 7.99 12.36
CA GLY A 70 -14.82 7.55 12.39
C GLY A 70 -14.90 6.03 12.40
N PRO A 71 -15.92 5.43 13.05
CA PRO A 71 -16.00 3.99 13.27
C PRO A 71 -16.28 3.24 11.98
N SER A 72 -15.21 2.73 11.37
CA SER A 72 -15.30 1.87 10.20
C SER A 72 -14.13 0.90 10.14
N SER A 73 -14.19 -0.01 9.18
CA SER A 73 -13.10 -0.89 8.79
C SER A 73 -12.83 -0.53 7.32
N GLY A 74 -11.77 0.24 7.08
CA GLY A 74 -11.36 0.68 5.75
C GLY A 74 -10.28 -0.24 5.21
N GLY A 1 2.54 -5.57 27.53
CA GLY A 1 1.75 -6.35 26.59
C GLY A 1 2.63 -6.89 25.49
N SER A 2 2.20 -8.01 24.91
CA SER A 2 2.89 -8.71 23.83
C SER A 2 2.50 -8.03 22.52
N SER A 3 1.63 -8.60 21.68
CA SER A 3 0.88 -7.78 20.74
C SER A 3 0.06 -6.78 21.55
N GLY A 4 0.25 -5.50 21.26
CA GLY A 4 -0.35 -4.37 21.95
C GLY A 4 -0.01 -3.12 21.15
N SER A 5 -0.46 -1.96 21.63
CA SER A 5 -0.82 -0.82 20.80
C SER A 5 -2.12 -1.12 20.03
N SER A 6 -2.60 -0.09 19.33
CA SER A 6 -3.81 -0.07 18.52
C SER A 6 -3.41 0.66 17.23
N GLY A 7 -4.00 0.32 16.08
CA GLY A 7 -3.64 0.92 14.80
C GLY A 7 -2.15 0.73 14.49
N VAL A 8 -1.76 -0.51 14.16
CA VAL A 8 -0.38 -0.91 13.93
C VAL A 8 -0.39 -1.85 12.74
N GLU A 9 -0.13 -1.33 11.54
CA GLU A 9 -0.36 -2.07 10.30
C GLU A 9 0.61 -1.66 9.20
N ASN A 10 1.75 -1.05 9.56
CA ASN A 10 2.77 -0.58 8.60
C ASN A 10 2.29 0.65 7.82
N LEU A 11 3.11 1.11 6.85
CA LEU A 11 2.77 2.14 5.89
C LEU A 11 1.64 1.62 4.98
N LYS A 12 0.80 2.51 4.46
CA LYS A 12 -0.15 2.26 3.36
C LYS A 12 0.16 3.37 2.35
N ALA A 13 0.15 3.04 1.06
CA ALA A 13 0.39 3.97 -0.04
C ALA A 13 -0.67 3.75 -1.11
N GLN A 14 -1.37 4.80 -1.54
CA GLN A 14 -2.48 4.67 -2.47
C GLN A 14 -1.87 4.63 -3.87
N ALA A 15 -2.17 3.55 -4.61
CA ALA A 15 -1.81 3.42 -6.01
C ALA A 15 -2.43 4.53 -6.86
N LEU A 16 -1.68 5.04 -7.83
CA LEU A 16 -2.06 6.19 -8.64
C LEU A 16 -2.64 5.78 -10.00
N CYS A 17 -2.52 4.52 -10.40
CA CYS A 17 -2.93 4.02 -11.71
C CYS A 17 -3.13 2.50 -11.62
N SER A 18 -3.69 1.90 -12.66
CA SER A 18 -3.80 0.45 -12.78
C SER A 18 -2.45 -0.14 -13.23
N TRP A 19 -2.09 -1.31 -12.69
CA TRP A 19 -0.92 -2.06 -13.12
C TRP A 19 -1.14 -3.54 -12.82
N THR A 20 -0.79 -4.38 -13.78
CA THR A 20 -0.77 -5.83 -13.69
C THR A 20 0.47 -6.25 -12.88
N ALA A 21 0.56 -7.49 -12.39
CA ALA A 21 1.79 -7.98 -11.78
C ALA A 21 2.82 -8.33 -12.85
N LYS A 22 2.47 -9.06 -13.91
CA LYS A 22 3.38 -9.67 -14.90
C LYS A 22 4.15 -10.83 -14.28
N LYS A 23 5.12 -10.55 -13.40
CA LYS A 23 5.88 -11.58 -12.69
C LYS A 23 5.03 -12.15 -11.57
N ASP A 24 5.50 -13.23 -10.93
CA ASP A 24 4.89 -13.71 -9.69
C ASP A 24 5.17 -12.72 -8.58
N ASN A 25 6.43 -12.32 -8.43
CA ASN A 25 6.90 -11.56 -7.27
C ASN A 25 6.46 -10.10 -7.29
N HIS A 26 5.61 -9.67 -8.23
CA HIS A 26 5.14 -8.29 -8.33
C HIS A 26 3.74 -8.18 -7.74
N LEU A 27 3.42 -7.00 -7.22
CA LEU A 27 2.09 -6.66 -6.73
C LEU A 27 1.25 -6.25 -7.95
N ASN A 28 -0.08 -6.41 -7.92
CA ASN A 28 -1.00 -5.86 -8.93
C ASN A 28 -2.04 -5.01 -8.20
N PHE A 29 -2.38 -3.84 -8.75
CA PHE A 29 -3.38 -2.96 -8.17
C PHE A 29 -4.13 -2.22 -9.28
N SER A 30 -5.10 -1.42 -8.89
CA SER A 30 -5.84 -0.52 -9.75
C SER A 30 -5.73 0.93 -9.26
N LYS A 31 -6.26 1.85 -10.07
CA LYS A 31 -6.14 3.29 -9.81
C LYS A 31 -6.93 3.65 -8.56
N HIS A 32 -6.24 4.24 -7.59
CA HIS A 32 -6.71 4.74 -6.31
C HIS A 32 -6.84 3.62 -5.26
N ASP A 33 -6.38 2.40 -5.56
CA ASP A 33 -6.41 1.28 -4.62
C ASP A 33 -5.43 1.54 -3.47
N ILE A 34 -5.60 0.83 -2.35
CA ILE A 34 -4.84 1.03 -1.12
C ILE A 34 -4.06 -0.25 -0.86
N ILE A 35 -2.74 -0.16 -0.69
CA ILE A 35 -1.90 -1.32 -0.54
C ILE A 35 -1.10 -1.11 0.74
N THR A 36 -1.01 -2.16 1.54
CA THR A 36 -0.21 -2.23 2.74
C THR A 36 1.23 -2.25 2.27
N VAL A 37 1.97 -1.18 2.50
CA VAL A 37 3.39 -1.15 2.24
C VAL A 37 4.07 -1.95 3.35
N LEU A 38 5.17 -2.63 3.02
CA LEU A 38 5.91 -3.45 3.97
C LEU A 38 7.39 -3.10 3.84
N GLU A 39 8.04 -3.52 2.75
CA GLU A 39 9.49 -3.40 2.56
C GLU A 39 9.76 -2.31 1.53
N GLN A 40 10.93 -1.67 1.53
CA GLN A 40 11.27 -0.58 0.62
C GLN A 40 12.74 -0.73 0.18
N GLN A 41 12.97 -1.10 -1.08
CA GLN A 41 14.25 -1.01 -1.77
C GLN A 41 14.47 0.41 -2.27
N GLU A 42 15.51 0.56 -3.10
CA GLU A 42 15.94 1.69 -3.90
C GLU A 42 14.81 2.47 -4.58
N ASN A 43 13.69 1.79 -4.87
CA ASN A 43 12.49 2.34 -5.49
C ASN A 43 11.33 1.35 -5.43
N TRP A 44 11.63 0.08 -5.65
CA TRP A 44 10.67 -1.01 -5.56
C TRP A 44 10.31 -1.18 -4.10
N TRP A 45 9.03 -1.22 -3.72
CA TRP A 45 8.59 -1.52 -2.37
C TRP A 45 7.80 -2.82 -2.44
N PHE A 46 7.83 -3.60 -1.38
CA PHE A 46 7.02 -4.80 -1.23
C PHE A 46 5.79 -4.37 -0.46
N GLY A 47 4.65 -5.01 -0.74
CA GLY A 47 3.41 -4.68 -0.09
C GLY A 47 2.36 -5.71 -0.42
N GLU A 48 1.16 -5.54 0.13
CA GLU A 48 0.10 -6.52 0.13
C GLU A 48 -1.26 -5.86 -0.09
N VAL A 49 -2.00 -6.33 -1.11
CA VAL A 49 -3.39 -5.94 -1.36
C VAL A 49 -4.15 -7.11 -1.97
N HIS A 50 -5.47 -7.17 -1.72
CA HIS A 50 -6.39 -8.24 -2.09
C HIS A 50 -5.78 -9.62 -1.83
N GLY A 51 -5.29 -9.84 -0.60
CA GLY A 51 -4.80 -11.15 -0.18
C GLY A 51 -3.64 -11.64 -1.05
N GLY A 52 -2.85 -10.74 -1.64
CA GLY A 52 -1.64 -11.09 -2.34
C GLY A 52 -0.57 -10.03 -2.09
N ARG A 53 0.68 -10.41 -2.28
CA ARG A 53 1.88 -9.63 -2.01
C ARG A 53 2.72 -9.52 -3.26
N GLY A 54 3.67 -8.60 -3.25
CA GLY A 54 4.65 -8.48 -4.31
C GLY A 54 5.33 -7.13 -4.26
N TRP A 55 6.30 -6.95 -5.16
CA TRP A 55 7.09 -5.74 -5.32
C TRP A 55 6.44 -4.80 -6.33
N PHE A 56 6.70 -3.49 -6.21
CA PHE A 56 6.17 -2.50 -7.15
C PHE A 56 7.01 -1.21 -7.08
N PRO A 57 7.29 -0.50 -8.19
CA PRO A 57 8.03 0.76 -8.15
C PRO A 57 7.20 1.87 -7.48
N LYS A 58 7.77 2.65 -6.57
CA LYS A 58 7.00 3.68 -5.86
C LYS A 58 6.57 4.82 -6.76
N SER A 59 7.17 4.92 -7.94
CA SER A 59 6.80 5.86 -8.98
C SER A 59 5.32 5.66 -9.36
N TYR A 60 4.71 4.53 -8.98
CA TYR A 60 3.32 4.21 -9.26
C TYR A 60 2.37 4.64 -8.12
N VAL A 61 2.84 5.04 -6.93
CA VAL A 61 1.98 5.20 -5.76
C VAL A 61 2.19 6.57 -5.07
N LYS A 62 1.43 6.88 -4.02
CA LYS A 62 1.78 7.95 -3.07
C LYS A 62 1.66 7.40 -1.66
N ILE A 63 2.60 7.73 -0.76
CA ILE A 63 2.44 7.48 0.67
C ILE A 63 1.26 8.34 1.15
N ILE A 64 0.60 7.88 2.22
CA ILE A 64 -0.57 8.53 2.80
C ILE A 64 -0.31 8.69 4.31
N PRO A 65 -0.77 9.79 4.92
CA PRO A 65 -0.71 10.05 6.36
C PRO A 65 -1.90 9.49 7.12
N GLY A 66 -2.80 8.75 6.47
CA GLY A 66 -3.91 8.04 7.10
C GLY A 66 -3.65 6.54 7.07
N SER A 67 -2.44 6.13 7.44
CA SER A 67 -1.96 4.76 7.52
C SER A 67 -2.44 4.09 8.83
N GLU A 68 -3.77 4.05 8.99
CA GLU A 68 -4.44 3.32 10.08
C GLU A 68 -5.79 2.80 9.56
N SER A 69 -6.34 1.78 10.22
CA SER A 69 -7.70 1.28 10.10
C SER A 69 -8.73 2.36 10.46
N GLY A 70 -10.01 2.07 10.23
CA GLY A 70 -11.13 2.85 10.74
C GLY A 70 -12.32 1.92 10.96
N PRO A 71 -12.28 1.04 11.96
CA PRO A 71 -13.29 0.01 12.18
C PRO A 71 -14.56 0.63 12.79
N SER A 72 -15.37 1.26 11.94
CA SER A 72 -16.63 1.88 12.27
C SER A 72 -17.63 1.40 11.22
N SER A 73 -18.59 0.57 11.63
CA SER A 73 -19.77 0.28 10.84
C SER A 73 -20.75 1.40 11.17
N GLY A 74 -20.76 2.43 10.33
CA GLY A 74 -21.70 3.53 10.44
C GLY A 74 -23.11 2.97 10.35
N GLY A 1 -4.10 11.08 12.52
CA GLY A 1 -4.25 11.64 13.87
C GLY A 1 -4.42 10.50 14.87
N SER A 2 -5.37 10.61 15.81
CA SER A 2 -5.81 9.63 16.80
C SER A 2 -4.86 8.45 17.01
N SER A 3 -4.05 8.48 18.07
CA SER A 3 -3.12 7.40 18.40
C SER A 3 -3.37 6.89 19.83
N GLY A 4 -4.23 5.87 19.93
CA GLY A 4 -4.17 4.90 21.01
C GLY A 4 -3.14 3.83 20.65
N SER A 5 -3.10 2.73 21.43
CA SER A 5 -2.15 1.65 21.28
C SER A 5 -2.34 0.92 19.93
N SER A 6 -3.09 -0.19 19.90
CA SER A 6 -3.44 -0.86 18.66
C SER A 6 -4.57 -0.13 17.96
N GLY A 7 -4.21 0.88 17.18
CA GLY A 7 -4.99 1.39 16.06
C GLY A 7 -4.03 1.76 14.93
N VAL A 8 -2.92 1.03 14.82
CA VAL A 8 -1.82 1.30 13.89
C VAL A 8 -1.57 0.05 13.05
N GLU A 9 -0.73 0.16 12.03
CA GLU A 9 -0.33 -0.94 11.18
C GLU A 9 1.05 -0.61 10.59
N ASN A 10 1.45 -1.35 9.56
CA ASN A 10 2.53 -0.97 8.65
C ASN A 10 2.13 0.29 7.85
N LEU A 11 3.01 0.76 6.97
CA LEU A 11 2.78 1.88 6.08
C LEU A 11 1.65 1.51 5.11
N LYS A 12 0.85 2.47 4.63
CA LYS A 12 -0.02 2.29 3.47
C LYS A 12 0.39 3.29 2.40
N ALA A 13 0.19 2.92 1.15
CA ALA A 13 0.36 3.79 0.01
C ALA A 13 -0.78 3.55 -0.95
N GLN A 14 -1.41 4.62 -1.44
CA GLN A 14 -2.42 4.55 -2.46
C GLN A 14 -1.73 4.51 -3.83
N ALA A 15 -2.11 3.58 -4.71
CA ALA A 15 -1.65 3.56 -6.08
C ALA A 15 -2.19 4.75 -6.88
N LEU A 16 -1.35 5.28 -7.78
CA LEU A 16 -1.61 6.41 -8.65
C LEU A 16 -2.05 5.97 -10.05
N CYS A 17 -1.80 4.72 -10.45
CA CYS A 17 -2.34 4.16 -11.68
C CYS A 17 -2.43 2.65 -11.55
N SER A 18 -3.14 2.01 -12.47
CA SER A 18 -3.35 0.57 -12.51
C SER A 18 -2.10 -0.12 -13.06
N TRP A 19 -1.80 -1.36 -12.64
CA TRP A 19 -0.69 -2.14 -13.18
C TRP A 19 -0.92 -3.63 -12.89
N THR A 20 -0.54 -4.50 -13.83
CA THR A 20 -0.63 -5.95 -13.70
C THR A 20 0.76 -6.51 -13.40
N ALA A 21 0.82 -7.55 -12.56
CA ALA A 21 2.01 -8.04 -11.90
C ALA A 21 3.11 -8.39 -12.91
N LYS A 22 2.83 -9.22 -13.91
CA LYS A 22 3.79 -9.65 -14.96
C LYS A 22 4.91 -10.55 -14.46
N LYS A 23 5.20 -10.64 -13.15
CA LYS A 23 6.04 -11.66 -12.56
C LYS A 23 5.31 -12.34 -11.42
N ASP A 24 5.91 -13.42 -10.93
CA ASP A 24 5.55 -14.14 -9.71
C ASP A 24 5.65 -13.23 -8.48
N ASN A 25 6.72 -12.43 -8.39
CA ASN A 25 7.10 -11.70 -7.18
C ASN A 25 6.63 -10.25 -7.18
N HIS A 26 5.91 -9.79 -8.21
CA HIS A 26 5.37 -8.44 -8.27
C HIS A 26 3.95 -8.40 -7.69
N LEU A 27 3.48 -7.19 -7.40
CA LEU A 27 2.13 -6.88 -6.94
C LEU A 27 1.28 -6.49 -8.16
N ASN A 28 -0.05 -6.59 -8.05
CA ASN A 28 -1.04 -6.21 -9.06
C ASN A 28 -2.11 -5.35 -8.38
N PHE A 29 -2.32 -4.12 -8.86
CA PHE A 29 -3.31 -3.18 -8.34
C PHE A 29 -4.01 -2.47 -9.50
N SER A 30 -5.01 -1.67 -9.15
CA SER A 30 -5.66 -0.69 -9.98
C SER A 30 -5.45 0.73 -9.43
N LYS A 31 -6.06 1.73 -10.06
CA LYS A 31 -5.85 3.15 -9.77
C LYS A 31 -6.64 3.56 -8.54
N HIS A 32 -5.97 4.30 -7.65
CA HIS A 32 -6.44 4.72 -6.34
C HIS A 32 -6.68 3.56 -5.37
N ASP A 33 -6.27 2.34 -5.72
CA ASP A 33 -6.26 1.18 -4.83
C ASP A 33 -5.33 1.49 -3.65
N ILE A 34 -5.49 0.78 -2.54
CA ILE A 34 -4.74 1.05 -1.31
C ILE A 34 -3.97 -0.22 -1.01
N ILE A 35 -2.66 -0.11 -0.84
CA ILE A 35 -1.80 -1.26 -0.65
C ILE A 35 -1.12 -1.06 0.70
N THR A 36 -1.13 -2.12 1.52
CA THR A 36 -0.37 -2.18 2.75
C THR A 36 1.07 -2.30 2.31
N VAL A 37 1.87 -1.27 2.56
CA VAL A 37 3.28 -1.26 2.28
C VAL A 37 3.99 -2.02 3.39
N LEU A 38 5.12 -2.63 3.06
CA LEU A 38 5.86 -3.47 3.98
C LEU A 38 7.37 -3.19 3.92
N GLU A 39 7.92 -2.78 2.77
CA GLU A 39 9.38 -2.72 2.60
C GLU A 39 9.78 -1.73 1.49
N GLN A 40 11.02 -1.22 1.49
CA GLN A 40 11.50 -0.21 0.56
C GLN A 40 12.92 -0.53 0.05
N GLN A 41 13.04 -1.05 -1.17
CA GLN A 41 14.31 -1.16 -1.91
C GLN A 41 14.58 0.18 -2.61
N GLU A 42 15.57 0.23 -3.51
CA GLU A 42 16.08 1.46 -4.15
C GLU A 42 14.96 2.34 -4.72
N ASN A 43 13.99 1.72 -5.38
CA ASN A 43 12.84 2.34 -6.02
C ASN A 43 11.62 1.43 -5.97
N TRP A 44 11.80 0.13 -5.74
CA TRP A 44 10.72 -0.84 -5.67
C TRP A 44 10.33 -0.98 -4.21
N TRP A 45 9.03 -1.10 -3.92
CA TRP A 45 8.49 -1.30 -2.59
C TRP A 45 7.74 -2.62 -2.58
N PHE A 46 7.73 -3.28 -1.43
CA PHE A 46 6.97 -4.50 -1.23
C PHE A 46 5.68 -4.09 -0.53
N GLY A 47 4.58 -4.77 -0.85
CA GLY A 47 3.32 -4.50 -0.21
C GLY A 47 2.27 -5.51 -0.64
N GLU A 48 1.07 -5.33 -0.11
CA GLU A 48 0.00 -6.31 -0.06
C GLU A 48 -1.35 -5.66 -0.34
N VAL A 49 -2.02 -6.13 -1.39
CA VAL A 49 -3.39 -5.74 -1.74
C VAL A 49 -4.05 -6.94 -2.45
N HIS A 50 -5.38 -7.02 -2.45
CA HIS A 50 -6.12 -8.06 -3.19
C HIS A 50 -5.83 -9.46 -2.65
N GLY A 51 -5.50 -9.54 -1.35
CA GLY A 51 -5.14 -10.79 -0.70
C GLY A 51 -3.81 -11.33 -1.20
N GLY A 52 -2.99 -10.55 -1.90
CA GLY A 52 -1.69 -10.95 -2.42
C GLY A 52 -0.61 -9.94 -2.06
N ARG A 53 0.65 -10.35 -2.13
CA ARG A 53 1.86 -9.59 -1.81
C ARG A 53 2.78 -9.59 -3.01
N GLY A 54 3.64 -8.59 -3.12
CA GLY A 54 4.63 -8.51 -4.17
C GLY A 54 5.31 -7.15 -4.22
N TRP A 55 6.31 -7.03 -5.08
CA TRP A 55 7.06 -5.80 -5.32
C TRP A 55 6.38 -4.92 -6.35
N PHE A 56 6.59 -3.61 -6.28
CA PHE A 56 6.08 -2.68 -7.29
C PHE A 56 6.99 -1.45 -7.38
N PRO A 57 7.11 -0.76 -8.53
CA PRO A 57 7.86 0.50 -8.58
C PRO A 57 7.12 1.52 -7.73
N LYS A 58 7.75 2.10 -6.71
CA LYS A 58 7.09 3.03 -5.80
C LYS A 58 6.56 4.25 -6.53
N SER A 59 7.13 4.59 -7.69
CA SER A 59 6.80 5.81 -8.36
C SER A 59 5.31 5.80 -8.76
N TYR A 60 4.72 4.60 -8.83
CA TYR A 60 3.34 4.32 -9.19
C TYR A 60 2.40 4.55 -8.01
N VAL A 61 2.88 4.93 -6.82
CA VAL A 61 2.07 5.05 -5.62
C VAL A 61 2.35 6.39 -4.91
N LYS A 62 1.61 6.69 -3.85
CA LYS A 62 1.85 7.78 -2.90
C LYS A 62 1.71 7.23 -1.49
N ILE A 63 2.63 7.52 -0.58
CA ILE A 63 2.43 7.25 0.84
C ILE A 63 1.23 8.08 1.30
N ILE A 64 0.55 7.60 2.34
CA ILE A 64 -0.61 8.26 2.90
C ILE A 64 -0.35 8.54 4.40
N PRO A 65 -0.82 9.66 4.94
CA PRO A 65 -0.65 10.02 6.34
C PRO A 65 -1.76 9.43 7.22
N GLY A 66 -1.95 8.12 7.08
CA GLY A 66 -3.13 7.40 7.54
C GLY A 66 -4.14 7.34 6.40
N SER A 67 -4.59 6.14 6.03
CA SER A 67 -5.59 5.96 4.97
C SER A 67 -6.91 6.64 5.36
N GLU A 68 -7.30 6.61 6.64
CA GLU A 68 -8.49 7.26 7.19
C GLU A 68 -9.83 6.68 6.69
N SER A 69 -9.79 5.77 5.72
CA SER A 69 -10.90 5.10 5.07
C SER A 69 -10.45 3.65 4.82
N GLY A 70 -11.38 2.77 4.48
CA GLY A 70 -11.11 1.43 3.98
C GLY A 70 -12.17 0.44 4.46
N PRO A 71 -12.42 -0.65 3.71
CA PRO A 71 -13.43 -1.66 4.04
C PRO A 71 -12.91 -2.63 5.11
N SER A 72 -12.53 -2.12 6.27
CA SER A 72 -12.06 -2.92 7.37
C SER A 72 -12.46 -2.26 8.68
N SER A 73 -12.48 -3.08 9.74
CA SER A 73 -12.43 -2.64 11.11
C SER A 73 -11.00 -2.15 11.43
N GLY A 74 -10.72 -1.87 12.69
CA GLY A 74 -9.40 -1.52 13.17
C GLY A 74 -9.46 -1.53 14.68
N GLY A 1 -14.67 -2.60 14.01
CA GLY A 1 -15.09 -3.87 14.60
C GLY A 1 -14.03 -4.42 15.52
N SER A 2 -14.17 -5.70 15.87
CA SER A 2 -13.42 -6.39 16.91
C SER A 2 -13.46 -5.62 18.25
N SER A 3 -12.66 -6.03 19.23
CA SER A 3 -12.29 -5.17 20.34
C SER A 3 -11.15 -4.26 19.85
N GLY A 4 -9.91 -4.75 19.84
CA GLY A 4 -8.75 -4.01 19.41
C GLY A 4 -7.64 -4.99 19.00
N SER A 5 -6.44 -4.79 19.55
CA SER A 5 -5.19 -5.47 19.19
C SER A 5 -4.65 -5.02 17.84
N SER A 6 -3.41 -4.54 17.82
CA SER A 6 -2.71 -3.98 16.68
C SER A 6 -3.65 -3.14 15.81
N GLY A 7 -4.14 -2.05 16.40
CA GLY A 7 -4.93 -1.03 15.73
C GLY A 7 -4.04 -0.04 14.98
N VAL A 8 -2.76 0.08 15.35
CA VAL A 8 -1.74 0.60 14.46
C VAL A 8 -1.61 -0.36 13.27
N GLU A 9 -1.00 0.09 12.17
CA GLU A 9 -0.61 -0.81 11.10
C GLU A 9 0.67 -0.28 10.47
N ASN A 10 1.21 -1.08 9.56
CA ASN A 10 2.27 -0.73 8.61
C ASN A 10 1.87 0.50 7.77
N LEU A 11 2.82 1.00 6.98
CA LEU A 11 2.62 2.10 6.05
C LEU A 11 1.61 1.64 5.00
N LYS A 12 0.76 2.54 4.49
CA LYS A 12 -0.03 2.29 3.29
C LYS A 12 0.30 3.35 2.26
N ALA A 13 0.23 2.97 0.99
CA ALA A 13 0.40 3.86 -0.13
C ALA A 13 -0.74 3.59 -1.12
N GLN A 14 -1.36 4.67 -1.60
CA GLN A 14 -2.42 4.62 -2.58
C GLN A 14 -1.76 4.53 -3.95
N ALA A 15 -2.06 3.51 -4.73
CA ALA A 15 -1.68 3.43 -6.13
C ALA A 15 -2.29 4.59 -6.92
N LEU A 16 -1.57 5.13 -7.90
CA LEU A 16 -2.00 6.27 -8.71
C LEU A 16 -2.43 5.84 -10.11
N CYS A 17 -2.09 4.62 -10.52
CA CYS A 17 -2.42 4.01 -11.80
C CYS A 17 -2.53 2.51 -11.54
N SER A 18 -3.34 1.83 -12.34
CA SER A 18 -3.45 0.37 -12.38
C SER A 18 -2.13 -0.20 -12.92
N TRP A 19 -1.66 -1.34 -12.42
CA TRP A 19 -0.50 -2.05 -12.96
C TRP A 19 -0.51 -3.52 -12.52
N THR A 20 0.18 -4.39 -13.26
CA THR A 20 0.07 -5.84 -13.20
C THR A 20 1.43 -6.48 -12.90
N ALA A 21 1.41 -7.67 -12.30
CA ALA A 21 2.62 -8.39 -11.95
C ALA A 21 3.29 -8.91 -13.22
N LYS A 22 4.60 -9.11 -13.17
CA LYS A 22 5.43 -9.43 -14.33
C LYS A 22 6.37 -10.57 -13.95
N LYS A 23 7.22 -10.40 -12.93
CA LYS A 23 7.80 -11.54 -12.23
C LYS A 23 6.77 -12.06 -11.23
N ASP A 24 6.97 -13.28 -10.74
CA ASP A 24 6.10 -13.95 -9.78
C ASP A 24 6.07 -13.23 -8.42
N ASN A 25 7.10 -12.43 -8.13
CA ASN A 25 7.26 -11.67 -6.90
C ASN A 25 6.77 -10.22 -7.03
N HIS A 26 6.07 -9.85 -8.10
CA HIS A 26 5.48 -8.51 -8.23
C HIS A 26 4.08 -8.47 -7.63
N LEU A 27 3.64 -7.27 -7.22
CA LEU A 27 2.27 -6.95 -6.82
C LEU A 27 1.46 -6.65 -8.09
N ASN A 28 0.13 -6.71 -8.02
CA ASN A 28 -0.78 -6.21 -9.05
C ASN A 28 -1.95 -5.47 -8.41
N PHE A 29 -2.13 -4.19 -8.77
CA PHE A 29 -3.15 -3.28 -8.21
C PHE A 29 -3.83 -2.48 -9.30
N SER A 30 -4.82 -1.69 -8.87
CA SER A 30 -5.63 -0.81 -9.67
C SER A 30 -5.55 0.66 -9.20
N LYS A 31 -6.18 1.54 -9.98
CA LYS A 31 -6.10 2.99 -9.82
C LYS A 31 -6.82 3.43 -8.55
N HIS A 32 -6.06 3.97 -7.61
CA HIS A 32 -6.45 4.43 -6.29
C HIS A 32 -6.64 3.29 -5.29
N ASP A 33 -6.15 2.08 -5.60
CA ASP A 33 -6.11 1.01 -4.61
C ASP A 33 -5.20 1.42 -3.46
N ILE A 34 -5.37 0.78 -2.30
CA ILE A 34 -4.65 1.10 -1.08
C ILE A 34 -3.90 -0.16 -0.71
N ILE A 35 -2.57 -0.08 -0.64
CA ILE A 35 -1.72 -1.26 -0.49
C ILE A 35 -0.96 -1.11 0.83
N THR A 36 -0.95 -2.18 1.62
CA THR A 36 -0.21 -2.35 2.86
C THR A 36 1.26 -2.45 2.47
N VAL A 37 2.03 -1.40 2.72
CA VAL A 37 3.45 -1.31 2.43
C VAL A 37 4.20 -2.06 3.50
N LEU A 38 5.23 -2.79 3.13
CA LEU A 38 5.93 -3.67 4.03
C LEU A 38 7.41 -3.35 3.92
N GLU A 39 8.05 -3.74 2.83
CA GLU A 39 9.50 -3.64 2.61
C GLU A 39 9.74 -2.51 1.61
N GLN A 40 10.88 -1.81 1.66
CA GLN A 40 11.14 -0.66 0.79
C GLN A 40 12.61 -0.67 0.36
N GLN A 41 12.88 -1.08 -0.89
CA GLN A 41 14.17 -0.97 -1.56
C GLN A 41 14.33 0.46 -2.11
N GLU A 42 15.36 0.71 -2.93
CA GLU A 42 15.74 2.03 -3.46
C GLU A 42 14.56 2.79 -4.04
N ASN A 43 13.77 2.15 -4.90
CA ASN A 43 12.63 2.74 -5.59
C ASN A 43 11.49 1.75 -5.76
N TRP A 44 11.69 0.49 -5.35
CA TRP A 44 10.70 -0.56 -5.41
C TRP A 44 10.27 -0.85 -4.00
N TRP A 45 8.97 -1.01 -3.74
CA TRP A 45 8.39 -1.26 -2.44
C TRP A 45 7.64 -2.59 -2.53
N PHE A 46 7.66 -3.35 -1.45
CA PHE A 46 6.91 -4.58 -1.30
C PHE A 46 5.64 -4.19 -0.57
N GLY A 47 4.51 -4.76 -0.94
CA GLY A 47 3.30 -4.54 -0.21
C GLY A 47 2.25 -5.58 -0.55
N GLU A 48 1.10 -5.50 0.13
CA GLU A 48 0.02 -6.44 0.03
C GLU A 48 -1.29 -5.67 -0.13
N VAL A 49 -2.09 -6.07 -1.11
CA VAL A 49 -3.45 -5.62 -1.31
C VAL A 49 -4.19 -6.81 -1.91
N HIS A 50 -5.46 -6.99 -1.56
CA HIS A 50 -6.32 -8.10 -2.01
C HIS A 50 -5.78 -9.52 -1.74
N GLY A 51 -4.61 -9.66 -1.09
CA GLY A 51 -3.94 -10.94 -0.86
C GLY A 51 -2.54 -11.01 -1.45
N GLY A 52 -2.13 -10.04 -2.25
CA GLY A 52 -0.96 -10.10 -3.11
C GLY A 52 0.34 -10.53 -2.42
N ARG A 53 0.95 -9.63 -1.64
CA ARG A 53 2.37 -9.63 -1.26
C ARG A 53 3.28 -9.68 -2.51
N GLY A 54 3.78 -8.53 -2.94
CA GLY A 54 4.69 -8.44 -4.07
C GLY A 54 5.35 -7.06 -4.16
N TRP A 55 6.38 -6.97 -5.00
CA TRP A 55 7.17 -5.77 -5.26
C TRP A 55 6.54 -4.92 -6.35
N PHE A 56 6.73 -3.60 -6.30
CA PHE A 56 6.20 -2.68 -7.30
C PHE A 56 7.01 -1.38 -7.30
N PRO A 57 7.01 -0.59 -8.40
CA PRO A 57 7.72 0.68 -8.47
C PRO A 57 6.96 1.73 -7.66
N LYS A 58 7.60 2.35 -6.68
CA LYS A 58 6.94 3.39 -5.89
C LYS A 58 6.51 4.60 -6.73
N SER A 59 7.12 4.79 -7.90
CA SER A 59 6.78 5.93 -8.75
C SER A 59 5.31 5.88 -9.18
N TYR A 60 4.66 4.72 -9.13
CA TYR A 60 3.26 4.52 -9.47
C TYR A 60 2.32 4.83 -8.30
N VAL A 61 2.81 5.18 -7.11
CA VAL A 61 1.98 5.25 -5.89
C VAL A 61 2.22 6.58 -5.16
N LYS A 62 1.53 6.81 -4.04
CA LYS A 62 1.85 7.87 -3.08
C LYS A 62 1.72 7.33 -1.66
N ILE A 63 2.63 7.69 -0.75
CA ILE A 63 2.40 7.51 0.68
C ILE A 63 1.20 8.38 1.07
N ILE A 64 0.44 7.87 2.03
CA ILE A 64 -0.76 8.48 2.58
C ILE A 64 -0.49 8.77 4.05
N PRO A 65 -1.12 9.79 4.64
CA PRO A 65 -1.09 10.01 6.08
C PRO A 65 -1.96 9.01 6.85
N GLY A 66 -3.02 8.48 6.23
CA GLY A 66 -4.02 7.62 6.86
C GLY A 66 -5.27 7.59 5.98
N SER A 67 -6.42 7.16 6.50
CA SER A 67 -7.70 7.38 5.81
C SER A 67 -8.09 8.85 5.83
N GLU A 68 -7.57 9.63 6.80
CA GLU A 68 -7.94 11.00 7.08
C GLU A 68 -6.74 11.90 6.85
N SER A 69 -6.99 13.16 6.53
CA SER A 69 -6.01 14.23 6.52
C SER A 69 -6.60 15.30 7.42
N GLY A 70 -7.36 16.25 6.88
CA GLY A 70 -8.23 17.11 7.68
C GLY A 70 -9.64 16.52 7.73
N PRO A 71 -10.52 17.09 8.57
CA PRO A 71 -11.96 17.07 8.34
C PRO A 71 -12.32 18.10 7.25
N SER A 72 -13.60 18.25 6.95
CA SER A 72 -14.14 19.33 6.14
C SER A 72 -15.56 19.62 6.62
N SER A 73 -16.06 20.83 6.33
CA SER A 73 -17.44 21.22 6.55
C SER A 73 -17.92 22.03 5.35
N GLY A 74 -19.22 21.98 5.09
CA GLY A 74 -19.94 23.14 4.61
C GLY A 74 -20.43 23.82 5.85
N GLY A 1 -4.06 -13.30 12.35
CA GLY A 1 -4.73 -14.32 11.55
C GLY A 1 -5.63 -13.66 10.52
N SER A 2 -6.94 -13.82 10.66
CA SER A 2 -7.92 -13.05 9.89
C SER A 2 -7.78 -11.56 10.18
N SER A 3 -8.28 -10.72 9.27
CA SER A 3 -8.29 -9.28 9.42
C SER A 3 -9.47 -8.74 8.61
N GLY A 4 -10.28 -7.85 9.17
CA GLY A 4 -11.27 -7.05 8.47
C GLY A 4 -11.78 -5.95 9.41
N SER A 5 -12.20 -4.81 8.83
CA SER A 5 -12.57 -3.60 9.56
C SER A 5 -11.43 -3.11 10.48
N SER A 6 -10.22 -3.03 9.94
CA SER A 6 -9.06 -2.40 10.55
C SER A 6 -8.03 -2.16 9.45
N GLY A 7 -8.08 -1.02 8.75
CA GLY A 7 -7.21 -0.74 7.63
C GLY A 7 -5.85 -0.16 8.03
N VAL A 8 -5.39 -0.42 9.25
CA VAL A 8 -4.23 0.26 9.84
C VAL A 8 -2.94 -0.55 9.61
N GLU A 9 -1.86 -0.09 10.26
CA GLU A 9 -0.57 -0.75 10.47
C GLU A 9 0.29 -0.72 9.20
N ASN A 10 1.60 -0.81 9.41
CA ASN A 10 2.68 -0.66 8.44
C ASN A 10 2.65 0.73 7.79
N LEU A 11 3.42 0.95 6.73
CA LEU A 11 3.16 2.05 5.81
C LEU A 11 1.97 1.63 4.93
N LYS A 12 1.12 2.56 4.49
CA LYS A 12 0.21 2.34 3.37
C LYS A 12 0.53 3.36 2.29
N ALA A 13 0.31 3.00 1.03
CA ALA A 13 0.43 3.89 -0.10
C ALA A 13 -0.75 3.63 -1.02
N GLN A 14 -1.41 4.69 -1.48
CA GLN A 14 -2.47 4.61 -2.47
C GLN A 14 -1.83 4.60 -3.86
N ALA A 15 -2.17 3.63 -4.72
CA ALA A 15 -1.73 3.55 -6.10
C ALA A 15 -2.25 4.71 -6.95
N LEU A 16 -1.47 5.06 -7.97
CA LEU A 16 -1.70 6.19 -8.88
C LEU A 16 -1.98 5.73 -10.31
N CYS A 17 -1.83 4.44 -10.62
CA CYS A 17 -2.11 3.85 -11.92
C CYS A 17 -2.57 2.41 -11.67
N SER A 18 -3.29 1.79 -12.60
CA SER A 18 -3.55 0.36 -12.60
C SER A 18 -2.33 -0.33 -13.22
N TRP A 19 -1.68 -1.26 -12.50
CA TRP A 19 -0.52 -1.98 -13.02
C TRP A 19 -0.57 -3.45 -12.59
N THR A 20 0.09 -4.31 -13.36
CA THR A 20 -0.39 -5.67 -13.63
C THR A 20 0.66 -6.74 -13.39
N ALA A 21 1.67 -6.40 -12.60
CA ALA A 21 2.90 -7.15 -12.44
C ALA A 21 3.67 -7.37 -13.75
N LYS A 22 4.92 -7.80 -13.62
CA LYS A 22 5.87 -7.94 -14.73
C LYS A 22 6.94 -9.00 -14.48
N LYS A 23 7.37 -9.22 -13.24
CA LYS A 23 7.98 -10.47 -12.84
C LYS A 23 7.00 -11.14 -11.90
N ASP A 24 7.24 -12.41 -11.68
CA ASP A 24 6.53 -13.38 -10.84
C ASP A 24 6.60 -13.03 -9.35
N ASN A 25 7.10 -11.84 -8.99
CA ASN A 25 7.29 -11.32 -7.64
C ASN A 25 6.62 -9.95 -7.50
N HIS A 26 5.90 -9.45 -8.51
CA HIS A 26 5.37 -8.08 -8.49
C HIS A 26 3.90 -8.06 -8.06
N LEU A 27 3.48 -6.94 -7.48
CA LEU A 27 2.13 -6.69 -6.99
C LEU A 27 1.25 -6.21 -8.17
N ASN A 28 -0.05 -6.47 -8.11
CA ASN A 28 -1.06 -6.07 -9.11
C ASN A 28 -2.07 -5.17 -8.41
N PHE A 29 -2.27 -3.94 -8.87
CA PHE A 29 -3.27 -3.01 -8.33
C PHE A 29 -4.00 -2.29 -9.44
N SER A 30 -5.11 -1.66 -9.09
CA SER A 30 -5.83 -0.68 -9.87
C SER A 30 -5.45 0.74 -9.42
N LYS A 31 -5.91 1.73 -10.18
CA LYS A 31 -5.72 3.14 -9.84
C LYS A 31 -6.53 3.47 -8.59
N HIS A 32 -5.87 4.10 -7.62
CA HIS A 32 -6.38 4.59 -6.36
C HIS A 32 -6.57 3.48 -5.31
N ASP A 33 -6.14 2.25 -5.61
CA ASP A 33 -6.16 1.15 -4.64
C ASP A 33 -5.23 1.48 -3.49
N ILE A 34 -5.54 1.02 -2.28
CA ILE A 34 -4.71 1.22 -1.10
C ILE A 34 -3.96 -0.08 -0.88
N ILE A 35 -2.64 0.00 -0.73
CA ILE A 35 -1.78 -1.16 -0.56
C ILE A 35 -1.06 -0.97 0.76
N THR A 36 -1.03 -2.03 1.56
CA THR A 36 -0.24 -2.16 2.77
C THR A 36 1.19 -2.29 2.29
N VAL A 37 2.00 -1.25 2.45
CA VAL A 37 3.43 -1.33 2.18
C VAL A 37 4.06 -2.19 3.28
N LEU A 38 5.16 -2.88 2.99
CA LEU A 38 5.76 -3.82 3.93
C LEU A 38 7.28 -3.83 3.92
N GLU A 39 7.94 -3.38 2.85
CA GLU A 39 9.39 -3.28 2.78
C GLU A 39 9.72 -2.22 1.74
N GLN A 40 10.90 -1.59 1.78
CA GLN A 40 11.28 -0.55 0.83
C GLN A 40 12.72 -0.79 0.37
N GLN A 41 12.91 -1.08 -0.93
CA GLN A 41 14.18 -0.90 -1.61
C GLN A 41 14.33 0.55 -2.04
N GLU A 42 15.46 0.81 -2.70
CA GLU A 42 15.85 2.03 -3.36
C GLU A 42 14.72 2.69 -4.14
N ASN A 43 13.81 1.91 -4.73
CA ASN A 43 12.73 2.38 -5.59
C ASN A 43 11.56 1.40 -5.59
N TRP A 44 11.85 0.10 -5.55
CA TRP A 44 10.79 -0.91 -5.47
C TRP A 44 10.39 -1.04 -4.01
N TRP A 45 9.10 -1.09 -3.68
CA TRP A 45 8.65 -1.42 -2.32
C TRP A 45 7.86 -2.72 -2.39
N PHE A 46 7.89 -3.51 -1.34
CA PHE A 46 7.06 -4.69 -1.20
C PHE A 46 5.77 -4.23 -0.53
N GLY A 47 4.68 -4.94 -0.77
CA GLY A 47 3.42 -4.64 -0.14
C GLY A 47 2.40 -5.71 -0.46
N GLU A 48 1.20 -5.49 0.05
CA GLU A 48 0.09 -6.41 0.03
C GLU A 48 -1.19 -5.64 -0.21
N VAL A 49 -2.00 -6.11 -1.15
CA VAL A 49 -3.38 -5.63 -1.34
C VAL A 49 -4.21 -6.81 -1.84
N HIS A 50 -5.50 -6.82 -1.51
CA HIS A 50 -6.41 -7.94 -1.72
C HIS A 50 -5.93 -9.22 -1.02
N GLY A 51 -5.02 -9.14 -0.05
CA GLY A 51 -4.38 -10.30 0.55
C GLY A 51 -3.46 -11.05 -0.42
N GLY A 52 -3.00 -10.40 -1.50
CA GLY A 52 -1.88 -10.84 -2.32
C GLY A 52 -0.74 -9.86 -2.14
N ARG A 53 0.50 -10.31 -2.38
CA ARG A 53 1.74 -9.59 -2.10
C ARG A 53 2.58 -9.46 -3.37
N GLY A 54 3.58 -8.58 -3.34
CA GLY A 54 4.58 -8.45 -4.37
C GLY A 54 5.30 -7.10 -4.27
N TRP A 55 6.36 -6.94 -5.08
CA TRP A 55 7.12 -5.72 -5.24
C TRP A 55 6.46 -4.77 -6.23
N PHE A 56 6.72 -3.47 -6.13
CA PHE A 56 6.19 -2.52 -7.12
C PHE A 56 7.03 -1.23 -7.15
N PRO A 57 7.17 -0.54 -8.31
CA PRO A 57 7.89 0.73 -8.38
C PRO A 57 7.10 1.82 -7.65
N LYS A 58 7.75 2.58 -6.75
CA LYS A 58 7.02 3.54 -5.92
C LYS A 58 6.42 4.69 -6.73
N SER A 59 6.95 4.98 -7.91
CA SER A 59 6.47 6.06 -8.76
C SER A 59 5.02 5.81 -9.23
N TYR A 60 4.50 4.61 -9.00
CA TYR A 60 3.17 4.18 -9.36
C TYR A 60 2.22 4.35 -8.17
N VAL A 61 2.68 4.87 -7.02
CA VAL A 61 1.88 5.03 -5.81
C VAL A 61 2.22 6.37 -5.12
N LYS A 62 1.49 6.72 -4.07
CA LYS A 62 1.80 7.82 -3.15
C LYS A 62 1.63 7.32 -1.72
N ILE A 63 2.52 7.69 -0.82
CA ILE A 63 2.35 7.45 0.61
C ILE A 63 1.15 8.26 1.11
N ILE A 64 0.53 7.77 2.20
CA ILE A 64 -0.63 8.38 2.81
C ILE A 64 -0.33 8.63 4.29
N PRO A 65 -0.79 9.76 4.85
CA PRO A 65 -0.49 10.17 6.21
C PRO A 65 -1.46 9.64 7.27
N GLY A 66 -2.58 9.03 6.88
CA GLY A 66 -3.65 8.63 7.80
C GLY A 66 -4.93 8.53 7.00
N SER A 67 -5.04 7.47 6.18
CA SER A 67 -6.08 7.38 5.18
C SER A 67 -7.48 7.31 5.81
N GLU A 68 -7.66 6.66 6.97
CA GLU A 68 -8.93 6.71 7.66
C GLU A 68 -8.94 7.95 8.56
N SER A 69 -9.42 9.06 7.98
CA SER A 69 -9.47 10.39 8.55
C SER A 69 -10.14 10.37 9.95
N GLY A 70 -9.41 10.75 11.01
CA GLY A 70 -9.87 10.73 12.40
C GLY A 70 -9.96 12.14 13.03
N PRO A 71 -10.66 12.27 14.17
CA PRO A 71 -11.12 13.56 14.69
C PRO A 71 -10.10 14.34 15.55
N SER A 72 -8.92 13.78 15.86
CA SER A 72 -7.79 14.26 16.66
C SER A 72 -7.26 13.09 17.48
N SER A 73 -8.03 12.57 18.44
CA SER A 73 -7.76 11.29 19.07
C SER A 73 -8.26 10.18 18.14
N GLY A 74 -7.45 9.14 17.94
CA GLY A 74 -7.79 7.95 17.18
C GLY A 74 -8.08 6.83 18.15
N GLY A 1 -17.51 -0.34 18.83
CA GLY A 1 -16.48 0.48 19.47
C GLY A 1 -15.21 -0.33 19.64
N SER A 2 -14.62 -0.28 20.85
CA SER A 2 -13.38 -0.90 21.31
C SER A 2 -12.90 -0.11 22.55
N SER A 3 -11.68 -0.34 23.04
CA SER A 3 -11.04 0.51 24.04
C SER A 3 -9.56 0.74 23.66
N GLY A 4 -8.96 1.83 24.17
CA GLY A 4 -7.56 2.19 23.97
C GLY A 4 -7.35 3.24 22.87
N SER A 5 -8.20 3.28 21.84
CA SER A 5 -8.04 4.14 20.66
C SER A 5 -6.62 4.11 20.07
N SER A 6 -5.94 2.96 20.09
CA SER A 6 -4.58 2.80 19.61
C SER A 6 -4.48 1.60 18.67
N GLY A 7 -3.37 1.49 17.94
CA GLY A 7 -3.17 0.48 16.93
C GLY A 7 -2.41 1.09 15.78
N VAL A 8 -1.08 1.13 15.88
CA VAL A 8 -0.26 1.47 14.73
C VAL A 8 -0.41 0.40 13.66
N GLU A 9 0.14 0.67 12.49
CA GLU A 9 0.23 -0.29 11.40
C GLU A 9 1.52 -0.06 10.63
N ASN A 10 1.81 -0.95 9.70
CA ASN A 10 2.70 -0.70 8.57
C ASN A 10 2.25 0.54 7.80
N LEU A 11 3.10 0.99 6.89
CA LEU A 11 2.81 2.05 5.94
C LEU A 11 1.70 1.57 4.98
N LYS A 12 0.89 2.48 4.45
CA LYS A 12 0.05 2.25 3.28
C LYS A 12 0.41 3.30 2.25
N ALA A 13 0.26 2.93 0.98
CA ALA A 13 0.44 3.82 -0.14
C ALA A 13 -0.73 3.55 -1.09
N GLN A 14 -1.39 4.61 -1.54
CA GLN A 14 -2.45 4.50 -2.50
C GLN A 14 -1.82 4.48 -3.89
N ALA A 15 -2.22 3.53 -4.73
CA ALA A 15 -1.80 3.47 -6.12
C ALA A 15 -2.36 4.65 -6.93
N LEU A 16 -1.55 5.13 -7.87
CA LEU A 16 -1.85 6.24 -8.76
C LEU A 16 -2.27 5.77 -10.15
N CYS A 17 -1.99 4.52 -10.51
CA CYS A 17 -2.30 3.92 -11.80
C CYS A 17 -2.74 2.48 -11.56
N SER A 18 -3.25 1.79 -12.57
CA SER A 18 -3.39 0.34 -12.56
C SER A 18 -2.03 -0.28 -12.89
N TRP A 19 -1.79 -1.55 -12.53
CA TRP A 19 -0.65 -2.31 -13.03
C TRP A 19 -0.90 -3.82 -12.99
N THR A 20 -0.39 -4.50 -14.02
CA THR A 20 -0.63 -5.90 -14.37
C THR A 20 0.52 -6.82 -13.92
N ALA A 21 1.17 -6.45 -12.83
CA ALA A 21 2.34 -7.11 -12.27
C ALA A 21 3.43 -7.39 -13.32
N LYS A 22 3.58 -8.63 -13.80
CA LYS A 22 4.42 -9.13 -14.89
C LYS A 22 5.50 -10.09 -14.38
N LYS A 23 6.42 -9.69 -13.51
CA LYS A 23 7.37 -10.65 -12.90
C LYS A 23 6.61 -11.54 -11.94
N ASP A 24 7.22 -12.66 -11.53
CA ASP A 24 6.68 -13.60 -10.55
C ASP A 24 6.21 -12.85 -9.30
N ASN A 25 7.08 -12.05 -8.67
CA ASN A 25 6.81 -11.40 -7.39
C ASN A 25 6.47 -9.90 -7.54
N HIS A 26 5.94 -9.47 -8.69
CA HIS A 26 5.35 -8.13 -8.77
C HIS A 26 3.94 -8.15 -8.15
N LEU A 27 3.58 -7.08 -7.43
CA LEU A 27 2.21 -6.75 -7.03
C LEU A 27 1.44 -6.34 -8.29
N ASN A 28 0.11 -6.40 -8.26
CA ASN A 28 -0.82 -5.91 -9.28
C ASN A 28 -1.92 -5.18 -8.55
N PHE A 29 -2.29 -3.98 -9.01
CA PHE A 29 -3.34 -3.16 -8.42
C PHE A 29 -4.09 -2.44 -9.53
N SER A 30 -5.14 -1.75 -9.15
CA SER A 30 -5.85 -0.77 -9.94
C SER A 30 -5.62 0.64 -9.36
N LYS A 31 -6.01 1.65 -10.15
CA LYS A 31 -5.99 3.06 -9.73
C LYS A 31 -6.76 3.22 -8.43
N HIS A 32 -6.15 3.95 -7.50
CA HIS A 32 -6.69 4.33 -6.21
C HIS A 32 -6.75 3.19 -5.19
N ASP A 33 -6.27 1.99 -5.55
CA ASP A 33 -6.19 0.89 -4.59
C ASP A 33 -5.28 1.31 -3.45
N ILE A 34 -5.55 0.80 -2.25
CA ILE A 34 -4.77 1.05 -1.05
C ILE A 34 -3.98 -0.21 -0.77
N ILE A 35 -2.65 -0.10 -0.81
CA ILE A 35 -1.77 -1.24 -0.65
C ILE A 35 -0.97 -0.97 0.62
N THR A 36 -0.88 -2.00 1.45
CA THR A 36 -0.03 -2.02 2.61
C THR A 36 1.40 -2.10 2.13
N VAL A 37 2.17 -1.04 2.35
CA VAL A 37 3.60 -1.06 2.16
C VAL A 37 4.20 -1.88 3.30
N LEU A 38 5.28 -2.60 3.02
CA LEU A 38 5.90 -3.50 3.99
C LEU A 38 7.40 -3.29 3.93
N GLU A 39 8.04 -3.72 2.85
CA GLU A 39 9.48 -3.63 2.67
C GLU A 39 9.74 -2.56 1.62
N GLN A 40 10.90 -1.88 1.67
CA GLN A 40 11.14 -0.73 0.82
C GLN A 40 12.59 -0.75 0.34
N GLN A 41 12.81 -1.18 -0.91
CA GLN A 41 14.03 -0.88 -1.65
C GLN A 41 14.04 0.61 -1.99
N GLU A 42 15.12 1.05 -2.62
CA GLU A 42 15.37 2.38 -3.13
C GLU A 42 14.14 2.98 -3.82
N ASN A 43 13.64 2.28 -4.84
CA ASN A 43 12.55 2.74 -5.70
C ASN A 43 11.47 1.69 -5.88
N TRP A 44 11.63 0.49 -5.32
CA TRP A 44 10.63 -0.56 -5.37
C TRP A 44 10.19 -0.88 -3.96
N TRP A 45 8.90 -1.05 -3.68
CA TRP A 45 8.40 -1.35 -2.34
C TRP A 45 7.62 -2.66 -2.44
N PHE A 46 7.81 -3.54 -1.46
CA PHE A 46 7.02 -4.74 -1.31
C PHE A 46 5.76 -4.33 -0.58
N GLY A 47 4.62 -4.85 -0.97
CA GLY A 47 3.39 -4.55 -0.28
C GLY A 47 2.24 -5.47 -0.67
N GLU A 48 1.15 -5.34 0.06
CA GLU A 48 0.04 -6.28 0.08
C GLU A 48 -1.27 -5.55 -0.16
N VAL A 49 -1.99 -6.03 -1.16
CA VAL A 49 -3.38 -5.73 -1.42
C VAL A 49 -3.93 -7.00 -2.06
N HIS A 50 -5.19 -7.32 -1.75
CA HIS A 50 -5.94 -8.50 -2.20
C HIS A 50 -5.04 -9.73 -2.41
N GLY A 51 -4.33 -10.09 -1.34
CA GLY A 51 -3.61 -11.35 -1.25
C GLY A 51 -2.21 -11.32 -1.85
N GLY A 52 -1.76 -10.18 -2.38
CA GLY A 52 -0.49 -10.04 -3.08
C GLY A 52 0.72 -10.36 -2.20
N ARG A 53 1.25 -9.39 -1.45
CA ARG A 53 2.64 -9.35 -0.99
C ARG A 53 3.58 -9.53 -2.19
N GLY A 54 3.83 -8.43 -2.89
CA GLY A 54 4.68 -8.37 -4.08
C GLY A 54 5.34 -6.99 -4.21
N TRP A 55 6.35 -6.87 -5.06
CA TRP A 55 7.10 -5.65 -5.30
C TRP A 55 6.37 -4.75 -6.27
N PHE A 56 6.56 -3.44 -6.14
CA PHE A 56 6.04 -2.50 -7.13
C PHE A 56 6.91 -1.24 -7.17
N PRO A 57 6.99 -0.55 -8.32
CA PRO A 57 7.75 0.68 -8.40
C PRO A 57 7.02 1.75 -7.62
N LYS A 58 7.69 2.36 -6.63
CA LYS A 58 7.05 3.34 -5.78
C LYS A 58 6.54 4.54 -6.58
N SER A 59 7.08 4.83 -7.77
CA SER A 59 6.64 6.02 -8.49
C SER A 59 5.16 5.87 -8.93
N TYR A 60 4.65 4.63 -8.95
CA TYR A 60 3.30 4.30 -9.37
C TYR A 60 2.29 4.48 -8.23
N VAL A 61 2.74 4.85 -7.03
CA VAL A 61 1.91 4.99 -5.83
C VAL A 61 2.20 6.35 -5.19
N LYS A 62 1.55 6.65 -4.06
CA LYS A 62 2.00 7.66 -3.11
C LYS A 62 1.76 7.19 -1.70
N ILE A 63 2.68 7.52 -0.77
CA ILE A 63 2.45 7.33 0.66
C ILE A 63 1.28 8.21 1.08
N ILE A 64 0.58 7.81 2.14
CA ILE A 64 -0.62 8.48 2.61
C ILE A 64 -0.37 8.95 4.07
N PRO A 65 -0.90 10.11 4.47
CA PRO A 65 -0.62 10.73 5.77
C PRO A 65 -1.28 10.09 6.99
N GLY A 66 -2.24 9.18 6.84
CA GLY A 66 -2.81 8.44 7.97
C GLY A 66 -4.04 9.08 8.60
N SER A 67 -4.48 10.25 8.15
CA SER A 67 -5.72 10.88 8.51
C SER A 67 -6.81 10.29 7.61
N GLU A 68 -7.98 10.85 7.76
CA GLU A 68 -9.24 10.54 7.11
C GLU A 68 -10.19 11.68 7.49
N SER A 69 -10.80 12.36 6.53
CA SER A 69 -11.66 13.50 6.81
C SER A 69 -12.83 13.53 5.85
N GLY A 70 -13.95 12.95 6.28
CA GLY A 70 -15.18 12.82 5.51
C GLY A 70 -16.31 12.29 6.40
N PRO A 71 -16.24 11.05 6.89
CA PRO A 71 -17.18 10.53 7.88
C PRO A 71 -16.91 11.23 9.22
N SER A 72 -17.55 12.38 9.45
CA SER A 72 -17.37 13.22 10.63
C SER A 72 -18.52 12.90 11.58
N SER A 73 -18.23 12.23 12.69
CA SER A 73 -19.21 11.62 13.58
C SER A 73 -19.06 12.16 15.01
N GLY A 74 -18.22 11.54 15.84
CA GLY A 74 -18.09 11.85 17.26
C GLY A 74 -17.88 10.54 17.98
N GLY A 1 -1.30 1.55 30.25
CA GLY A 1 -0.40 0.71 29.47
C GLY A 1 0.32 1.57 28.47
N SER A 2 -0.18 1.62 27.24
CA SER A 2 0.45 2.32 26.12
C SER A 2 0.14 3.82 26.15
N SER A 3 0.66 4.54 25.16
CA SER A 3 0.08 5.73 24.55
C SER A 3 0.89 5.97 23.26
N GLY A 4 0.26 6.47 22.20
CA GLY A 4 0.88 6.71 20.90
C GLY A 4 -0.19 7.08 19.87
N SER A 5 0.19 7.20 18.60
CA SER A 5 -0.70 7.48 17.47
C SER A 5 -0.25 6.71 16.23
N SER A 6 -0.53 5.40 16.19
CA SER A 6 -0.53 4.68 14.92
C SER A 6 -1.66 3.66 14.90
N GLY A 7 -2.78 4.05 14.32
CA GLY A 7 -3.91 3.19 14.00
C GLY A 7 -3.66 2.49 12.69
N VAL A 8 -2.52 1.81 12.58
CA VAL A 8 -2.07 1.12 11.39
C VAL A 8 -1.22 -0.05 11.87
N GLU A 9 -0.95 -0.97 10.95
CA GLU A 9 0.03 -2.02 11.09
C GLU A 9 1.41 -1.57 10.61
N ASN A 10 1.41 -0.66 9.65
CA ASN A 10 2.56 -0.20 8.89
C ASN A 10 2.23 1.01 8.01
N LEU A 11 3.07 1.33 7.02
CA LEU A 11 2.78 2.30 5.98
C LEU A 11 1.67 1.76 5.08
N LYS A 12 0.77 2.63 4.58
CA LYS A 12 -0.05 2.35 3.41
C LYS A 12 0.28 3.39 2.35
N ALA A 13 0.18 2.99 1.08
CA ALA A 13 0.37 3.87 -0.06
C ALA A 13 -0.74 3.58 -1.05
N GLN A 14 -1.38 4.62 -1.55
CA GLN A 14 -2.42 4.50 -2.56
C GLN A 14 -1.76 4.43 -3.95
N ALA A 15 -2.13 3.43 -4.74
CA ALA A 15 -1.76 3.32 -6.14
C ALA A 15 -2.40 4.43 -6.96
N LEU A 16 -1.67 4.99 -7.93
CA LEU A 16 -2.13 6.11 -8.75
C LEU A 16 -2.64 5.65 -10.11
N CYS A 17 -2.50 4.37 -10.47
CA CYS A 17 -3.04 3.78 -11.68
C CYS A 17 -3.20 2.27 -11.49
N SER A 18 -3.99 1.66 -12.35
CA SER A 18 -4.21 0.22 -12.39
C SER A 18 -3.02 -0.44 -13.08
N TRP A 19 -2.54 -1.59 -12.62
CA TRP A 19 -1.41 -2.31 -13.21
C TRP A 19 -1.39 -3.78 -12.77
N THR A 20 -1.04 -4.68 -13.69
CA THR A 20 -1.01 -6.13 -13.49
C THR A 20 0.37 -6.63 -13.02
N ALA A 21 0.43 -7.87 -12.54
CA ALA A 21 1.68 -8.53 -12.22
C ALA A 21 2.36 -9.01 -13.51
N LYS A 22 3.62 -9.44 -13.40
CA LYS A 22 4.47 -9.77 -14.54
C LYS A 22 5.36 -10.94 -14.17
N LYS A 23 6.38 -10.65 -13.35
CA LYS A 23 7.11 -11.68 -12.60
C LYS A 23 6.18 -12.27 -11.55
N ASP A 24 6.66 -13.29 -10.86
CA ASP A 24 6.03 -13.93 -9.72
C ASP A 24 5.80 -12.89 -8.64
N ASN A 25 6.87 -12.43 -8.00
CA ASN A 25 6.79 -11.65 -6.76
C ASN A 25 6.51 -10.17 -7.03
N HIS A 26 5.49 -9.88 -7.82
CA HIS A 26 5.12 -8.55 -8.31
C HIS A 26 3.67 -8.28 -7.91
N LEU A 27 3.43 -7.17 -7.21
CA LEU A 27 2.10 -6.74 -6.76
C LEU A 27 1.27 -6.28 -7.97
N ASN A 28 -0.05 -6.47 -7.93
CA ASN A 28 -0.98 -5.87 -8.89
C ASN A 28 -2.10 -5.13 -8.14
N PHE A 29 -2.53 -3.98 -8.66
CA PHE A 29 -3.52 -3.09 -8.05
C PHE A 29 -4.37 -2.39 -9.12
N SER A 30 -5.48 -1.79 -8.71
CA SER A 30 -6.25 -0.88 -9.53
C SER A 30 -5.97 0.61 -9.19
N LYS A 31 -6.53 1.53 -10.00
CA LYS A 31 -6.32 2.97 -9.83
C LYS A 31 -7.03 3.44 -8.56
N HIS A 32 -6.25 4.01 -7.65
CA HIS A 32 -6.63 4.59 -6.38
C HIS A 32 -6.89 3.52 -5.32
N ASP A 33 -6.51 2.26 -5.57
CA ASP A 33 -6.51 1.19 -4.58
C ASP A 33 -5.48 1.51 -3.50
N ILE A 34 -5.64 0.93 -2.31
CA ILE A 34 -4.80 1.18 -1.14
C ILE A 34 -4.04 -0.11 -0.84
N ILE A 35 -2.71 -0.02 -0.71
CA ILE A 35 -1.85 -1.19 -0.54
C ILE A 35 -1.10 -1.01 0.78
N THR A 36 -1.00 -2.11 1.53
CA THR A 36 -0.21 -2.24 2.75
C THR A 36 1.23 -2.24 2.29
N VAL A 37 2.02 -1.22 2.64
CA VAL A 37 3.43 -1.18 2.33
C VAL A 37 4.15 -1.99 3.41
N LEU A 38 5.22 -2.68 3.02
CA LEU A 38 5.89 -3.63 3.90
C LEU A 38 7.39 -3.40 3.91
N GLU A 39 8.03 -3.26 2.76
CA GLU A 39 9.49 -3.23 2.62
C GLU A 39 9.82 -2.22 1.52
N GLN A 40 11.00 -1.61 1.54
CA GLN A 40 11.37 -0.55 0.59
C GLN A 40 12.82 -0.77 0.15
N GLN A 41 13.04 -1.16 -1.11
CA GLN A 41 14.35 -1.23 -1.76
C GLN A 41 14.72 0.16 -2.32
N GLU A 42 15.68 0.18 -3.25
CA GLU A 42 16.13 1.27 -4.12
C GLU A 42 14.99 2.18 -4.62
N ASN A 43 13.83 1.59 -4.95
CA ASN A 43 12.67 2.26 -5.53
C ASN A 43 11.46 1.35 -5.57
N TRP A 44 11.66 0.03 -5.60
CA TRP A 44 10.61 -0.94 -5.52
C TRP A 44 10.24 -1.08 -4.06
N TRP A 45 8.96 -1.13 -3.71
CA TRP A 45 8.49 -1.45 -2.36
C TRP A 45 7.72 -2.75 -2.46
N PHE A 46 7.84 -3.56 -1.41
CA PHE A 46 7.03 -4.74 -1.21
C PHE A 46 5.78 -4.24 -0.53
N GLY A 47 4.64 -4.81 -0.90
CA GLY A 47 3.39 -4.51 -0.24
C GLY A 47 2.40 -5.61 -0.51
N GLU A 48 1.19 -5.46 0.04
CA GLU A 48 0.14 -6.46 0.00
C GLU A 48 -1.21 -5.75 -0.15
N VAL A 49 -2.00 -6.18 -1.12
CA VAL A 49 -3.39 -5.79 -1.32
C VAL A 49 -4.08 -6.99 -1.95
N HIS A 50 -5.38 -7.19 -1.65
CA HIS A 50 -6.16 -8.36 -2.04
C HIS A 50 -5.41 -9.68 -1.76
N GLY A 51 -4.70 -9.75 -0.63
CA GLY A 51 -3.96 -10.91 -0.17
C GLY A 51 -2.78 -11.31 -1.06
N GLY A 52 -2.40 -10.47 -2.02
CA GLY A 52 -1.41 -10.76 -3.05
C GLY A 52 -0.02 -11.02 -2.47
N ARG A 53 0.53 -9.96 -1.89
CA ARG A 53 1.95 -9.62 -1.80
C ARG A 53 2.64 -9.47 -3.15
N GLY A 54 3.70 -8.66 -3.17
CA GLY A 54 4.61 -8.55 -4.28
C GLY A 54 5.33 -7.21 -4.24
N TRP A 55 6.33 -7.04 -5.10
CA TRP A 55 7.09 -5.80 -5.27
C TRP A 55 6.41 -4.90 -6.30
N PHE A 56 6.65 -3.58 -6.21
CA PHE A 56 6.17 -2.63 -7.23
C PHE A 56 6.98 -1.34 -7.19
N PRO A 57 7.26 -0.64 -8.31
CA PRO A 57 7.98 0.63 -8.29
C PRO A 57 7.14 1.71 -7.60
N LYS A 58 7.71 2.43 -6.64
CA LYS A 58 6.95 3.37 -5.82
C LYS A 58 6.45 4.58 -6.57
N SER A 59 7.04 4.85 -7.73
CA SER A 59 6.73 6.04 -8.48
C SER A 59 5.26 5.97 -8.93
N TYR A 60 4.71 4.75 -9.03
CA TYR A 60 3.34 4.43 -9.33
C TYR A 60 2.37 4.87 -8.22
N VAL A 61 2.83 5.11 -6.99
CA VAL A 61 1.94 5.23 -5.83
C VAL A 61 2.20 6.57 -5.12
N LYS A 62 1.48 6.86 -4.04
CA LYS A 62 1.88 7.86 -3.07
C LYS A 62 1.63 7.35 -1.67
N ILE A 63 2.55 7.67 -0.75
CA ILE A 63 2.36 7.48 0.68
C ILE A 63 1.19 8.34 1.13
N ILE A 64 0.52 7.92 2.20
CA ILE A 64 -0.67 8.57 2.69
C ILE A 64 -0.52 8.83 4.20
N PRO A 65 -0.93 10.00 4.69
CA PRO A 65 -0.72 10.42 6.06
C PRO A 65 -1.71 9.79 7.05
N GLY A 66 -2.92 9.44 6.61
CA GLY A 66 -3.98 8.91 7.46
C GLY A 66 -3.51 7.67 8.20
N SER A 67 -3.32 7.81 9.51
CA SER A 67 -2.73 6.80 10.37
C SER A 67 -3.33 6.81 11.78
N GLU A 68 -4.52 7.39 11.94
CA GLU A 68 -5.24 7.49 13.21
C GLU A 68 -5.95 6.18 13.55
N SER A 69 -6.24 5.98 14.83
CA SER A 69 -6.89 4.79 15.36
C SER A 69 -8.32 4.67 14.82
N GLY A 70 -9.17 5.66 15.09
CA GLY A 70 -10.57 5.64 14.67
C GLY A 70 -11.48 5.33 15.86
N PRO A 71 -12.59 4.59 15.67
CA PRO A 71 -13.66 4.43 16.65
C PRO A 71 -13.28 3.46 17.77
N SER A 72 -12.26 3.81 18.57
CA SER A 72 -11.83 2.98 19.68
C SER A 72 -12.94 2.82 20.71
N SER A 73 -12.81 1.75 21.49
CA SER A 73 -13.88 1.09 22.20
C SER A 73 -13.23 0.32 23.35
N GLY A 74 -12.40 -0.66 22.99
CA GLY A 74 -11.10 -0.86 23.63
C GLY A 74 -10.23 0.31 23.24
N GLY A 1 -13.73 7.23 0.11
CA GLY A 1 -12.55 7.55 0.93
C GLY A 1 -11.49 6.47 0.78
N SER A 2 -10.93 6.01 1.89
CA SER A 2 -10.15 4.79 2.05
C SER A 2 -10.31 4.31 3.50
N SER A 3 -11.41 3.65 3.83
CA SER A 3 -11.63 3.08 5.15
C SER A 3 -12.41 1.78 5.03
N GLY A 4 -11.75 0.63 5.24
CA GLY A 4 -12.38 -0.67 5.18
C GLY A 4 -11.58 -1.69 5.95
N SER A 5 -10.45 -2.13 5.40
CA SER A 5 -9.57 -3.13 5.99
C SER A 5 -9.14 -2.70 7.40
N SER A 6 -9.29 -3.59 8.38
CA SER A 6 -9.08 -3.30 9.80
C SER A 6 -7.58 -3.21 10.12
N GLY A 7 -7.24 -2.94 11.38
CA GLY A 7 -5.92 -3.10 11.99
C GLY A 7 -4.93 -1.99 11.69
N VAL A 8 -5.04 -1.38 10.51
CA VAL A 8 -4.40 -0.15 10.10
C VAL A 8 -2.87 -0.20 10.00
N GLU A 9 -2.26 -1.32 10.39
CA GLU A 9 -0.82 -1.46 10.57
C GLU A 9 0.00 -1.21 9.30
N ASN A 10 1.29 -0.94 9.51
CA ASN A 10 2.36 -0.66 8.55
C ASN A 10 2.08 0.55 7.66
N LEU A 11 3.06 0.90 6.80
CA LEU A 11 2.95 2.01 5.87
C LEU A 11 1.84 1.64 4.89
N LYS A 12 1.06 2.61 4.42
CA LYS A 12 0.23 2.41 3.25
C LYS A 12 0.56 3.44 2.20
N ALA A 13 0.32 3.06 0.96
CA ALA A 13 0.43 3.93 -0.19
C ALA A 13 -0.79 3.69 -1.04
N GLN A 14 -1.41 4.76 -1.51
CA GLN A 14 -2.49 4.67 -2.46
C GLN A 14 -1.83 4.59 -3.84
N ALA A 15 -2.09 3.51 -4.59
CA ALA A 15 -1.72 3.38 -5.98
C ALA A 15 -2.37 4.48 -6.81
N LEU A 16 -1.66 4.92 -7.85
CA LEU A 16 -2.02 6.09 -8.66
C LEU A 16 -2.13 5.75 -10.15
N CYS A 17 -2.05 4.46 -10.49
CA CYS A 17 -2.09 3.93 -11.84
C CYS A 17 -2.59 2.49 -11.72
N SER A 18 -3.42 2.01 -12.64
CA SER A 18 -3.86 0.62 -12.70
C SER A 18 -2.75 -0.18 -13.38
N TRP A 19 -2.04 -1.06 -12.68
CA TRP A 19 -0.85 -1.74 -13.21
C TRP A 19 -0.88 -3.24 -12.87
N THR A 20 -0.29 -4.03 -13.75
CA THR A 20 -0.34 -5.47 -13.82
C THR A 20 0.94 -6.07 -13.24
N ALA A 21 0.86 -7.32 -12.75
CA ALA A 21 2.05 -8.09 -12.42
C ALA A 21 2.81 -8.46 -13.70
N LYS A 22 4.04 -8.94 -13.54
CA LYS A 22 4.88 -9.43 -14.64
C LYS A 22 5.74 -10.56 -14.09
N LYS A 23 6.69 -10.19 -13.24
CA LYS A 23 7.51 -11.13 -12.50
C LYS A 23 6.62 -11.84 -11.50
N ASP A 24 7.11 -12.93 -10.92
CA ASP A 24 6.38 -13.70 -9.90
C ASP A 24 6.07 -12.76 -8.74
N ASN A 25 7.14 -12.18 -8.18
CA ASN A 25 7.14 -11.40 -6.97
C ASN A 25 6.81 -9.93 -7.29
N HIS A 26 5.77 -9.70 -8.08
CA HIS A 26 5.19 -8.38 -8.37
C HIS A 26 3.80 -8.31 -7.76
N LEU A 27 3.50 -7.16 -7.16
CA LEU A 27 2.17 -6.76 -6.74
C LEU A 27 1.44 -6.26 -8.01
N ASN A 28 0.12 -6.37 -8.07
CA ASN A 28 -0.73 -5.72 -9.06
C ASN A 28 -1.88 -5.00 -8.37
N PHE A 29 -2.18 -3.78 -8.80
CA PHE A 29 -3.19 -2.92 -8.20
C PHE A 29 -3.97 -2.18 -9.27
N SER A 30 -5.03 -1.54 -8.81
CA SER A 30 -5.87 -0.64 -9.55
C SER A 30 -5.52 0.80 -9.24
N LYS A 31 -6.09 1.73 -10.02
CA LYS A 31 -5.93 3.15 -9.77
C LYS A 31 -6.73 3.52 -8.53
N HIS A 32 -6.06 4.20 -7.60
CA HIS A 32 -6.57 4.75 -6.35
C HIS A 32 -6.71 3.69 -5.25
N ASP A 33 -6.28 2.45 -5.49
CA ASP A 33 -6.42 1.39 -4.49
C ASP A 33 -5.35 1.53 -3.41
N ILE A 34 -5.59 0.99 -2.22
CA ILE A 34 -4.74 1.15 -1.06
C ILE A 34 -4.02 -0.16 -0.84
N ILE A 35 -2.69 -0.11 -0.73
CA ILE A 35 -1.87 -1.30 -0.58
C ILE A 35 -1.11 -1.13 0.72
N THR A 36 -1.08 -2.20 1.51
CA THR A 36 -0.29 -2.31 2.73
C THR A 36 1.16 -2.39 2.29
N VAL A 37 1.91 -1.30 2.39
CA VAL A 37 3.34 -1.32 2.19
C VAL A 37 3.96 -2.06 3.35
N LEU A 38 5.06 -2.72 3.08
CA LEU A 38 5.77 -3.57 4.01
C LEU A 38 7.23 -3.14 3.96
N GLU A 39 7.94 -3.55 2.93
CA GLU A 39 9.37 -3.33 2.80
C GLU A 39 9.59 -2.25 1.73
N GLN A 40 10.76 -1.61 1.70
CA GLN A 40 11.04 -0.54 0.74
C GLN A 40 12.50 -0.67 0.28
N GLN A 41 12.74 -0.54 -1.02
CA GLN A 41 14.07 -0.42 -1.65
C GLN A 41 14.12 0.85 -2.52
N GLU A 42 15.26 1.04 -3.20
CA GLU A 42 15.69 2.23 -3.95
C GLU A 42 14.55 2.91 -4.75
N ASN A 43 13.78 2.10 -5.48
CA ASN A 43 12.69 2.58 -6.32
C ASN A 43 11.52 1.62 -6.36
N TRP A 44 11.62 0.49 -5.65
CA TRP A 44 10.62 -0.56 -5.61
C TRP A 44 10.29 -0.77 -4.14
N TRP A 45 9.01 -0.89 -3.79
CA TRP A 45 8.57 -1.24 -2.44
C TRP A 45 7.82 -2.56 -2.53
N PHE A 46 7.75 -3.26 -1.40
CA PHE A 46 7.00 -4.50 -1.26
C PHE A 46 5.72 -4.16 -0.51
N GLY A 47 4.63 -4.88 -0.80
CA GLY A 47 3.37 -4.65 -0.13
C GLY A 47 2.37 -5.74 -0.43
N GLU A 48 1.15 -5.61 0.12
CA GLU A 48 0.06 -6.56 0.04
C GLU A 48 -1.25 -5.82 -0.27
N VAL A 49 -1.98 -6.30 -1.27
CA VAL A 49 -3.38 -5.94 -1.53
C VAL A 49 -4.09 -7.14 -2.18
N HIS A 50 -5.42 -7.23 -2.06
CA HIS A 50 -6.26 -8.27 -2.68
C HIS A 50 -5.68 -9.68 -2.43
N GLY A 51 -5.37 -9.96 -1.16
CA GLY A 51 -4.89 -11.25 -0.71
C GLY A 51 -3.57 -11.68 -1.36
N GLY A 52 -2.81 -10.77 -1.99
CA GLY A 52 -1.54 -11.07 -2.63
C GLY A 52 -0.52 -10.02 -2.28
N ARG A 53 0.75 -10.37 -2.46
CA ARG A 53 1.92 -9.58 -2.10
C ARG A 53 2.83 -9.47 -3.33
N GLY A 54 3.81 -8.59 -3.25
CA GLY A 54 4.82 -8.47 -4.27
C GLY A 54 5.50 -7.11 -4.24
N TRP A 55 6.53 -6.95 -5.08
CA TRP A 55 7.21 -5.69 -5.28
C TRP A 55 6.47 -4.82 -6.28
N PHE A 56 6.67 -3.50 -6.21
CA PHE A 56 6.11 -2.58 -7.21
C PHE A 56 6.98 -1.33 -7.32
N PRO A 57 7.07 -0.66 -8.48
CA PRO A 57 7.83 0.56 -8.59
C PRO A 57 7.08 1.62 -7.78
N LYS A 58 7.74 2.19 -6.77
CA LYS A 58 7.13 3.16 -5.87
C LYS A 58 6.57 4.37 -6.61
N SER A 59 7.09 4.65 -7.81
CA SER A 59 6.69 5.84 -8.52
C SER A 59 5.17 5.77 -8.80
N TYR A 60 4.61 4.57 -8.97
CA TYR A 60 3.21 4.33 -9.31
C TYR A 60 2.25 4.64 -8.16
N VAL A 61 2.73 5.05 -6.99
CA VAL A 61 1.92 5.21 -5.78
C VAL A 61 2.27 6.54 -5.10
N LYS A 62 1.58 6.89 -4.02
CA LYS A 62 2.08 7.86 -3.04
C LYS A 62 1.85 7.31 -1.65
N ILE A 63 2.79 7.55 -0.73
CA ILE A 63 2.58 7.31 0.69
C ILE A 63 1.46 8.23 1.16
N ILE A 64 0.76 7.79 2.20
CA ILE A 64 -0.38 8.49 2.76
C ILE A 64 -0.09 8.71 4.25
N PRO A 65 -0.49 9.85 4.83
CA PRO A 65 -0.31 10.16 6.23
C PRO A 65 -1.34 9.50 7.15
N GLY A 66 -2.46 8.99 6.62
CA GLY A 66 -3.53 8.39 7.40
C GLY A 66 -4.86 8.66 6.73
N SER A 67 -5.96 8.24 7.38
CA SER A 67 -7.23 8.92 7.20
C SER A 67 -7.17 10.19 8.04
N GLU A 68 -7.05 10.02 9.35
CA GLU A 68 -7.06 11.03 10.37
C GLU A 68 -5.68 11.69 10.38
N SER A 69 -5.48 12.67 9.51
CA SER A 69 -4.27 13.46 9.42
C SER A 69 -4.61 14.83 8.83
N GLY A 70 -3.65 15.75 8.84
CA GLY A 70 -3.84 17.09 8.30
C GLY A 70 -4.61 17.98 9.25
N PRO A 71 -4.07 18.33 10.42
CA PRO A 71 -4.76 19.14 11.40
C PRO A 71 -4.95 20.57 10.88
N SER A 72 -6.16 20.88 10.39
CA SER A 72 -6.56 22.14 9.78
C SER A 72 -5.91 22.38 8.41
N SER A 73 -5.26 21.39 7.78
CA SER A 73 -4.66 21.58 6.46
C SER A 73 -5.77 21.68 5.40
N GLY A 74 -6.30 22.89 5.16
CA GLY A 74 -7.30 23.15 4.16
C GLY A 74 -6.59 23.47 2.87
N GLY A 1 -17.22 -2.49 15.79
CA GLY A 1 -16.60 -1.32 15.16
C GLY A 1 -15.40 -0.87 15.96
N SER A 2 -14.44 -0.22 15.29
CA SER A 2 -13.32 0.46 15.93
C SER A 2 -13.08 1.79 15.23
N SER A 3 -12.35 2.66 15.94
CA SER A 3 -11.49 3.70 15.43
C SER A 3 -10.45 3.93 16.56
N GLY A 4 -9.39 4.67 16.25
CA GLY A 4 -8.44 5.29 17.17
C GLY A 4 -8.13 4.46 18.41
N SER A 5 -7.30 3.43 18.24
CA SER A 5 -6.81 2.55 19.30
C SER A 5 -5.28 2.45 19.22
N SER A 6 -4.63 1.99 20.28
CA SER A 6 -3.19 1.77 20.29
C SER A 6 -2.88 0.47 19.54
N GLY A 7 -1.76 0.48 18.81
CA GLY A 7 -1.23 -0.65 18.06
C GLY A 7 -0.42 -0.05 16.93
N VAL A 8 -1.14 0.20 15.85
CA VAL A 8 -0.81 0.89 14.60
C VAL A 8 -0.38 -0.15 13.57
N GLU A 9 -0.23 0.24 12.30
CA GLU A 9 0.04 -0.65 11.19
C GLU A 9 1.31 -0.24 10.46
N ASN A 10 1.66 -1.00 9.42
CA ASN A 10 2.73 -0.65 8.49
C ASN A 10 2.38 0.65 7.74
N LEU A 11 3.27 1.10 6.86
CA LEU A 11 3.00 2.18 5.94
C LEU A 11 1.89 1.69 5.00
N LYS A 12 0.98 2.57 4.58
CA LYS A 12 0.07 2.31 3.47
C LYS A 12 0.34 3.36 2.40
N ALA A 13 0.19 2.97 1.14
CA ALA A 13 0.42 3.83 0.00
C ALA A 13 -0.67 3.54 -1.03
N GLN A 14 -1.32 4.60 -1.49
CA GLN A 14 -2.37 4.52 -2.49
C GLN A 14 -1.74 4.48 -3.88
N ALA A 15 -2.09 3.47 -4.68
CA ALA A 15 -1.74 3.43 -6.10
C ALA A 15 -2.41 4.58 -6.84
N LEU A 16 -1.70 5.22 -7.76
CA LEU A 16 -2.18 6.37 -8.51
C LEU A 16 -2.69 5.98 -9.89
N CYS A 17 -2.25 4.82 -10.40
CA CYS A 17 -2.51 4.31 -11.74
C CYS A 17 -2.76 2.80 -11.60
N SER A 18 -3.45 2.18 -12.56
CA SER A 18 -3.67 0.74 -12.55
C SER A 18 -2.44 0.01 -13.13
N TRP A 19 -2.01 -1.09 -12.49
CA TRP A 19 -0.86 -1.86 -12.91
C TRP A 19 -0.97 -3.30 -12.41
N THR A 20 -1.22 -4.20 -13.36
CA THR A 20 -1.30 -5.65 -13.21
C THR A 20 0.09 -6.27 -12.97
N ALA A 21 0.12 -7.55 -12.58
CA ALA A 21 1.35 -8.29 -12.28
C ALA A 21 2.04 -8.76 -13.57
N LYS A 22 3.36 -9.02 -13.49
CA LYS A 22 4.21 -9.41 -14.61
C LYS A 22 5.16 -10.52 -14.15
N LYS A 23 6.11 -10.20 -13.26
CA LYS A 23 6.98 -11.20 -12.63
C LYS A 23 6.18 -11.92 -11.55
N ASP A 24 6.78 -12.94 -10.92
CA ASP A 24 6.18 -13.76 -9.86
C ASP A 24 5.82 -12.86 -8.69
N ASN A 25 6.83 -12.42 -7.93
CA ASN A 25 6.69 -11.56 -6.77
C ASN A 25 6.59 -10.09 -7.15
N HIS A 26 5.93 -9.76 -8.26
CA HIS A 26 5.36 -8.43 -8.46
C HIS A 26 4.02 -8.36 -7.71
N LEU A 27 3.60 -7.14 -7.38
CA LEU A 27 2.26 -6.83 -6.90
C LEU A 27 1.37 -6.50 -8.10
N ASN A 28 0.05 -6.56 -7.93
CA ASN A 28 -0.96 -6.20 -8.92
C ASN A 28 -2.01 -5.34 -8.23
N PHE A 29 -2.14 -4.07 -8.61
CA PHE A 29 -3.13 -3.13 -8.08
C PHE A 29 -3.87 -2.40 -9.21
N SER A 30 -4.92 -1.66 -8.86
CA SER A 30 -5.60 -0.75 -9.75
C SER A 30 -5.44 0.68 -9.25
N LYS A 31 -5.94 1.62 -10.05
CA LYS A 31 -5.96 3.04 -9.73
C LYS A 31 -6.71 3.25 -8.42
N HIS A 32 -6.14 4.10 -7.58
CA HIS A 32 -6.64 4.52 -6.29
C HIS A 32 -6.78 3.40 -5.26
N ASP A 33 -6.35 2.16 -5.56
CA ASP A 33 -6.34 1.11 -4.55
C ASP A 33 -5.33 1.45 -3.47
N ILE A 34 -5.58 0.94 -2.26
CA ILE A 34 -4.73 1.13 -1.10
C ILE A 34 -4.00 -0.18 -0.88
N ILE A 35 -2.68 -0.09 -0.77
CA ILE A 35 -1.83 -1.25 -0.57
C ILE A 35 -1.11 -1.01 0.74
N THR A 36 -1.00 -2.08 1.52
CA THR A 36 -0.17 -2.13 2.69
C THR A 36 1.26 -2.12 2.17
N VAL A 37 2.03 -1.07 2.40
CA VAL A 37 3.47 -1.15 2.21
C VAL A 37 4.02 -2.07 3.31
N LEU A 38 5.09 -2.79 3.02
CA LEU A 38 5.73 -3.70 3.97
C LEU A 38 7.23 -3.48 3.96
N GLU A 39 7.86 -3.48 2.79
CA GLU A 39 9.31 -3.38 2.66
C GLU A 39 9.65 -2.29 1.66
N GLN A 40 10.87 -1.77 1.70
CA GLN A 40 11.34 -0.76 0.77
C GLN A 40 12.76 -1.11 0.35
N GLN A 41 13.00 -1.04 -0.96
CA GLN A 41 14.30 -1.05 -1.62
C GLN A 41 14.55 0.35 -2.22
N GLU A 42 15.52 0.48 -3.13
CA GLU A 42 15.92 1.75 -3.73
C GLU A 42 14.76 2.55 -4.33
N ASN A 43 13.90 1.87 -5.08
CA ASN A 43 12.77 2.47 -5.78
C ASN A 43 11.59 1.51 -5.86
N TRP A 44 11.81 0.23 -5.58
CA TRP A 44 10.75 -0.76 -5.50
C TRP A 44 10.36 -0.94 -4.04
N TRP A 45 9.08 -1.04 -3.74
CA TRP A 45 8.55 -1.33 -2.40
C TRP A 45 7.80 -2.64 -2.47
N PHE A 46 7.82 -3.41 -1.39
CA PHE A 46 6.99 -4.59 -1.27
C PHE A 46 5.73 -4.17 -0.53
N GLY A 47 4.61 -4.83 -0.82
CA GLY A 47 3.38 -4.55 -0.11
C GLY A 47 2.33 -5.59 -0.43
N GLU A 48 1.17 -5.51 0.22
CA GLU A 48 0.06 -6.45 0.11
C GLU A 48 -1.24 -5.75 -0.24
N VAL A 49 -1.91 -6.21 -1.30
CA VAL A 49 -3.29 -5.85 -1.62
C VAL A 49 -3.94 -7.04 -2.34
N HIS A 50 -5.27 -7.17 -2.29
CA HIS A 50 -6.00 -8.33 -2.80
C HIS A 50 -5.44 -9.64 -2.21
N GLY A 51 -4.92 -9.59 -0.98
CA GLY A 51 -4.23 -10.68 -0.31
C GLY A 51 -2.95 -11.14 -1.00
N GLY A 52 -2.52 -10.48 -2.08
CA GLY A 52 -1.29 -10.76 -2.79
C GLY A 52 -0.22 -9.80 -2.31
N ARG A 53 0.94 -10.32 -1.94
CA ARG A 53 2.13 -9.54 -1.71
C ARG A 53 3.03 -9.59 -2.92
N GLY A 54 3.75 -8.51 -3.18
CA GLY A 54 4.73 -8.43 -4.23
C GLY A 54 5.40 -7.05 -4.24
N TRP A 55 6.43 -6.92 -5.08
CA TRP A 55 7.20 -5.71 -5.28
C TRP A 55 6.54 -4.81 -6.32
N PHE A 56 6.74 -3.50 -6.20
CA PHE A 56 6.21 -2.52 -7.16
C PHE A 56 7.07 -1.25 -7.17
N PRO A 57 7.28 -0.57 -8.31
CA PRO A 57 7.96 0.72 -8.34
C PRO A 57 7.11 1.74 -7.59
N LYS A 58 7.68 2.45 -6.62
CA LYS A 58 6.89 3.40 -5.84
C LYS A 58 6.36 4.56 -6.67
N SER A 59 6.94 4.82 -7.85
CA SER A 59 6.53 5.96 -8.63
C SER A 59 5.04 5.87 -9.02
N TYR A 60 4.49 4.67 -9.08
CA TYR A 60 3.12 4.38 -9.42
C TYR A 60 2.17 4.72 -8.28
N VAL A 61 2.66 5.03 -7.08
CA VAL A 61 1.87 5.14 -5.85
C VAL A 61 2.15 6.49 -5.18
N LYS A 62 1.48 6.77 -4.07
CA LYS A 62 1.90 7.78 -3.12
C LYS A 62 1.85 7.19 -1.72
N ILE A 63 2.77 7.57 -0.85
CA ILE A 63 2.55 7.47 0.59
C ILE A 63 1.39 8.38 0.93
N ILE A 64 0.71 8.01 2.00
CA ILE A 64 -0.45 8.67 2.56
C ILE A 64 -0.05 9.02 4.00
N PRO A 65 -0.66 10.05 4.61
CA PRO A 65 -0.57 10.22 6.05
C PRO A 65 -1.40 9.13 6.74
N GLY A 66 -2.66 8.99 6.35
CA GLY A 66 -3.62 8.13 7.04
C GLY A 66 -3.87 8.66 8.45
N SER A 67 -4.05 9.98 8.56
CA SER A 67 -4.27 10.70 9.80
C SER A 67 -5.73 10.46 10.18
N GLU A 68 -6.65 11.19 9.57
CA GLU A 68 -8.06 11.21 9.89
C GLU A 68 -8.81 11.38 8.58
N SER A 69 -10.14 11.22 8.60
CA SER A 69 -11.00 11.28 7.43
C SER A 69 -10.57 10.30 6.31
N GLY A 70 -10.07 9.12 6.72
CA GLY A 70 -9.82 8.00 5.83
C GLY A 70 -10.78 6.81 6.05
N PRO A 71 -12.12 6.96 5.92
CA PRO A 71 -13.03 5.84 6.08
C PRO A 71 -13.00 4.92 4.86
N SER A 72 -13.09 5.49 3.65
CA SER A 72 -13.31 4.78 2.39
C SER A 72 -14.50 3.79 2.41
N SER A 73 -14.64 3.03 1.32
CA SER A 73 -15.55 1.91 1.16
C SER A 73 -16.98 2.41 1.04
N GLY A 74 -17.39 2.78 -0.18
CA GLY A 74 -18.67 3.40 -0.44
C GLY A 74 -18.56 4.87 -0.10
N GLY A 1 -6.50 -2.84 27.13
CA GLY A 1 -5.37 -2.50 28.00
C GLY A 1 -4.85 -1.11 27.71
N SER A 2 -4.28 -0.49 28.74
CA SER A 2 -3.69 0.83 28.71
C SER A 2 -2.51 0.83 27.73
N SER A 3 -2.57 1.65 26.68
CA SER A 3 -1.48 1.82 25.73
C SER A 3 -1.33 3.30 25.39
N GLY A 4 -0.17 3.67 24.84
CA GLY A 4 0.21 5.05 24.61
C GLY A 4 -0.17 5.55 23.22
N SER A 5 -0.77 4.72 22.37
CA SER A 5 -0.90 4.92 20.93
C SER A 5 0.48 5.10 20.31
N SER A 6 1.05 4.00 19.83
CA SER A 6 2.47 3.91 19.56
C SER A 6 2.72 2.69 18.70
N GLY A 7 3.59 2.80 17.69
CA GLY A 7 3.94 1.70 16.80
C GLY A 7 2.68 1.16 16.14
N VAL A 8 2.07 1.98 15.30
CA VAL A 8 0.90 1.64 14.52
C VAL A 8 1.21 0.51 13.52
N GLU A 9 0.30 0.25 12.58
CA GLU A 9 0.47 -0.69 11.49
C GLU A 9 1.59 -0.23 10.54
N ASN A 10 1.90 -1.04 9.52
CA ASN A 10 2.86 -0.72 8.47
C ASN A 10 2.37 0.47 7.63
N LEU A 11 3.23 0.98 6.74
CA LEU A 11 2.94 2.08 5.84
C LEU A 11 1.83 1.63 4.88
N LYS A 12 0.98 2.56 4.42
CA LYS A 12 0.13 2.33 3.24
C LYS A 12 0.48 3.36 2.19
N ALA A 13 0.27 2.99 0.92
CA ALA A 13 0.37 3.88 -0.21
C ALA A 13 -0.85 3.61 -1.08
N GLN A 14 -1.49 4.69 -1.53
CA GLN A 14 -2.56 4.60 -2.51
C GLN A 14 -1.90 4.59 -3.89
N ALA A 15 -2.16 3.55 -4.68
CA ALA A 15 -1.71 3.49 -6.07
C ALA A 15 -2.33 4.60 -6.90
N LEU A 16 -1.58 5.10 -7.89
CA LEU A 16 -1.99 6.23 -8.73
C LEU A 16 -2.55 5.76 -10.07
N CYS A 17 -2.29 4.52 -10.49
CA CYS A 17 -2.81 3.94 -11.72
C CYS A 17 -2.70 2.43 -11.63
N SER A 18 -3.58 1.74 -12.35
CA SER A 18 -3.65 0.30 -12.48
C SER A 18 -2.38 -0.23 -13.13
N TRP A 19 -1.91 -1.42 -12.74
CA TRP A 19 -0.63 -1.95 -13.17
C TRP A 19 -0.58 -3.47 -12.99
N THR A 20 -0.71 -4.20 -14.09
CA THR A 20 -0.58 -5.66 -14.23
C THR A 20 0.82 -6.16 -13.87
N ALA A 21 0.96 -7.47 -13.60
CA ALA A 21 2.25 -8.16 -13.46
C ALA A 21 2.94 -8.31 -14.82
N LYS A 22 4.23 -8.67 -14.78
CA LYS A 22 5.12 -8.77 -15.92
C LYS A 22 6.23 -9.75 -15.55
N LYS A 23 7.09 -9.34 -14.61
CA LYS A 23 7.97 -10.25 -13.87
C LYS A 23 7.16 -10.98 -12.80
N ASP A 24 7.82 -11.85 -12.05
CA ASP A 24 7.20 -12.97 -11.31
C ASP A 24 6.99 -12.70 -9.82
N ASN A 25 7.54 -11.60 -9.29
CA ASN A 25 7.40 -11.19 -7.89
C ASN A 25 6.90 -9.75 -7.78
N HIS A 26 6.00 -9.34 -8.68
CA HIS A 26 5.28 -8.07 -8.59
C HIS A 26 3.98 -8.20 -7.78
N LEU A 27 3.46 -7.06 -7.32
CA LEU A 27 2.31 -6.92 -6.41
C LEU A 27 0.99 -6.99 -7.19
N ASN A 28 0.79 -6.04 -8.10
CA ASN A 28 -0.30 -5.93 -9.08
C ASN A 28 -1.48 -5.20 -8.42
N PHE A 29 -1.73 -3.94 -8.78
CA PHE A 29 -2.82 -3.13 -8.20
C PHE A 29 -3.66 -2.47 -9.31
N SER A 30 -4.76 -1.83 -8.94
CA SER A 30 -5.58 -0.99 -9.78
C SER A 30 -5.39 0.48 -9.40
N LYS A 31 -5.93 1.39 -10.22
CA LYS A 31 -5.96 2.82 -9.92
C LYS A 31 -6.69 3.02 -8.59
N HIS A 32 -5.97 3.61 -7.64
CA HIS A 32 -6.43 4.03 -6.34
C HIS A 32 -6.78 2.89 -5.40
N ASP A 33 -6.29 1.68 -5.66
CA ASP A 33 -6.17 0.71 -4.58
C ASP A 33 -5.28 1.28 -3.49
N ILE A 34 -5.56 0.86 -2.26
CA ILE A 34 -4.75 1.13 -1.09
C ILE A 34 -4.00 -0.17 -0.85
N ILE A 35 -2.69 -0.07 -0.68
CA ILE A 35 -1.84 -1.24 -0.53
C ILE A 35 -1.08 -1.04 0.77
N THR A 36 -1.00 -2.10 1.55
CA THR A 36 -0.19 -2.23 2.75
C THR A 36 1.24 -2.30 2.26
N VAL A 37 2.01 -1.22 2.40
CA VAL A 37 3.45 -1.25 2.17
C VAL A 37 4.09 -2.08 3.28
N LEU A 38 5.21 -2.75 3.00
CA LEU A 38 5.83 -3.69 3.92
C LEU A 38 7.35 -3.54 3.93
N GLU A 39 7.99 -3.47 2.77
CA GLU A 39 9.46 -3.41 2.63
C GLU A 39 9.80 -2.36 1.58
N GLN A 40 10.98 -1.74 1.63
CA GLN A 40 11.34 -0.66 0.71
C GLN A 40 12.79 -0.84 0.25
N GLN A 41 12.99 -1.16 -1.03
CA GLN A 41 14.23 -0.95 -1.79
C GLN A 41 14.23 0.49 -2.31
N GLU A 42 15.26 0.86 -3.08
CA GLU A 42 15.55 2.18 -3.61
C GLU A 42 14.31 2.88 -4.18
N ASN A 43 13.64 2.19 -5.08
CA ASN A 43 12.56 2.69 -5.92
C ASN A 43 11.46 1.65 -6.08
N TRP A 44 11.63 0.46 -5.48
CA TRP A 44 10.63 -0.60 -5.48
C TRP A 44 10.33 -0.96 -4.05
N TRP A 45 9.07 -1.15 -3.67
CA TRP A 45 8.65 -1.50 -2.32
C TRP A 45 7.85 -2.79 -2.42
N PHE A 46 7.93 -3.63 -1.40
CA PHE A 46 7.10 -4.80 -1.25
C PHE A 46 5.86 -4.33 -0.50
N GLY A 47 4.72 -4.93 -0.79
CA GLY A 47 3.48 -4.62 -0.12
C GLY A 47 2.46 -5.71 -0.41
N GLU A 48 1.25 -5.52 0.10
CA GLU A 48 0.15 -6.45 0.04
C GLU A 48 -1.15 -5.71 -0.24
N VAL A 49 -1.93 -6.21 -1.21
CA VAL A 49 -3.32 -5.77 -1.42
C VAL A 49 -4.13 -6.97 -1.90
N HIS A 50 -5.39 -7.06 -1.46
CA HIS A 50 -6.29 -8.20 -1.60
C HIS A 50 -5.68 -9.51 -1.10
N GLY A 51 -4.81 -9.43 -0.09
CA GLY A 51 -4.07 -10.57 0.42
C GLY A 51 -3.02 -11.11 -0.56
N GLY A 52 -2.68 -10.37 -1.62
CA GLY A 52 -1.60 -10.67 -2.54
C GLY A 52 -0.40 -9.81 -2.19
N ARG A 53 0.69 -10.42 -1.73
CA ARG A 53 1.99 -9.77 -1.48
C ARG A 53 2.83 -9.77 -2.76
N GLY A 54 3.66 -8.73 -2.97
CA GLY A 54 4.61 -8.63 -4.08
C GLY A 54 5.29 -7.25 -4.12
N TRP A 55 6.22 -7.04 -5.07
CA TRP A 55 6.95 -5.79 -5.23
C TRP A 55 6.25 -4.82 -6.19
N PHE A 56 6.55 -3.51 -6.07
CA PHE A 56 6.03 -2.53 -7.02
C PHE A 56 6.91 -1.29 -7.08
N PRO A 57 7.01 -0.57 -8.20
CA PRO A 57 7.77 0.68 -8.30
C PRO A 57 7.04 1.80 -7.55
N LYS A 58 7.72 2.54 -6.68
CA LYS A 58 7.08 3.57 -5.86
C LYS A 58 6.63 4.75 -6.71
N SER A 59 7.17 4.86 -7.93
CA SER A 59 6.86 5.90 -8.86
C SER A 59 5.34 5.89 -9.14
N TYR A 60 4.71 4.71 -9.03
CA TYR A 60 3.32 4.43 -9.36
C TYR A 60 2.34 4.74 -8.21
N VAL A 61 2.79 5.23 -7.06
CA VAL A 61 1.97 5.31 -5.84
C VAL A 61 2.16 6.66 -5.16
N LYS A 62 1.39 6.94 -4.11
CA LYS A 62 1.74 7.95 -3.11
C LYS A 62 1.55 7.36 -1.72
N ILE A 63 2.47 7.66 -0.80
CA ILE A 63 2.32 7.39 0.61
C ILE A 63 1.14 8.20 1.15
N ILE A 64 0.53 7.70 2.23
CA ILE A 64 -0.63 8.28 2.87
C ILE A 64 -0.33 8.40 4.37
N PRO A 65 -0.81 9.45 5.04
CA PRO A 65 -0.58 9.65 6.47
C PRO A 65 -1.49 8.77 7.33
N GLY A 66 -2.80 8.91 7.15
CA GLY A 66 -3.80 8.10 7.82
C GLY A 66 -5.21 8.55 7.49
N SER A 67 -6.15 7.62 7.56
CA SER A 67 -7.49 7.76 6.99
C SER A 67 -8.56 7.06 7.85
N GLU A 68 -8.42 7.08 9.17
CA GLU A 68 -9.33 6.39 10.06
C GLU A 68 -9.58 7.27 11.29
N SER A 69 -10.76 7.91 11.34
CA SER A 69 -11.18 8.77 12.44
C SER A 69 -11.61 7.91 13.64
N GLY A 70 -10.81 7.91 14.70
CA GLY A 70 -11.15 7.23 15.95
C GLY A 70 -12.41 7.81 16.62
N PRO A 71 -12.81 7.25 17.77
CA PRO A 71 -14.08 7.60 18.42
C PRO A 71 -14.08 9.08 18.80
N SER A 72 -13.11 9.50 19.62
CA SER A 72 -12.80 10.88 19.89
C SER A 72 -11.34 10.88 20.33
N SER A 73 -10.46 11.46 19.51
CA SER A 73 -9.02 11.46 19.74
C SER A 73 -8.63 12.32 20.94
N GLY A 74 -7.52 11.96 21.59
CA GLY A 74 -7.05 12.45 22.87
C GLY A 74 -6.09 11.42 23.45
N GLY A 1 -9.11 8.00 23.99
CA GLY A 1 -9.30 6.59 23.65
C GLY A 1 -9.08 6.38 22.17
N SER A 2 -8.87 5.12 21.75
CA SER A 2 -8.73 4.71 20.36
C SER A 2 -7.85 5.66 19.54
N SER A 3 -6.68 6.03 20.06
CA SER A 3 -5.64 6.71 19.29
C SER A 3 -4.21 6.45 19.80
N GLY A 4 -4.05 5.78 20.95
CA GLY A 4 -2.75 5.41 21.50
C GLY A 4 -1.82 6.62 21.54
N SER A 5 -0.56 6.42 21.19
CA SER A 5 0.41 7.47 20.94
C SER A 5 1.02 7.15 19.57
N SER A 6 2.06 6.30 19.50
CA SER A 6 2.72 5.98 18.24
C SER A 6 3.04 4.50 18.10
N GLY A 7 2.39 3.83 17.14
CA GLY A 7 2.69 2.48 16.68
C GLY A 7 1.39 1.78 16.33
N VAL A 8 1.05 1.68 15.04
CA VAL A 8 -0.18 1.07 14.54
C VAL A 8 0.17 0.15 13.37
N GLU A 9 -0.75 -0.10 12.45
CA GLU A 9 -0.54 -0.87 11.23
C GLU A 9 0.64 -0.32 10.42
N ASN A 10 1.13 -1.14 9.48
CA ASN A 10 2.21 -0.83 8.56
C ASN A 10 1.89 0.42 7.71
N LEU A 11 2.87 0.86 6.91
CA LEU A 11 2.69 1.98 6.01
C LEU A 11 1.65 1.57 4.97
N LYS A 12 0.90 2.53 4.44
CA LYS A 12 0.01 2.33 3.30
C LYS A 12 0.40 3.34 2.25
N ALA A 13 0.22 2.96 1.00
CA ALA A 13 0.40 3.83 -0.14
C ALA A 13 -0.72 3.55 -1.11
N GLN A 14 -1.39 4.61 -1.57
CA GLN A 14 -2.44 4.49 -2.53
C GLN A 14 -1.80 4.47 -3.91
N ALA A 15 -2.08 3.44 -4.71
CA ALA A 15 -1.67 3.36 -6.11
C ALA A 15 -2.35 4.46 -6.91
N LEU A 16 -1.64 4.99 -7.89
CA LEU A 16 -2.06 6.16 -8.65
C LEU A 16 -2.31 5.86 -10.12
N CYS A 17 -2.11 4.62 -10.56
CA CYS A 17 -2.53 4.15 -11.87
C CYS A 17 -2.45 2.63 -11.86
N SER A 18 -3.29 1.95 -12.64
CA SER A 18 -3.38 0.50 -12.68
C SER A 18 -2.08 -0.08 -13.26
N TRP A 19 -1.55 -1.18 -12.70
CA TRP A 19 -0.36 -1.84 -13.23
C TRP A 19 -0.38 -3.33 -12.91
N THR A 20 0.06 -4.12 -13.89
CA THR A 20 0.13 -5.57 -13.90
C THR A 20 1.44 -6.06 -13.30
N ALA A 21 1.44 -7.24 -12.70
CA ALA A 21 2.63 -7.95 -12.27
C ALA A 21 3.35 -8.49 -13.52
N LYS A 22 4.68 -8.63 -13.43
CA LYS A 22 5.56 -8.91 -14.57
C LYS A 22 6.66 -9.93 -14.22
N LYS A 23 6.77 -10.33 -12.96
CA LYS A 23 7.69 -11.32 -12.41
C LYS A 23 6.95 -12.01 -11.26
N ASP A 24 7.45 -13.15 -10.80
CA ASP A 24 6.80 -13.97 -9.77
C ASP A 24 6.64 -13.24 -8.43
N ASN A 25 7.52 -12.28 -8.12
CA ASN A 25 7.43 -11.52 -6.88
C ASN A 25 6.64 -10.21 -7.02
N HIS A 26 6.07 -9.86 -8.18
CA HIS A 26 5.42 -8.56 -8.33
C HIS A 26 4.03 -8.55 -7.67
N LEU A 27 3.62 -7.36 -7.25
CA LEU A 27 2.25 -7.00 -6.89
C LEU A 27 1.55 -6.53 -8.17
N ASN A 28 0.22 -6.61 -8.22
CA ASN A 28 -0.58 -5.88 -9.22
C ASN A 28 -1.74 -5.16 -8.57
N PHE A 29 -1.99 -3.93 -9.00
CA PHE A 29 -3.05 -3.08 -8.49
C PHE A 29 -3.79 -2.41 -9.62
N SER A 30 -4.93 -1.86 -9.27
CA SER A 30 -5.66 -0.86 -9.98
C SER A 30 -5.30 0.54 -9.48
N LYS A 31 -5.76 1.57 -10.21
CA LYS A 31 -5.70 2.95 -9.78
C LYS A 31 -6.58 3.09 -8.54
N HIS A 32 -6.11 3.92 -7.61
CA HIS A 32 -6.68 4.22 -6.30
C HIS A 32 -6.62 3.08 -5.30
N ASP A 33 -6.08 1.91 -5.63
CA ASP A 33 -5.99 0.79 -4.68
C ASP A 33 -5.13 1.18 -3.49
N ILE A 34 -5.40 0.57 -2.34
CA ILE A 34 -4.72 0.88 -1.09
C ILE A 34 -3.89 -0.32 -0.72
N ILE A 35 -2.58 -0.18 -0.87
CA ILE A 35 -1.67 -1.30 -0.72
C ILE A 35 -0.93 -1.04 0.59
N THR A 36 -0.96 -2.06 1.44
CA THR A 36 -0.27 -2.13 2.71
C THR A 36 1.21 -2.25 2.35
N VAL A 37 1.98 -1.17 2.47
CA VAL A 37 3.41 -1.17 2.25
C VAL A 37 4.06 -1.98 3.37
N LEU A 38 5.17 -2.66 3.08
CA LEU A 38 5.82 -3.55 4.05
C LEU A 38 7.36 -3.51 3.95
N GLU A 39 7.95 -3.13 2.82
CA GLU A 39 9.40 -3.20 2.63
C GLU A 39 9.78 -2.21 1.51
N GLN A 40 11.00 -1.66 1.52
CA GLN A 40 11.41 -0.59 0.62
C GLN A 40 12.86 -0.75 0.15
N GLN A 41 13.05 -1.22 -1.08
CA GLN A 41 14.29 -1.14 -1.85
C GLN A 41 14.50 0.30 -2.34
N GLU A 42 15.43 0.51 -3.28
CA GLU A 42 15.87 1.83 -3.75
C GLU A 42 14.74 2.70 -4.33
N ASN A 43 13.65 2.05 -4.75
CA ASN A 43 12.57 2.60 -5.56
C ASN A 43 11.44 1.60 -5.69
N TRP A 44 11.72 0.30 -5.59
CA TRP A 44 10.71 -0.73 -5.56
C TRP A 44 10.29 -0.92 -4.11
N TRP A 45 9.00 -0.99 -3.84
CA TRP A 45 8.44 -1.25 -2.51
C TRP A 45 7.68 -2.56 -2.57
N PHE A 46 7.70 -3.29 -1.47
CA PHE A 46 6.91 -4.47 -1.29
C PHE A 46 5.64 -4.02 -0.58
N GLY A 47 4.52 -4.61 -0.93
CA GLY A 47 3.29 -4.35 -0.22
C GLY A 47 2.22 -5.35 -0.65
N GLU A 48 1.05 -5.22 -0.03
CA GLU A 48 0.00 -6.23 0.00
C GLU A 48 -1.35 -5.59 -0.32
N VAL A 49 -2.00 -6.08 -1.37
CA VAL A 49 -3.37 -5.70 -1.75
C VAL A 49 -4.03 -6.88 -2.46
N HIS A 50 -5.38 -6.96 -2.47
CA HIS A 50 -6.12 -8.06 -3.10
C HIS A 50 -5.54 -9.42 -2.68
N GLY A 51 -5.28 -9.58 -1.38
CA GLY A 51 -4.80 -10.80 -0.76
C GLY A 51 -3.50 -11.34 -1.36
N GLY A 52 -2.67 -10.49 -1.95
CA GLY A 52 -1.34 -10.85 -2.43
C GLY A 52 -0.35 -9.78 -2.05
N ARG A 53 0.84 -10.20 -1.66
CA ARG A 53 2.04 -9.40 -1.44
C ARG A 53 2.90 -9.42 -2.70
N GLY A 54 3.63 -8.35 -2.98
CA GLY A 54 4.66 -8.36 -4.00
C GLY A 54 5.36 -7.00 -4.11
N TRP A 55 6.41 -6.95 -4.92
CA TRP A 55 7.17 -5.75 -5.25
C TRP A 55 6.47 -4.93 -6.30
N PHE A 56 6.65 -3.62 -6.26
CA PHE A 56 6.14 -2.71 -7.29
C PHE A 56 7.00 -1.44 -7.32
N PRO A 57 7.05 -0.71 -8.45
CA PRO A 57 7.74 0.57 -8.48
C PRO A 57 6.93 1.57 -7.66
N LYS A 58 7.51 2.10 -6.57
CA LYS A 58 6.88 3.11 -5.74
C LYS A 58 6.45 4.33 -6.54
N SER A 59 7.09 4.61 -7.68
CA SER A 59 6.80 5.81 -8.44
C SER A 59 5.32 5.82 -8.88
N TYR A 60 4.67 4.65 -8.89
CA TYR A 60 3.29 4.48 -9.31
C TYR A 60 2.31 4.84 -8.20
N VAL A 61 2.77 5.17 -6.99
CA VAL A 61 1.96 5.25 -5.79
C VAL A 61 2.39 6.49 -4.99
N LYS A 62 1.65 6.82 -3.93
CA LYS A 62 2.12 7.74 -2.90
C LYS A 62 1.80 7.19 -1.52
N ILE A 63 2.63 7.52 -0.54
CA ILE A 63 2.35 7.27 0.87
C ILE A 63 1.10 8.07 1.24
N ILE A 64 0.39 7.57 2.25
CA ILE A 64 -0.78 8.18 2.84
C ILE A 64 -0.49 8.34 4.34
N PRO A 65 -1.12 9.31 5.01
CA PRO A 65 -1.09 9.42 6.45
C PRO A 65 -2.18 8.49 7.00
N GLY A 66 -3.40 9.01 7.14
CA GLY A 66 -4.63 8.24 7.32
C GLY A 66 -5.60 8.58 6.20
N SER A 67 -6.57 7.70 5.97
CA SER A 67 -7.73 7.92 5.09
C SER A 67 -8.89 7.01 5.55
N GLU A 68 -8.99 6.78 6.85
CA GLU A 68 -10.01 5.97 7.51
C GLU A 68 -10.34 6.60 8.86
N SER A 69 -11.38 6.12 9.54
CA SER A 69 -11.67 6.33 10.95
C SER A 69 -12.61 5.20 11.34
N GLY A 70 -12.09 4.04 11.73
CA GLY A 70 -12.89 2.86 12.04
C GLY A 70 -12.28 2.06 13.20
N PRO A 71 -12.91 0.95 13.60
CA PRO A 71 -12.29 -0.01 14.49
C PRO A 71 -11.09 -0.65 13.81
N SER A 72 -9.95 -0.64 14.48
CA SER A 72 -8.66 -1.11 13.96
C SER A 72 -7.89 -1.74 15.11
N SER A 73 -7.63 -3.05 15.04
CA SER A 73 -6.53 -3.62 15.80
C SER A 73 -5.19 -3.14 15.24
N GLY A 74 -5.12 -2.93 13.92
CA GLY A 74 -3.84 -2.91 13.23
C GLY A 74 -3.26 -4.31 13.33
N GLY A 1 -19.59 -4.64 9.26
CA GLY A 1 -19.15 -3.45 8.51
C GLY A 1 -18.03 -3.79 7.56
N SER A 2 -18.01 -3.18 6.38
CA SER A 2 -16.87 -3.22 5.47
C SER A 2 -15.62 -2.68 6.19
N SER A 3 -14.47 -3.34 6.03
CA SER A 3 -13.25 -3.14 6.81
C SER A 3 -13.46 -3.26 8.32
N GLY A 4 -13.88 -2.20 8.99
CA GLY A 4 -13.75 -2.03 10.42
C GLY A 4 -13.23 -0.63 10.74
N SER A 5 -12.74 -0.46 11.96
CA SER A 5 -12.13 0.76 12.45
C SER A 5 -10.97 1.19 11.56
N SER A 6 -10.79 2.50 11.43
CA SER A 6 -9.64 3.11 10.80
C SER A 6 -8.53 3.15 11.84
N GLY A 7 -7.92 2.00 12.06
CA GLY A 7 -6.78 1.74 12.92
C GLY A 7 -6.08 0.58 12.24
N VAL A 8 -4.86 0.81 11.77
CA VAL A 8 -4.04 -0.14 11.02
C VAL A 8 -2.58 -0.06 11.51
N GLU A 9 -1.75 -1.00 11.07
CA GLU A 9 -0.31 -1.10 11.31
C GLU A 9 0.42 -1.03 9.97
N ASN A 10 1.74 -0.81 9.97
CA ASN A 10 2.61 -0.58 8.80
C ASN A 10 2.21 0.65 7.98
N LEU A 11 3.09 1.06 7.06
CA LEU A 11 2.82 2.08 6.06
C LEU A 11 1.73 1.59 5.09
N LYS A 12 0.93 2.49 4.51
CA LYS A 12 0.10 2.25 3.32
C LYS A 12 0.46 3.27 2.26
N ALA A 13 0.29 2.92 0.98
CA ALA A 13 0.33 3.86 -0.13
C ALA A 13 -0.91 3.60 -0.97
N GLN A 14 -1.49 4.66 -1.52
CA GLN A 14 -2.54 4.55 -2.51
C GLN A 14 -1.89 4.57 -3.90
N ALA A 15 -2.26 3.60 -4.74
CA ALA A 15 -1.84 3.51 -6.12
C ALA A 15 -2.42 4.65 -6.95
N LEU A 16 -1.57 5.31 -7.74
CA LEU A 16 -1.96 6.47 -8.56
C LEU A 16 -2.35 6.04 -9.98
N CYS A 17 -2.13 4.78 -10.36
CA CYS A 17 -2.45 4.19 -11.67
C CYS A 17 -2.66 2.69 -11.51
N SER A 18 -3.34 2.04 -12.46
CA SER A 18 -3.37 0.59 -12.55
C SER A 18 -2.04 0.08 -13.12
N TRP A 19 -1.67 -1.19 -12.87
CA TRP A 19 -0.49 -1.85 -13.44
C TRP A 19 -0.75 -3.37 -13.44
N THR A 20 0.22 -4.21 -13.81
CA THR A 20 0.11 -5.67 -13.67
C THR A 20 1.40 -6.22 -13.07
N ALA A 21 1.35 -7.43 -12.50
CA ALA A 21 2.54 -8.13 -12.06
C ALA A 21 3.31 -8.59 -13.31
N LYS A 22 4.63 -8.79 -13.18
CA LYS A 22 5.54 -9.11 -14.28
C LYS A 22 6.58 -10.17 -13.91
N LYS A 23 6.75 -10.43 -12.61
CA LYS A 23 7.39 -11.61 -12.05
C LYS A 23 6.36 -12.21 -11.10
N ASP A 24 6.59 -13.46 -10.70
CA ASP A 24 5.80 -14.22 -9.72
C ASP A 24 5.94 -13.65 -8.28
N ASN A 25 6.79 -12.62 -8.09
CA ASN A 25 6.90 -11.84 -6.85
C ASN A 25 6.55 -10.36 -7.06
N HIS A 26 5.98 -9.94 -8.20
CA HIS A 26 5.44 -8.59 -8.32
C HIS A 26 4.00 -8.56 -7.82
N LEU A 27 3.50 -7.36 -7.55
CA LEU A 27 2.14 -7.08 -7.10
C LEU A 27 1.30 -6.64 -8.32
N ASN A 28 -0.03 -6.81 -8.28
CA ASN A 28 -0.99 -6.35 -9.28
C ASN A 28 -2.13 -5.55 -8.63
N PHE A 29 -2.19 -4.23 -8.87
CA PHE A 29 -3.22 -3.32 -8.35
C PHE A 29 -3.91 -2.56 -9.48
N SER A 30 -4.94 -1.77 -9.13
CA SER A 30 -5.54 -0.77 -9.97
C SER A 30 -5.40 0.65 -9.40
N LYS A 31 -5.78 1.63 -10.21
CA LYS A 31 -5.82 3.05 -9.87
C LYS A 31 -6.75 3.25 -8.67
N HIS A 32 -6.18 3.85 -7.62
CA HIS A 32 -6.78 4.32 -6.37
C HIS A 32 -6.88 3.22 -5.32
N ASP A 33 -6.46 1.99 -5.61
CA ASP A 33 -6.40 0.92 -4.62
C ASP A 33 -5.39 1.29 -3.53
N ILE A 34 -5.55 0.72 -2.34
CA ILE A 34 -4.72 0.98 -1.17
C ILE A 34 -3.92 -0.29 -0.91
N ILE A 35 -2.60 -0.16 -0.79
CA ILE A 35 -1.69 -1.28 -0.63
C ILE A 35 -0.96 -1.09 0.69
N THR A 36 -0.92 -2.14 1.51
CA THR A 36 -0.15 -2.21 2.74
C THR A 36 1.31 -2.28 2.32
N VAL A 37 2.07 -1.23 2.60
CA VAL A 37 3.50 -1.22 2.36
C VAL A 37 4.17 -1.98 3.49
N LEU A 38 5.25 -2.66 3.17
CA LEU A 38 5.94 -3.53 4.10
C LEU A 38 7.42 -3.14 4.03
N GLU A 39 8.11 -3.50 2.94
CA GLU A 39 9.54 -3.28 2.75
C GLU A 39 9.74 -2.22 1.65
N GLN A 40 10.84 -1.46 1.64
CA GLN A 40 11.04 -0.34 0.73
C GLN A 40 12.50 -0.28 0.24
N GLN A 41 12.77 -0.75 -0.98
CA GLN A 41 14.06 -0.65 -1.65
C GLN A 41 14.23 0.76 -2.25
N GLU A 42 15.26 0.93 -3.07
CA GLU A 42 15.60 2.10 -3.88
C GLU A 42 14.38 2.80 -4.48
N ASN A 43 13.63 2.09 -5.31
CA ASN A 43 12.51 2.60 -6.10
C ASN A 43 11.37 1.60 -6.20
N TRP A 44 11.50 0.42 -5.59
CA TRP A 44 10.48 -0.62 -5.58
C TRP A 44 10.13 -0.91 -4.13
N TRP A 45 8.86 -1.12 -3.78
CA TRP A 45 8.42 -1.43 -2.44
C TRP A 45 7.71 -2.77 -2.48
N PHE A 46 7.83 -3.54 -1.40
CA PHE A 46 7.11 -4.77 -1.21
C PHE A 46 5.84 -4.37 -0.47
N GLY A 47 4.67 -4.64 -1.04
CA GLY A 47 3.42 -4.40 -0.36
C GLY A 47 2.31 -5.30 -0.86
N GLU A 48 1.19 -5.27 -0.16
CA GLU A 48 0.22 -6.34 -0.06
C GLU A 48 -1.18 -5.77 -0.21
N VAL A 49 -1.92 -6.28 -1.19
CA VAL A 49 -3.27 -5.82 -1.53
C VAL A 49 -4.07 -6.99 -2.10
N HIS A 50 -5.41 -6.93 -2.02
CA HIS A 50 -6.34 -7.90 -2.62
C HIS A 50 -6.23 -9.33 -2.05
N GLY A 51 -5.36 -9.59 -1.08
CA GLY A 51 -5.12 -10.91 -0.49
C GLY A 51 -3.75 -11.49 -0.83
N GLY A 52 -2.86 -10.74 -1.49
CA GLY A 52 -1.52 -11.20 -1.84
C GLY A 52 -0.47 -10.08 -1.80
N ARG A 53 0.77 -10.48 -1.55
CA ARG A 53 1.99 -9.68 -1.51
C ARG A 53 2.60 -9.53 -2.90
N GLY A 54 3.64 -8.70 -3.01
CA GLY A 54 4.50 -8.57 -4.17
C GLY A 54 5.31 -7.27 -4.11
N TRP A 55 6.27 -7.12 -5.01
CA TRP A 55 7.03 -5.89 -5.23
C TRP A 55 6.37 -5.00 -6.27
N PHE A 56 6.63 -3.69 -6.22
CA PHE A 56 6.11 -2.78 -7.25
C PHE A 56 6.93 -1.47 -7.31
N PRO A 57 6.98 -0.77 -8.46
CA PRO A 57 7.68 0.48 -8.62
C PRO A 57 6.97 1.56 -7.81
N LYS A 58 7.60 2.03 -6.73
CA LYS A 58 6.98 2.98 -5.83
C LYS A 58 6.54 4.26 -6.54
N SER A 59 7.17 4.63 -7.67
CA SER A 59 6.92 5.95 -8.21
C SER A 59 5.49 6.06 -8.75
N TYR A 60 4.81 4.92 -8.96
CA TYR A 60 3.43 4.84 -9.38
C TYR A 60 2.46 5.13 -8.22
N VAL A 61 2.90 5.15 -6.97
CA VAL A 61 2.02 5.20 -5.79
C VAL A 61 2.33 6.48 -5.01
N LYS A 62 1.49 6.85 -4.04
CA LYS A 62 1.82 7.88 -3.06
C LYS A 62 1.71 7.29 -1.66
N ILE A 63 2.63 7.66 -0.76
CA ILE A 63 2.46 7.42 0.66
C ILE A 63 1.24 8.24 1.09
N ILE A 64 0.51 7.71 2.06
CA ILE A 64 -0.66 8.37 2.63
C ILE A 64 -0.32 8.69 4.08
N PRO A 65 -0.75 9.84 4.61
CA PRO A 65 -0.56 10.20 6.00
C PRO A 65 -1.52 9.39 6.87
N GLY A 66 -2.81 9.62 6.70
CA GLY A 66 -3.90 8.80 7.21
C GLY A 66 -5.09 8.93 6.27
N SER A 67 -6.14 8.14 6.52
CA SER A 67 -7.41 8.22 5.80
C SER A 67 -8.47 7.55 6.67
N GLU A 68 -9.22 8.36 7.40
CA GLU A 68 -10.32 7.97 8.28
C GLU A 68 -11.47 8.99 8.17
N SER A 69 -12.43 8.96 9.09
CA SER A 69 -13.29 10.09 9.39
C SER A 69 -13.43 10.20 10.90
N GLY A 70 -13.66 11.42 11.38
CA GLY A 70 -13.60 11.84 12.76
C GLY A 70 -13.16 13.31 12.78
N PRO A 71 -12.97 13.92 13.96
CA PRO A 71 -12.44 15.27 14.09
C PRO A 71 -10.93 15.18 13.93
N SER A 72 -10.42 15.53 12.74
CA SER A 72 -9.00 15.53 12.46
C SER A 72 -8.24 16.42 13.45
N SER A 73 -6.98 16.09 13.76
CA SER A 73 -6.12 16.97 14.54
C SER A 73 -4.68 16.93 14.00
N GLY A 74 -3.97 15.83 14.23
CA GLY A 74 -2.58 15.62 13.89
C GLY A 74 -2.25 14.23 14.36
N GLY A 1 0.29 -4.07 19.84
CA GLY A 1 1.74 -4.03 19.80
C GLY A 1 2.26 -3.07 20.86
N SER A 2 3.16 -2.15 20.49
CA SER A 2 3.66 -1.10 21.35
C SER A 2 3.95 0.15 20.49
N SER A 3 2.91 0.94 20.21
CA SER A 3 2.97 2.32 19.73
C SER A 3 1.62 2.99 20.02
N GLY A 4 1.59 4.33 20.03
CA GLY A 4 0.41 5.11 20.30
C GLY A 4 0.69 6.57 20.00
N SER A 5 0.74 6.92 18.71
CA SER A 5 0.74 8.30 18.23
C SER A 5 0.38 8.29 16.74
N SER A 6 1.14 7.60 15.88
CA SER A 6 0.85 7.44 14.47
C SER A 6 1.83 6.41 13.91
N GLY A 7 1.36 5.54 13.00
CA GLY A 7 2.11 4.41 12.50
C GLY A 7 1.71 3.15 13.27
N VAL A 8 0.41 2.92 13.44
CA VAL A 8 -0.12 1.86 14.31
C VAL A 8 0.17 0.44 13.80
N GLU A 9 0.59 0.32 12.54
CA GLU A 9 0.82 -0.91 11.83
C GLU A 9 1.91 -0.62 10.80
N ASN A 10 1.86 -1.28 9.65
CA ASN A 10 2.68 -1.00 8.48
C ASN A 10 2.35 0.37 7.85
N LEU A 11 3.13 0.77 6.85
CA LEU A 11 2.90 1.89 5.96
C LEU A 11 1.79 1.50 4.98
N LYS A 12 0.91 2.42 4.57
CA LYS A 12 0.08 2.21 3.39
C LYS A 12 0.39 3.31 2.39
N ALA A 13 0.21 2.99 1.11
CA ALA A 13 0.40 3.92 0.02
C ALA A 13 -0.69 3.63 -1.01
N GLN A 14 -1.26 4.69 -1.57
CA GLN A 14 -2.34 4.62 -2.53
C GLN A 14 -1.75 4.56 -3.94
N ALA A 15 -2.10 3.52 -4.72
CA ALA A 15 -1.77 3.40 -6.13
C ALA A 15 -2.40 4.53 -6.94
N LEU A 16 -1.73 4.94 -8.01
CA LEU A 16 -2.09 6.10 -8.84
C LEU A 16 -2.54 5.71 -10.25
N CYS A 17 -2.34 4.45 -10.62
CA CYS A 17 -2.64 3.82 -11.89
C CYS A 17 -3.03 2.38 -11.59
N SER A 18 -3.60 1.70 -12.57
CA SER A 18 -3.93 0.27 -12.57
C SER A 18 -2.74 -0.48 -13.18
N TRP A 19 -2.23 -1.53 -12.53
CA TRP A 19 -1.02 -2.20 -12.98
C TRP A 19 -1.01 -3.66 -12.55
N THR A 20 -0.73 -4.57 -13.48
CA THR A 20 -0.60 -6.00 -13.21
C THR A 20 0.82 -6.37 -12.79
N ALA A 21 1.04 -7.61 -12.32
CA ALA A 21 2.35 -8.13 -11.99
C ALA A 21 3.12 -8.51 -13.27
N LYS A 22 4.45 -8.40 -13.28
CA LYS A 22 5.30 -8.67 -14.47
C LYS A 22 6.57 -9.49 -14.23
N LYS A 23 6.98 -9.71 -12.99
CA LYS A 23 8.21 -10.42 -12.61
C LYS A 23 7.90 -11.34 -11.44
N ASP A 24 6.76 -12.03 -11.55
CA ASP A 24 6.09 -12.94 -10.62
C ASP A 24 5.85 -12.32 -9.26
N ASN A 25 6.90 -12.10 -8.47
CA ASN A 25 6.83 -11.45 -7.16
C ASN A 25 6.54 -9.94 -7.26
N HIS A 26 5.86 -9.47 -8.31
CA HIS A 26 5.32 -8.13 -8.34
C HIS A 26 3.93 -8.12 -7.71
N LEU A 27 3.54 -6.99 -7.16
CA LEU A 27 2.20 -6.69 -6.67
C LEU A 27 1.31 -6.40 -7.88
N ASN A 28 -0.02 -6.49 -7.75
CA ASN A 28 -0.95 -5.87 -8.70
C ASN A 28 -2.13 -5.19 -7.99
N PHE A 29 -2.48 -4.01 -8.50
CA PHE A 29 -3.52 -3.12 -7.98
C PHE A 29 -4.29 -2.47 -9.10
N SER A 30 -5.45 -1.96 -8.74
CA SER A 30 -6.16 -0.99 -9.50
C SER A 30 -5.76 0.44 -9.09
N LYS A 31 -6.21 1.39 -9.89
CA LYS A 31 -6.05 2.82 -9.67
C LYS A 31 -6.76 3.23 -8.40
N HIS A 32 -6.11 4.05 -7.60
CA HIS A 32 -6.60 4.61 -6.36
C HIS A 32 -6.91 3.53 -5.32
N ASP A 33 -6.38 2.32 -5.47
CA ASP A 33 -6.38 1.31 -4.42
C ASP A 33 -5.36 1.67 -3.37
N ILE A 34 -5.53 1.11 -2.18
CA ILE A 34 -4.67 1.30 -1.03
C ILE A 34 -3.98 -0.03 -0.83
N ILE A 35 -2.66 -0.02 -0.69
CA ILE A 35 -1.87 -1.23 -0.58
C ILE A 35 -1.11 -1.11 0.72
N THR A 36 -1.04 -2.22 1.43
CA THR A 36 -0.27 -2.43 2.64
C THR A 36 1.18 -2.44 2.19
N VAL A 37 1.92 -1.35 2.34
CA VAL A 37 3.36 -1.35 2.13
C VAL A 37 3.96 -2.21 3.25
N LEU A 38 5.08 -2.90 2.98
CA LEU A 38 5.70 -3.82 3.92
C LEU A 38 7.22 -3.72 3.95
N GLU A 39 7.88 -3.29 2.86
CA GLU A 39 9.32 -3.06 2.84
C GLU A 39 9.69 -2.09 1.71
N GLN A 40 10.91 -1.54 1.70
CA GLN A 40 11.33 -0.51 0.77
C GLN A 40 12.77 -0.75 0.31
N GLN A 41 12.99 -0.97 -0.99
CA GLN A 41 14.28 -1.01 -1.67
C GLN A 41 14.56 0.37 -2.30
N GLU A 42 15.55 0.47 -3.19
CA GLU A 42 16.04 1.73 -3.78
C GLU A 42 14.90 2.60 -4.32
N ASN A 43 13.95 1.98 -5.03
CA ASN A 43 12.81 2.64 -5.67
C ASN A 43 11.58 1.74 -5.74
N TRP A 44 11.72 0.47 -5.38
CA TRP A 44 10.68 -0.56 -5.38
C TRP A 44 10.31 -0.85 -3.94
N TRP A 45 9.04 -1.05 -3.61
CA TRP A 45 8.56 -1.38 -2.26
C TRP A 45 7.82 -2.70 -2.34
N PHE A 46 7.90 -3.50 -1.28
CA PHE A 46 7.11 -4.70 -1.13
C PHE A 46 5.81 -4.28 -0.48
N GLY A 47 4.72 -4.99 -0.73
CA GLY A 47 3.45 -4.72 -0.11
C GLY A 47 2.46 -5.83 -0.41
N GLU A 48 1.22 -5.69 0.05
CA GLU A 48 0.14 -6.64 -0.12
C GLU A 48 -1.20 -5.93 -0.33
N VAL A 49 -1.92 -6.36 -1.37
CA VAL A 49 -3.32 -5.98 -1.62
C VAL A 49 -3.99 -7.17 -2.32
N HIS A 50 -5.32 -7.29 -2.22
CA HIS A 50 -6.08 -8.45 -2.68
C HIS A 50 -5.55 -9.78 -2.11
N GLY A 51 -4.94 -9.73 -0.92
CA GLY A 51 -4.35 -10.87 -0.24
C GLY A 51 -3.16 -11.46 -0.98
N GLY A 52 -2.50 -10.66 -1.81
CA GLY A 52 -1.35 -11.04 -2.61
C GLY A 52 -0.22 -10.06 -2.39
N ARG A 53 0.87 -10.54 -1.78
CA ARG A 53 2.13 -9.83 -1.61
C ARG A 53 2.86 -9.67 -2.95
N GLY A 54 3.72 -8.64 -3.04
CA GLY A 54 4.65 -8.45 -4.15
C GLY A 54 5.31 -7.09 -4.13
N TRP A 55 6.30 -6.89 -5.00
CA TRP A 55 7.05 -5.66 -5.21
C TRP A 55 6.36 -4.73 -6.19
N PHE A 56 6.60 -3.43 -6.08
CA PHE A 56 6.07 -2.49 -7.09
C PHE A 56 6.95 -1.24 -7.19
N PRO A 57 7.02 -0.58 -8.35
CA PRO A 57 7.75 0.68 -8.50
C PRO A 57 6.99 1.80 -7.77
N LYS A 58 7.63 2.50 -6.82
CA LYS A 58 6.90 3.47 -5.98
C LYS A 58 6.37 4.64 -6.79
N SER A 59 6.91 4.89 -7.97
CA SER A 59 6.54 6.02 -8.79
C SER A 59 5.07 5.87 -9.23
N TYR A 60 4.51 4.65 -9.17
CA TYR A 60 3.12 4.32 -9.46
C TYR A 60 2.19 4.62 -8.28
N VAL A 61 2.69 5.01 -7.11
CA VAL A 61 1.93 5.16 -5.88
C VAL A 61 2.34 6.47 -5.20
N LYS A 62 1.73 6.81 -4.06
CA LYS A 62 2.26 7.82 -3.13
C LYS A 62 2.03 7.34 -1.71
N ILE A 63 2.90 7.70 -0.76
CA ILE A 63 2.63 7.49 0.66
C ILE A 63 1.51 8.41 1.09
N ILE A 64 0.71 7.87 2.00
CA ILE A 64 -0.45 8.49 2.59
C ILE A 64 -0.30 8.36 4.11
N PRO A 65 -0.85 9.29 4.91
CA PRO A 65 -0.82 9.26 6.38
C PRO A 65 -1.96 8.44 6.99
N GLY A 66 -2.76 7.76 6.16
CA GLY A 66 -4.12 7.38 6.44
C GLY A 66 -5.04 8.51 6.04
N SER A 67 -6.24 8.18 5.60
CA SER A 67 -7.27 9.11 5.15
C SER A 67 -8.61 8.71 5.78
N GLU A 68 -8.57 8.37 7.06
CA GLU A 68 -9.65 7.69 7.78
C GLU A 68 -9.90 8.42 9.12
N SER A 69 -9.00 8.25 10.10
CA SER A 69 -8.90 9.18 11.20
C SER A 69 -8.32 10.48 10.65
N GLY A 70 -8.87 11.59 11.12
CA GLY A 70 -8.58 12.94 10.69
C GLY A 70 -9.54 13.85 11.44
N PRO A 71 -10.68 14.26 10.83
CA PRO A 71 -11.72 15.02 11.53
C PRO A 71 -12.32 14.15 12.64
N SER A 72 -12.99 14.81 13.58
CA SER A 72 -13.42 14.26 14.84
C SER A 72 -12.23 13.68 15.61
N SER A 73 -11.55 14.53 16.38
CA SER A 73 -10.72 14.08 17.48
C SER A 73 -11.63 13.43 18.52
N GLY A 74 -12.32 14.24 19.33
CA GLY A 74 -12.66 13.83 20.68
C GLY A 74 -11.33 13.70 21.40
N GLY A 1 -6.45 1.34 20.06
CA GLY A 1 -5.65 0.30 20.73
C GLY A 1 -5.08 0.85 22.03
N SER A 2 -3.77 0.69 22.24
CA SER A 2 -3.04 1.11 23.44
C SER A 2 -2.18 2.34 23.12
N SER A 3 -1.20 2.24 22.23
CA SER A 3 -0.31 3.32 21.85
C SER A 3 -0.47 3.61 20.35
N GLY A 4 0.35 4.53 19.84
CA GLY A 4 0.50 4.91 18.45
C GLY A 4 1.04 6.34 18.37
N SER A 5 1.51 6.74 17.20
CA SER A 5 1.89 8.12 16.87
C SER A 5 1.34 8.43 15.48
N SER A 6 0.01 8.34 15.34
CA SER A 6 -0.73 8.37 14.09
C SER A 6 -0.28 7.29 13.10
N GLY A 7 -0.75 7.34 11.85
CA GLY A 7 -0.33 6.42 10.81
C GLY A 7 -1.04 5.08 10.95
N VAL A 8 -0.54 4.25 11.87
CA VAL A 8 -1.04 3.01 12.43
C VAL A 8 -0.60 1.82 11.58
N GLU A 9 -0.38 0.65 12.21
CA GLU A 9 0.00 -0.60 11.56
C GLU A 9 1.33 -0.45 10.81
N ASN A 10 1.33 -0.70 9.51
CA ASN A 10 2.49 -0.59 8.63
C ASN A 10 2.32 0.65 7.76
N LEU A 11 3.28 1.01 6.90
CA LEU A 11 3.06 2.10 5.97
C LEU A 11 1.95 1.65 5.02
N LYS A 12 1.08 2.56 4.59
CA LYS A 12 0.11 2.32 3.52
C LYS A 12 0.37 3.37 2.45
N ALA A 13 0.05 3.04 1.20
CA ALA A 13 0.29 3.90 0.06
C ALA A 13 -0.75 3.60 -1.01
N GLN A 14 -1.41 4.65 -1.49
CA GLN A 14 -2.44 4.56 -2.50
C GLN A 14 -1.79 4.57 -3.88
N ALA A 15 -2.09 3.57 -4.72
CA ALA A 15 -1.66 3.51 -6.10
C ALA A 15 -2.21 4.69 -6.91
N LEU A 16 -1.43 5.20 -7.86
CA LEU A 16 -1.74 6.34 -8.73
C LEU A 16 -2.06 5.92 -10.15
N CYS A 17 -1.90 4.64 -10.49
CA CYS A 17 -2.11 4.05 -11.80
C CYS A 17 -2.58 2.62 -11.58
N SER A 18 -3.08 1.95 -12.62
CA SER A 18 -3.28 0.51 -12.64
C SER A 18 -1.97 -0.13 -13.12
N TRP A 19 -1.63 -1.32 -12.61
CA TRP A 19 -0.49 -2.10 -13.09
C TRP A 19 -0.66 -3.58 -12.73
N THR A 20 0.11 -4.45 -13.38
CA THR A 20 -0.03 -5.90 -13.36
C THR A 20 1.32 -6.55 -13.04
N ALA A 21 1.32 -7.80 -12.57
CA ALA A 21 2.55 -8.48 -12.24
C ALA A 21 3.31 -8.84 -13.52
N LYS A 22 4.62 -9.12 -13.37
CA LYS A 22 5.54 -9.40 -14.48
C LYS A 22 6.42 -10.57 -14.09
N LYS A 23 7.07 -10.49 -12.93
CA LYS A 23 7.69 -11.64 -12.27
C LYS A 23 6.73 -12.11 -11.20
N ASP A 24 6.95 -13.31 -10.69
CA ASP A 24 6.07 -14.00 -9.74
C ASP A 24 5.82 -13.14 -8.52
N ASN A 25 6.91 -12.69 -7.87
CA ASN A 25 6.83 -11.91 -6.64
C ASN A 25 6.51 -10.43 -6.92
N HIS A 26 5.78 -10.09 -7.97
CA HIS A 26 5.30 -8.73 -8.22
C HIS A 26 3.86 -8.57 -7.71
N LEU A 27 3.56 -7.37 -7.22
CA LEU A 27 2.22 -6.93 -6.86
C LEU A 27 1.50 -6.51 -8.15
N ASN A 28 0.18 -6.36 -8.08
CA ASN A 28 -0.70 -5.88 -9.14
C ASN A 28 -1.83 -5.11 -8.47
N PHE A 29 -2.10 -3.89 -8.93
CA PHE A 29 -3.10 -2.99 -8.34
C PHE A 29 -3.84 -2.21 -9.41
N SER A 30 -4.79 -1.40 -8.97
CA SER A 30 -5.54 -0.47 -9.75
C SER A 30 -5.42 0.97 -9.26
N LYS A 31 -5.95 1.91 -10.05
CA LYS A 31 -5.84 3.33 -9.78
C LYS A 31 -6.64 3.68 -8.53
N HIS A 32 -5.97 4.38 -7.62
CA HIS A 32 -6.45 4.81 -6.32
C HIS A 32 -6.70 3.64 -5.36
N ASP A 33 -6.26 2.42 -5.69
CA ASP A 33 -6.33 1.30 -4.75
C ASP A 33 -5.34 1.56 -3.63
N ILE A 34 -5.61 1.00 -2.45
CA ILE A 34 -4.77 1.14 -1.27
C ILE A 34 -4.05 -0.18 -1.10
N ILE A 35 -2.75 -0.12 -0.85
CA ILE A 35 -1.90 -1.29 -0.64
C ILE A 35 -1.18 -1.04 0.66
N THR A 36 -1.05 -2.10 1.47
CA THR A 36 -0.20 -2.13 2.65
C THR A 36 1.24 -2.13 2.14
N VAL A 37 2.02 -1.11 2.45
CA VAL A 37 3.46 -1.16 2.23
C VAL A 37 4.07 -1.96 3.37
N LEU A 38 5.17 -2.67 3.09
CA LEU A 38 5.85 -3.49 4.08
C LEU A 38 7.35 -3.22 4.08
N GLU A 39 7.94 -3.02 2.90
CA GLU A 39 9.39 -3.05 2.70
C GLU A 39 9.72 -2.06 1.58
N GLN A 40 10.89 -1.42 1.61
CA GLN A 40 11.27 -0.38 0.67
C GLN A 40 12.71 -0.56 0.19
N GLN A 41 12.88 -1.04 -1.03
CA GLN A 41 14.15 -0.95 -1.75
C GLN A 41 14.26 0.45 -2.37
N GLU A 42 15.31 0.67 -3.16
CA GLU A 42 15.65 1.89 -3.90
C GLU A 42 14.47 2.65 -4.54
N ASN A 43 13.46 1.90 -4.97
CA ASN A 43 12.44 2.28 -5.94
C ASN A 43 11.31 1.28 -5.82
N TRP A 44 11.66 0.00 -5.86
CA TRP A 44 10.75 -1.11 -5.71
C TRP A 44 10.37 -1.24 -4.25
N TRP A 45 9.10 -1.23 -3.89
CA TRP A 45 8.61 -1.48 -2.55
C TRP A 45 7.81 -2.77 -2.57
N PHE A 46 7.80 -3.48 -1.46
CA PHE A 46 7.04 -4.70 -1.28
C PHE A 46 5.81 -4.31 -0.49
N GLY A 47 4.67 -4.84 -0.86
CA GLY A 47 3.40 -4.53 -0.23
C GLY A 47 2.35 -5.56 -0.58
N GLU A 48 1.14 -5.39 -0.04
CA GLU A 48 0.09 -6.39 -0.02
C GLU A 48 -1.27 -5.80 -0.34
N VAL A 49 -1.93 -6.32 -1.38
CA VAL A 49 -3.30 -5.91 -1.74
C VAL A 49 -4.05 -7.06 -2.40
N HIS A 50 -5.39 -7.01 -2.35
CA HIS A 50 -6.37 -7.96 -2.88
C HIS A 50 -6.39 -9.25 -2.07
N GLY A 51 -5.23 -9.79 -1.74
CA GLY A 51 -5.09 -11.09 -1.11
C GLY A 51 -3.71 -11.67 -1.37
N GLY A 52 -2.69 -10.84 -1.52
CA GLY A 52 -1.36 -11.27 -1.87
C GLY A 52 -0.39 -10.11 -1.85
N ARG A 53 0.90 -10.45 -1.78
CA ARG A 53 2.05 -9.57 -1.69
C ARG A 53 2.78 -9.49 -3.03
N GLY A 54 3.79 -8.62 -3.09
CA GLY A 54 4.76 -8.56 -4.16
C GLY A 54 5.44 -7.19 -4.22
N TRP A 55 6.46 -7.09 -5.06
CA TRP A 55 7.21 -5.87 -5.37
C TRP A 55 6.46 -5.01 -6.38
N PHE A 56 6.69 -3.70 -6.35
CA PHE A 56 6.20 -2.76 -7.36
C PHE A 56 6.99 -1.45 -7.30
N PRO A 57 7.03 -0.62 -8.37
CA PRO A 57 7.74 0.65 -8.31
C PRO A 57 6.92 1.68 -7.51
N LYS A 58 7.53 2.27 -6.48
CA LYS A 58 6.89 3.29 -5.64
C LYS A 58 6.49 4.54 -6.44
N SER A 59 7.04 4.76 -7.62
CA SER A 59 6.72 5.93 -8.43
C SER A 59 5.24 5.89 -8.83
N TYR A 60 4.66 4.69 -8.87
CA TYR A 60 3.30 4.43 -9.30
C TYR A 60 2.31 4.63 -8.16
N VAL A 61 2.73 5.07 -6.97
CA VAL A 61 1.91 5.14 -5.76
C VAL A 61 2.17 6.47 -5.05
N LYS A 62 1.47 6.76 -3.95
CA LYS A 62 1.90 7.79 -3.00
C LYS A 62 1.69 7.31 -1.58
N ILE A 63 2.64 7.63 -0.69
CA ILE A 63 2.49 7.38 0.73
C ILE A 63 1.30 8.22 1.24
N ILE A 64 0.62 7.72 2.26
CA ILE A 64 -0.53 8.34 2.90
C ILE A 64 -0.24 8.46 4.39
N PRO A 65 -0.75 9.48 5.10
CA PRO A 65 -0.48 9.73 6.51
C PRO A 65 -1.59 9.23 7.45
N GLY A 66 -2.62 8.58 6.94
CA GLY A 66 -3.79 8.13 7.68
C GLY A 66 -4.78 7.49 6.71
N SER A 67 -5.94 7.08 7.22
CA SER A 67 -7.00 6.51 6.42
C SER A 67 -8.36 6.98 6.96
N GLU A 68 -8.80 6.42 8.08
CA GLU A 68 -10.20 6.10 8.37
C GLU A 68 -10.74 5.07 7.36
N SER A 69 -11.65 4.22 7.84
CA SER A 69 -12.66 3.55 7.04
C SER A 69 -14.01 4.14 7.43
N GLY A 70 -14.46 5.17 6.72
CA GLY A 70 -15.73 5.86 6.90
C GLY A 70 -16.87 4.94 7.35
N PRO A 71 -17.30 3.97 6.52
CA PRO A 71 -18.32 2.99 6.88
C PRO A 71 -17.76 1.94 7.85
N SER A 72 -17.52 2.35 9.10
CA SER A 72 -17.10 1.45 10.15
C SER A 72 -17.59 2.00 11.49
N SER A 73 -18.73 1.50 11.95
CA SER A 73 -19.17 1.60 13.32
C SER A 73 -18.18 0.79 14.17
N GLY A 74 -17.47 1.42 15.11
CA GLY A 74 -16.38 0.77 15.83
C GLY A 74 -15.88 1.69 16.91
N GLY A 1 -7.86 9.87 26.39
CA GLY A 1 -6.66 10.73 26.38
C GLY A 1 -5.63 10.21 27.36
N SER A 2 -4.36 10.18 26.97
CA SER A 2 -3.19 9.52 27.57
C SER A 2 -2.16 9.38 26.44
N SER A 3 -0.90 9.04 26.73
CA SER A 3 -0.08 8.41 25.69
C SER A 3 -0.57 6.97 25.53
N GLY A 4 -0.26 6.37 24.39
CA GLY A 4 -0.53 4.98 24.05
C GLY A 4 0.73 4.38 23.42
N SER A 5 0.67 3.12 23.01
CA SER A 5 1.82 2.48 22.39
C SER A 5 1.97 2.93 20.94
N SER A 6 3.18 3.40 20.62
CA SER A 6 3.63 3.62 19.26
C SER A 6 3.64 2.28 18.52
N GLY A 7 3.33 2.30 17.23
CA GLY A 7 3.29 1.12 16.39
C GLY A 7 2.34 1.40 15.23
N VAL A 8 1.04 1.28 15.51
CA VAL A 8 -0.07 1.18 14.57
C VAL A 8 0.25 0.21 13.42
N GLU A 9 -0.55 0.26 12.36
CA GLU A 9 -0.32 -0.55 11.18
C GLU A 9 0.92 -0.08 10.41
N ASN A 10 1.30 -0.84 9.38
CA ASN A 10 2.35 -0.57 8.43
C ASN A 10 2.13 0.77 7.72
N LEU A 11 3.07 1.14 6.86
CA LEU A 11 2.85 2.18 5.88
C LEU A 11 1.75 1.66 4.94
N LYS A 12 0.83 2.52 4.50
CA LYS A 12 -0.04 2.26 3.36
C LYS A 12 0.28 3.34 2.35
N ALA A 13 0.15 3.00 1.06
CA ALA A 13 0.35 3.90 -0.04
C ALA A 13 -0.76 3.65 -1.05
N GLN A 14 -1.37 4.74 -1.53
CA GLN A 14 -2.42 4.69 -2.53
C GLN A 14 -1.73 4.63 -3.90
N ALA A 15 -2.01 3.58 -4.68
CA ALA A 15 -1.62 3.49 -6.08
C ALA A 15 -2.21 4.62 -6.92
N LEU A 16 -1.48 5.06 -7.94
CA LEU A 16 -1.78 6.19 -8.82
C LEU A 16 -1.65 5.79 -10.30
N CYS A 17 -1.48 4.49 -10.58
CA CYS A 17 -1.47 3.93 -11.93
C CYS A 17 -1.96 2.50 -11.79
N SER A 18 -2.70 1.98 -12.76
CA SER A 18 -3.08 0.57 -12.80
C SER A 18 -1.94 -0.21 -13.47
N TRP A 19 -1.41 -1.25 -12.84
CA TRP A 19 -0.33 -2.04 -13.38
C TRP A 19 -0.60 -3.53 -13.13
N THR A 20 -0.22 -4.35 -14.11
CA THR A 20 -0.39 -5.79 -14.09
C THR A 20 0.96 -6.42 -13.70
N ALA A 21 0.93 -7.60 -13.08
CA ALA A 21 2.17 -8.29 -12.70
C ALA A 21 2.92 -8.73 -13.96
N LYS A 22 4.18 -9.13 -13.78
CA LYS A 22 5.01 -9.73 -14.82
C LYS A 22 5.79 -10.85 -14.16
N LYS A 23 6.84 -10.48 -13.43
CA LYS A 23 7.66 -11.44 -12.69
C LYS A 23 6.88 -11.94 -11.48
N ASP A 24 7.35 -13.05 -10.91
CA ASP A 24 6.73 -13.82 -9.83
C ASP A 24 6.23 -12.89 -8.73
N ASN A 25 7.16 -12.18 -8.06
CA ASN A 25 6.82 -11.30 -6.97
C ASN A 25 6.72 -9.89 -7.54
N HIS A 26 5.84 -9.64 -8.51
CA HIS A 26 5.35 -8.30 -8.79
C HIS A 26 3.96 -8.16 -8.19
N LEU A 27 3.71 -7.13 -7.39
CA LEU A 27 2.38 -6.80 -6.87
C LEU A 27 1.61 -6.16 -8.02
N ASN A 28 0.35 -6.53 -8.21
CA ASN A 28 -0.55 -5.93 -9.20
C ASN A 28 -1.70 -5.21 -8.50
N PHE A 29 -1.96 -3.97 -8.90
CA PHE A 29 -3.02 -3.11 -8.40
C PHE A 29 -3.61 -2.31 -9.56
N SER A 30 -4.79 -1.73 -9.34
CA SER A 30 -5.34 -0.68 -10.18
C SER A 30 -4.98 0.69 -9.58
N LYS A 31 -5.38 1.77 -10.27
CA LYS A 31 -5.23 3.13 -9.76
C LYS A 31 -6.19 3.36 -8.60
N HIS A 32 -5.78 4.22 -7.69
CA HIS A 32 -6.43 4.60 -6.45
C HIS A 32 -6.64 3.45 -5.46
N ASP A 33 -6.09 2.27 -5.75
CA ASP A 33 -6.08 1.11 -4.86
C ASP A 33 -5.20 1.44 -3.66
N ILE A 34 -5.38 0.75 -2.54
CA ILE A 34 -4.65 1.01 -1.31
C ILE A 34 -3.88 -0.26 -0.99
N ILE A 35 -2.56 -0.14 -0.83
CA ILE A 35 -1.70 -1.28 -0.62
C ILE A 35 -1.02 -1.06 0.72
N THR A 36 -1.00 -2.10 1.52
CA THR A 36 -0.26 -2.20 2.77
C THR A 36 1.20 -2.28 2.34
N VAL A 37 1.95 -1.20 2.45
CA VAL A 37 3.40 -1.23 2.22
C VAL A 37 4.02 -2.08 3.33
N LEU A 38 5.15 -2.71 3.07
CA LEU A 38 5.80 -3.61 4.01
C LEU A 38 7.32 -3.42 4.02
N GLU A 39 7.97 -3.31 2.86
CA GLU A 39 9.42 -3.16 2.72
C GLU A 39 9.72 -2.11 1.65
N GLN A 40 10.93 -1.54 1.61
CA GLN A 40 11.28 -0.46 0.70
C GLN A 40 12.71 -0.64 0.17
N GLN A 41 12.87 -0.92 -1.12
CA GLN A 41 14.13 -0.83 -1.87
C GLN A 41 14.30 0.59 -2.43
N GLU A 42 15.31 0.79 -3.30
CA GLU A 42 15.68 2.06 -3.94
C GLU A 42 14.44 2.80 -4.48
N ASN A 43 13.60 2.08 -5.22
CA ASN A 43 12.40 2.58 -5.90
C ASN A 43 11.34 1.50 -6.03
N TRP A 44 11.59 0.30 -5.51
CA TRP A 44 10.64 -0.82 -5.55
C TRP A 44 10.21 -1.04 -4.13
N TRP A 45 8.91 -1.15 -3.84
CA TRP A 45 8.39 -1.38 -2.51
C TRP A 45 7.71 -2.72 -2.50
N PHE A 46 7.71 -3.35 -1.34
CA PHE A 46 7.00 -4.58 -1.08
C PHE A 46 5.76 -4.20 -0.29
N GLY A 47 4.74 -5.02 -0.36
CA GLY A 47 3.43 -4.65 0.10
C GLY A 47 2.41 -5.73 -0.23
N GLU A 48 1.20 -5.61 0.30
CA GLU A 48 0.15 -6.61 0.24
C GLU A 48 -1.19 -5.93 -0.07
N VAL A 49 -1.85 -6.36 -1.15
CA VAL A 49 -3.23 -5.93 -1.48
C VAL A 49 -3.93 -7.07 -2.23
N HIS A 50 -5.26 -7.10 -2.17
CA HIS A 50 -6.09 -8.15 -2.77
C HIS A 50 -5.61 -9.56 -2.36
N GLY A 51 -5.04 -9.66 -1.15
CA GLY A 51 -4.61 -10.88 -0.52
C GLY A 51 -3.33 -11.45 -1.14
N GLY A 52 -2.59 -10.66 -1.91
CA GLY A 52 -1.31 -11.05 -2.46
C GLY A 52 -0.26 -10.00 -2.10
N ARG A 53 0.95 -10.47 -1.85
CA ARG A 53 2.16 -9.66 -1.74
C ARG A 53 2.89 -9.62 -3.08
N GLY A 54 3.94 -8.82 -3.18
CA GLY A 54 4.80 -8.72 -4.35
C GLY A 54 5.57 -7.40 -4.31
N TRP A 55 6.35 -7.09 -5.33
CA TRP A 55 7.10 -5.83 -5.43
C TRP A 55 6.47 -4.90 -6.44
N PHE A 56 6.61 -3.58 -6.26
CA PHE A 56 6.03 -2.63 -7.22
C PHE A 56 6.86 -1.36 -7.35
N PRO A 57 6.79 -0.66 -8.49
CA PRO A 57 7.46 0.62 -8.64
C PRO A 57 6.77 1.66 -7.77
N LYS A 58 7.44 2.14 -6.73
CA LYS A 58 6.87 3.14 -5.84
C LYS A 58 6.48 4.40 -6.59
N SER A 59 7.11 4.68 -7.73
CA SER A 59 6.90 5.94 -8.39
C SER A 59 5.45 5.99 -8.91
N TYR A 60 4.75 4.84 -8.99
CA TYR A 60 3.37 4.70 -9.43
C TYR A 60 2.38 4.98 -8.29
N VAL A 61 2.82 5.33 -7.07
CA VAL A 61 1.95 5.41 -5.90
C VAL A 61 2.24 6.72 -5.14
N LYS A 62 1.52 7.01 -4.04
CA LYS A 62 1.97 7.96 -3.02
C LYS A 62 1.77 7.37 -1.64
N ILE A 63 2.64 7.71 -0.70
CA ILE A 63 2.41 7.48 0.72
C ILE A 63 1.22 8.32 1.15
N ILE A 64 0.55 7.85 2.19
CA ILE A 64 -0.62 8.50 2.76
C ILE A 64 -0.30 8.81 4.24
N PRO A 65 -0.85 9.90 4.79
CA PRO A 65 -0.64 10.25 6.18
C PRO A 65 -1.43 9.37 7.14
N GLY A 66 -2.76 9.40 7.02
CA GLY A 66 -3.65 8.96 8.09
C GLY A 66 -3.87 10.17 9.00
N SER A 67 -4.79 11.05 8.59
CA SER A 67 -5.18 12.24 9.33
C SER A 67 -6.63 12.55 9.00
N GLU A 68 -6.90 13.20 7.86
CA GLU A 68 -8.27 13.43 7.40
C GLU A 68 -8.90 12.09 7.01
N SER A 69 -9.60 11.46 7.94
CA SER A 69 -10.48 10.31 7.72
C SER A 69 -11.53 10.38 8.82
N GLY A 70 -11.41 9.53 9.85
CA GLY A 70 -12.33 9.40 10.98
C GLY A 70 -11.53 9.07 12.24
N PRO A 71 -12.21 8.62 13.32
CA PRO A 71 -11.55 8.11 14.50
C PRO A 71 -10.88 6.76 14.16
N SER A 72 -9.56 6.80 13.90
CA SER A 72 -8.79 5.70 13.34
C SER A 72 -8.99 4.41 14.13
N SER A 73 -9.04 4.47 15.46
CA SER A 73 -9.57 3.37 16.24
C SER A 73 -10.14 3.95 17.54
N GLY A 74 -11.46 4.06 17.58
CA GLY A 74 -12.23 4.53 18.71
C GLY A 74 -13.56 4.93 18.17
N GLY A 1 -5.28 -8.61 28.03
CA GLY A 1 -3.90 -8.29 27.64
C GLY A 1 -3.62 -6.84 27.96
N SER A 2 -2.64 -6.56 28.82
CA SER A 2 -2.09 -5.22 29.02
C SER A 2 -1.07 -4.90 27.94
N SER A 3 -0.78 -3.61 27.75
CA SER A 3 0.29 -3.09 26.90
C SER A 3 -0.05 -3.22 25.41
N GLY A 4 0.00 -2.11 24.70
CA GLY A 4 -0.53 -1.92 23.36
C GLY A 4 0.10 -0.66 22.79
N SER A 5 -0.10 0.48 23.45
CA SER A 5 0.47 1.77 23.03
C SER A 5 0.07 2.11 21.59
N SER A 6 -1.24 2.04 21.32
CA SER A 6 -1.98 2.42 20.10
C SER A 6 -2.46 1.16 19.35
N GLY A 7 -3.22 1.36 18.28
CA GLY A 7 -3.81 0.34 17.43
C GLY A 7 -3.38 0.48 15.98
N VAL A 8 -2.16 0.96 15.76
CA VAL A 8 -1.57 1.24 14.45
C VAL A 8 -1.44 -0.02 13.59
N GLU A 9 -0.84 0.16 12.41
CA GLU A 9 -0.41 -0.90 11.54
C GLU A 9 0.79 -0.38 10.73
N ASN A 10 1.20 -1.14 9.74
CA ASN A 10 2.25 -0.82 8.78
C ASN A 10 1.88 0.43 7.96
N LEU A 11 2.81 0.97 7.17
CA LEU A 11 2.56 2.09 6.26
C LEU A 11 1.56 1.65 5.19
N LYS A 12 0.73 2.54 4.64
CA LYS A 12 -0.02 2.27 3.41
C LYS A 12 0.26 3.35 2.36
N ALA A 13 0.12 2.98 1.09
CA ALA A 13 0.27 3.87 -0.05
C ALA A 13 -0.87 3.61 -1.02
N GLN A 14 -1.46 4.66 -1.59
CA GLN A 14 -2.52 4.54 -2.58
C GLN A 14 -1.89 4.56 -3.98
N ALA A 15 -2.16 3.53 -4.79
CA ALA A 15 -1.77 3.47 -6.20
C ALA A 15 -2.36 4.62 -7.01
N LEU A 16 -1.64 5.04 -8.06
CA LEU A 16 -1.96 6.18 -8.91
C LEU A 16 -2.43 5.75 -10.31
N CYS A 17 -2.31 4.48 -10.70
CA CYS A 17 -2.82 3.93 -11.96
C CYS A 17 -3.16 2.46 -11.76
N SER A 18 -3.71 1.77 -12.76
CA SER A 18 -3.98 0.34 -12.72
C SER A 18 -2.80 -0.39 -13.36
N TRP A 19 -2.14 -1.31 -12.65
CA TRP A 19 -1.00 -2.03 -13.20
C TRP A 19 -1.02 -3.50 -12.78
N THR A 20 -0.90 -4.38 -13.77
CA THR A 20 -0.81 -5.81 -13.65
C THR A 20 0.51 -6.24 -12.99
N ALA A 21 0.56 -7.46 -12.45
CA ALA A 21 1.81 -8.10 -12.10
C ALA A 21 2.47 -8.57 -13.39
N LYS A 22 3.77 -8.86 -13.33
CA LYS A 22 4.54 -9.24 -14.50
C LYS A 22 5.51 -10.35 -14.16
N LYS A 23 6.59 -10.03 -13.45
CA LYS A 23 7.49 -11.07 -12.97
C LYS A 23 6.81 -11.75 -11.79
N ASP A 24 7.33 -12.92 -11.44
CA ASP A 24 6.74 -13.83 -10.44
C ASP A 24 6.46 -13.15 -9.11
N ASN A 25 7.34 -12.22 -8.72
CA ASN A 25 7.37 -11.60 -7.41
C ASN A 25 6.66 -10.24 -7.41
N HIS A 26 6.01 -9.80 -8.49
CA HIS A 26 5.34 -8.49 -8.58
C HIS A 26 4.01 -8.45 -7.82
N LEU A 27 3.47 -7.24 -7.62
CA LEU A 27 2.15 -6.92 -7.08
C LEU A 27 1.22 -6.56 -8.27
N ASN A 28 -0.10 -6.65 -8.12
CA ASN A 28 -1.11 -6.06 -9.03
C ASN A 28 -2.16 -5.25 -8.27
N PHE A 29 -2.45 -4.03 -8.73
CA PHE A 29 -3.44 -3.11 -8.18
C PHE A 29 -4.21 -2.41 -9.30
N SER A 30 -5.26 -1.68 -8.94
CA SER A 30 -5.96 -0.73 -9.78
C SER A 30 -5.67 0.69 -9.32
N LYS A 31 -6.18 1.64 -10.09
CA LYS A 31 -6.09 3.06 -9.79
C LYS A 31 -6.82 3.30 -8.46
N HIS A 32 -6.14 3.98 -7.56
CA HIS A 32 -6.60 4.40 -6.26
C HIS A 32 -6.74 3.27 -5.25
N ASP A 33 -6.32 2.03 -5.56
CA ASP A 33 -6.30 0.98 -4.54
C ASP A 33 -5.30 1.33 -3.46
N ILE A 34 -5.62 1.00 -2.21
CA ILE A 34 -4.73 1.15 -1.07
C ILE A 34 -3.97 -0.16 -0.90
N ILE A 35 -2.65 -0.06 -0.80
CA ILE A 35 -1.77 -1.20 -0.68
C ILE A 35 -0.98 -0.99 0.62
N THR A 36 -0.89 -2.09 1.38
CA THR A 36 -0.17 -2.21 2.62
C THR A 36 1.32 -2.18 2.26
N VAL A 37 2.05 -1.17 2.70
CA VAL A 37 3.49 -1.07 2.51
C VAL A 37 4.13 -1.86 3.64
N LEU A 38 5.23 -2.55 3.33
CA LEU A 38 5.91 -3.45 4.26
C LEU A 38 7.43 -3.22 4.20
N GLU A 39 8.08 -3.45 3.06
CA GLU A 39 9.52 -3.21 2.87
C GLU A 39 9.78 -2.27 1.69
N GLN A 40 10.82 -1.46 1.72
CA GLN A 40 11.08 -0.46 0.68
C GLN A 40 12.55 -0.61 0.28
N GLN A 41 12.82 -1.19 -0.89
CA GLN A 41 14.12 -1.07 -1.56
C GLN A 41 14.29 0.38 -2.03
N GLU A 42 15.39 0.67 -2.72
CA GLU A 42 15.75 1.99 -3.21
C GLU A 42 14.58 2.71 -3.90
N ASN A 43 13.82 1.95 -4.70
CA ASN A 43 12.78 2.40 -5.61
C ASN A 43 11.64 1.37 -5.73
N TRP A 44 11.90 0.07 -5.52
CA TRP A 44 10.84 -0.94 -5.53
C TRP A 44 10.35 -1.20 -4.10
N TRP A 45 9.05 -1.41 -3.84
CA TRP A 45 8.49 -1.58 -2.50
C TRP A 45 7.71 -2.89 -2.45
N PHE A 46 7.85 -3.69 -1.38
CA PHE A 46 7.19 -4.96 -1.19
C PHE A 46 5.93 -4.70 -0.38
N GLY A 47 4.75 -4.65 -1.00
CA GLY A 47 3.49 -4.36 -0.34
C GLY A 47 2.43 -5.41 -0.66
N GLU A 48 1.32 -5.41 0.07
CA GLU A 48 0.24 -6.37 -0.04
C GLU A 48 -1.09 -5.67 -0.31
N VAL A 49 -1.82 -6.17 -1.30
CA VAL A 49 -3.21 -5.79 -1.56
C VAL A 49 -3.91 -7.02 -2.16
N HIS A 50 -5.24 -7.12 -2.05
CA HIS A 50 -6.01 -8.27 -2.56
C HIS A 50 -5.53 -9.61 -1.95
N GLY A 51 -4.89 -9.59 -0.78
CA GLY A 51 -4.28 -10.77 -0.19
C GLY A 51 -3.13 -11.32 -1.04
N GLY A 52 -2.50 -10.51 -1.90
CA GLY A 52 -1.32 -10.82 -2.67
C GLY A 52 -0.22 -9.86 -2.24
N ARG A 53 0.84 -10.39 -1.64
CA ARG A 53 2.13 -9.72 -1.54
C ARG A 53 2.77 -9.67 -2.93
N GLY A 54 3.71 -8.75 -3.13
CA GLY A 54 4.45 -8.59 -4.37
C GLY A 54 5.46 -7.46 -4.23
N TRP A 55 6.12 -7.05 -5.32
CA TRP A 55 6.97 -5.86 -5.46
C TRP A 55 6.36 -4.88 -6.47
N PHE A 56 6.59 -3.56 -6.31
CA PHE A 56 6.17 -2.57 -7.32
C PHE A 56 7.11 -1.36 -7.38
N PRO A 57 7.21 -0.62 -8.51
CA PRO A 57 7.92 0.66 -8.56
C PRO A 57 7.11 1.71 -7.79
N LYS A 58 7.68 2.28 -6.72
CA LYS A 58 6.94 3.23 -5.88
C LYS A 58 6.44 4.47 -6.62
N SER A 59 7.01 4.82 -7.78
CA SER A 59 6.61 6.07 -8.43
C SER A 59 5.13 6.01 -8.82
N TYR A 60 4.60 4.79 -9.00
CA TYR A 60 3.22 4.46 -9.33
C TYR A 60 2.25 4.69 -8.17
N VAL A 61 2.72 5.15 -7.00
CA VAL A 61 1.90 5.27 -5.80
C VAL A 61 2.23 6.59 -5.09
N LYS A 62 1.50 6.91 -4.01
CA LYS A 62 1.94 7.91 -3.03
C LYS A 62 1.68 7.36 -1.64
N ILE A 63 2.58 7.62 -0.69
CA ILE A 63 2.36 7.38 0.74
C ILE A 63 1.22 8.28 1.19
N ILE A 64 0.39 7.72 2.06
CA ILE A 64 -0.79 8.35 2.58
C ILE A 64 -0.57 8.48 4.10
N PRO A 65 -1.05 9.57 4.72
CA PRO A 65 -0.71 9.94 6.09
C PRO A 65 -1.66 9.37 7.15
N GLY A 66 -2.64 8.57 6.75
CA GLY A 66 -3.85 8.24 7.50
C GLY A 66 -5.06 8.85 6.79
N SER A 67 -6.25 8.29 7.00
CA SER A 67 -7.48 8.66 6.30
C SER A 67 -8.65 8.93 7.24
N GLU A 68 -8.42 8.98 8.55
CA GLU A 68 -9.39 9.49 9.52
C GLU A 68 -9.29 11.02 9.58
N SER A 69 -10.21 11.67 10.29
CA SER A 69 -10.21 13.10 10.57
C SER A 69 -10.80 13.32 11.97
N GLY A 70 -9.94 13.47 12.98
CA GLY A 70 -10.32 13.84 14.33
C GLY A 70 -9.44 13.18 15.39
N PRO A 71 -9.49 13.63 16.66
CA PRO A 71 -8.73 13.03 17.74
C PRO A 71 -9.31 11.69 18.22
N SER A 72 -10.64 11.51 18.12
CA SER A 72 -11.41 10.35 18.59
C SER A 72 -11.09 9.96 20.05
N SER A 73 -11.63 8.82 20.50
CA SER A 73 -11.30 8.21 21.78
C SER A 73 -11.40 6.69 21.62
N GLY A 74 -10.28 5.98 21.77
CA GLY A 74 -10.17 4.56 21.48
C GLY A 74 -10.21 4.33 19.98
N GLY A 1 -8.88 -10.42 26.65
CA GLY A 1 -8.06 -9.31 26.14
C GLY A 1 -8.89 -8.41 25.25
N SER A 2 -9.21 -7.21 25.73
CA SER A 2 -10.15 -6.28 25.12
C SER A 2 -9.71 -5.68 23.78
N SER A 3 -8.46 -5.91 23.35
CA SER A 3 -7.80 -5.02 22.41
C SER A 3 -7.85 -3.58 22.95
N GLY A 4 -8.00 -2.56 22.10
CA GLY A 4 -8.35 -1.21 22.54
C GLY A 4 -7.23 -0.51 23.30
N SER A 5 -6.01 -0.62 22.79
CA SER A 5 -4.86 0.18 23.23
C SER A 5 -4.18 0.69 21.96
N SER A 6 -2.99 0.20 21.58
CA SER A 6 -2.39 0.57 20.30
C SER A 6 -3.23 -0.05 19.17
N GLY A 7 -3.57 0.77 18.19
CA GLY A 7 -3.97 0.30 16.87
C GLY A 7 -2.80 0.57 15.94
N VAL A 8 -2.97 1.53 15.03
CA VAL A 8 -2.16 1.83 13.85
C VAL A 8 -1.77 0.60 13.03
N GLU A 9 -1.08 0.81 11.92
CA GLU A 9 -0.63 -0.26 11.05
C GLU A 9 0.73 0.06 10.45
N ASN A 10 1.27 -0.86 9.66
CA ASN A 10 2.40 -0.61 8.76
C ASN A 10 2.06 0.53 7.79
N LEU A 11 3.02 0.96 6.95
CA LEU A 11 2.82 2.07 6.03
C LEU A 11 1.75 1.64 5.03
N LYS A 12 0.94 2.57 4.52
CA LYS A 12 0.03 2.32 3.41
C LYS A 12 0.25 3.40 2.37
N ALA A 13 0.23 3.01 1.10
CA ALA A 13 0.42 3.89 -0.02
C ALA A 13 -0.65 3.56 -1.06
N GLN A 14 -1.37 4.58 -1.53
CA GLN A 14 -2.43 4.43 -2.50
C GLN A 14 -1.81 4.53 -3.90
N ALA A 15 -2.17 3.60 -4.78
CA ALA A 15 -1.72 3.57 -6.15
C ALA A 15 -2.31 4.73 -6.96
N LEU A 16 -1.58 5.18 -7.98
CA LEU A 16 -1.92 6.32 -8.84
C LEU A 16 -2.33 5.89 -10.26
N CYS A 17 -2.21 4.59 -10.59
CA CYS A 17 -2.61 3.98 -11.85
C CYS A 17 -2.94 2.51 -11.55
N SER A 18 -3.49 1.77 -12.51
CA SER A 18 -3.45 0.33 -12.44
C SER A 18 -2.09 -0.14 -12.95
N TRP A 19 -1.65 -1.33 -12.53
CA TRP A 19 -0.47 -1.99 -13.05
C TRP A 19 -0.57 -3.45 -12.64
N THR A 20 -0.57 -4.36 -13.61
CA THR A 20 -0.57 -5.78 -13.28
C THR A 20 0.84 -6.17 -12.81
N ALA A 21 0.95 -7.35 -12.19
CA ALA A 21 2.24 -7.97 -11.96
C ALA A 21 2.86 -8.39 -13.30
N LYS A 22 4.13 -8.79 -13.26
CA LYS A 22 4.89 -9.35 -14.37
C LYS A 22 5.76 -10.47 -13.82
N LYS A 23 6.71 -10.16 -12.93
CA LYS A 23 7.57 -11.14 -12.27
C LYS A 23 6.74 -12.13 -11.46
N ASP A 24 7.43 -13.17 -11.00
CA ASP A 24 7.02 -14.12 -9.97
C ASP A 24 6.58 -13.38 -8.71
N ASN A 25 7.44 -12.52 -8.19
CA ASN A 25 7.18 -11.61 -7.10
C ASN A 25 7.15 -10.25 -7.77
N HIS A 26 5.97 -9.88 -8.28
CA HIS A 26 5.50 -8.51 -8.44
C HIS A 26 4.11 -8.44 -7.79
N LEU A 27 3.71 -7.26 -7.31
CA LEU A 27 2.35 -6.94 -6.88
C LEU A 27 1.53 -6.57 -8.12
N ASN A 28 0.20 -6.60 -8.03
CA ASN A 28 -0.73 -6.11 -9.05
C ASN A 28 -1.76 -5.24 -8.35
N PHE A 29 -1.97 -4.00 -8.80
CA PHE A 29 -2.98 -3.09 -8.23
C PHE A 29 -3.76 -2.36 -9.31
N SER A 30 -4.75 -1.61 -8.87
CA SER A 30 -5.57 -0.74 -9.66
C SER A 30 -5.49 0.71 -9.18
N LYS A 31 -6.05 1.63 -9.98
CA LYS A 31 -5.99 3.06 -9.76
C LYS A 31 -6.85 3.44 -8.55
N HIS A 32 -6.17 3.79 -7.46
CA HIS A 32 -6.60 4.31 -6.16
C HIS A 32 -6.68 3.21 -5.10
N ASP A 33 -6.22 1.99 -5.40
CA ASP A 33 -6.17 0.91 -4.44
C ASP A 33 -5.13 1.24 -3.38
N ILE A 34 -5.46 1.02 -2.10
CA ILE A 34 -4.53 1.09 -0.99
C ILE A 34 -3.77 -0.22 -0.94
N ILE A 35 -2.44 -0.12 -0.88
CA ILE A 35 -1.58 -1.27 -0.73
C ILE A 35 -0.83 -1.07 0.58
N THR A 36 -0.87 -2.12 1.40
CA THR A 36 -0.20 -2.22 2.67
C THR A 36 1.28 -2.31 2.34
N VAL A 37 2.06 -1.28 2.62
CA VAL A 37 3.49 -1.24 2.37
C VAL A 37 4.19 -2.04 3.46
N LEU A 38 5.16 -2.85 3.05
CA LEU A 38 5.82 -3.79 3.94
C LEU A 38 7.33 -3.71 3.88
N GLU A 39 7.93 -3.27 2.78
CA GLU A 39 9.38 -3.16 2.63
C GLU A 39 9.68 -2.06 1.62
N GLN A 40 10.85 -1.40 1.68
CA GLN A 40 11.13 -0.25 0.85
C GLN A 40 12.58 -0.28 0.31
N GLN A 41 12.75 -0.68 -0.95
CA GLN A 41 14.00 -0.56 -1.70
C GLN A 41 14.08 0.85 -2.32
N GLU A 42 15.15 1.09 -3.08
CA GLU A 42 15.51 2.35 -3.74
C GLU A 42 14.33 3.00 -4.48
N ASN A 43 13.57 2.19 -5.23
CA ASN A 43 12.44 2.63 -6.03
C ASN A 43 11.35 1.57 -6.11
N TRP A 44 11.54 0.42 -5.49
CA TRP A 44 10.58 -0.67 -5.49
C TRP A 44 10.16 -0.89 -4.05
N TRP A 45 8.88 -0.97 -3.75
CA TRP A 45 8.37 -1.26 -2.41
C TRP A 45 7.69 -2.61 -2.47
N PHE A 46 7.74 -3.37 -1.38
CA PHE A 46 6.97 -4.59 -1.25
C PHE A 46 5.68 -4.18 -0.57
N GLY A 47 4.58 -4.84 -0.90
CA GLY A 47 3.35 -4.60 -0.20
C GLY A 47 2.30 -5.62 -0.58
N GLU A 48 1.14 -5.49 0.04
CA GLU A 48 0.06 -6.46 -0.01
C GLU A 48 -1.24 -5.73 -0.30
N VAL A 49 -1.94 -6.20 -1.33
CA VAL A 49 -3.30 -5.78 -1.67
C VAL A 49 -4.02 -6.95 -2.32
N HIS A 50 -5.36 -6.94 -2.27
CA HIS A 50 -6.27 -7.99 -2.75
C HIS A 50 -6.23 -9.17 -1.78
N GLY A 51 -5.04 -9.74 -1.62
CA GLY A 51 -4.80 -11.03 -0.99
C GLY A 51 -3.51 -11.64 -1.55
N GLY A 52 -2.54 -10.83 -1.99
CA GLY A 52 -1.28 -11.36 -2.48
C GLY A 52 -0.25 -10.27 -2.59
N ARG A 53 0.85 -10.45 -1.86
CA ARG A 53 2.01 -9.57 -1.86
C ARG A 53 2.73 -9.54 -3.19
N GLY A 54 3.62 -8.56 -3.31
CA GLY A 54 4.72 -8.56 -4.25
C GLY A 54 5.44 -7.21 -4.24
N TRP A 55 6.53 -7.10 -5.01
CA TRP A 55 7.25 -5.86 -5.25
C TRP A 55 6.53 -5.00 -6.27
N PHE A 56 6.63 -3.67 -6.15
CA PHE A 56 6.04 -2.76 -7.12
C PHE A 56 6.88 -1.48 -7.27
N PRO A 57 6.83 -0.81 -8.43
CA PRO A 57 7.51 0.46 -8.64
C PRO A 57 6.84 1.53 -7.78
N LYS A 58 7.56 2.07 -6.78
CA LYS A 58 6.99 3.04 -5.85
C LYS A 58 6.50 4.27 -6.57
N SER A 59 7.09 4.64 -7.72
CA SER A 59 6.78 5.93 -8.27
C SER A 59 5.35 5.91 -8.86
N TYR A 60 4.72 4.73 -8.97
CA TYR A 60 3.35 4.54 -9.39
C TYR A 60 2.36 4.84 -8.25
N VAL A 61 2.82 5.12 -7.02
CA VAL A 61 1.98 5.22 -5.83
C VAL A 61 2.30 6.53 -5.10
N LYS A 62 1.60 6.83 -4.00
CA LYS A 62 2.03 7.85 -3.04
C LYS A 62 1.77 7.35 -1.63
N ILE A 63 2.64 7.70 -0.68
CA ILE A 63 2.37 7.53 0.74
C ILE A 63 1.20 8.43 1.10
N ILE A 64 0.40 7.98 2.06
CA ILE A 64 -0.83 8.61 2.48
C ILE A 64 -0.67 8.98 3.96
N PRO A 65 -1.13 10.17 4.36
CA PRO A 65 -1.04 10.63 5.74
C PRO A 65 -1.94 9.79 6.65
N GLY A 66 -3.08 9.34 6.12
CA GLY A 66 -4.00 8.42 6.80
C GLY A 66 -4.48 9.02 8.12
N SER A 67 -4.87 10.29 8.08
CA SER A 67 -5.28 11.11 9.20
C SER A 67 -6.35 12.05 8.68
N GLU A 68 -7.41 12.19 9.48
CA GLU A 68 -8.45 13.21 9.46
C GLU A 68 -8.82 13.64 8.03
N SER A 69 -9.54 12.76 7.33
CA SER A 69 -9.91 12.97 5.94
C SER A 69 -11.28 12.38 5.66
N GLY A 70 -12.33 13.19 5.64
CA GLY A 70 -13.68 12.79 5.27
C GLY A 70 -14.71 13.77 5.83
N PRO A 71 -16.01 13.50 5.64
CA PRO A 71 -17.11 14.25 6.23
C PRO A 71 -17.01 14.38 7.76
N SER A 72 -17.89 15.21 8.33
CA SER A 72 -18.19 15.15 9.75
C SER A 72 -18.55 13.70 10.14
N SER A 73 -18.12 13.28 11.32
CA SER A 73 -18.58 12.07 11.97
C SER A 73 -20.06 12.30 12.32
N GLY A 74 -20.95 11.62 11.62
CA GLY A 74 -22.39 11.75 11.77
C GLY A 74 -22.91 12.67 10.70
N GLY A 1 -12.45 -3.93 0.41
CA GLY A 1 -13.68 -3.96 1.21
C GLY A 1 -13.42 -3.59 2.66
N SER A 2 -12.71 -2.48 2.89
CA SER A 2 -12.40 -1.92 4.18
C SER A 2 -12.73 -0.45 4.07
N SER A 3 -13.38 0.06 5.10
CA SER A 3 -13.35 1.49 5.43
C SER A 3 -11.92 1.89 5.81
N GLY A 4 -11.73 3.15 6.17
CA GLY A 4 -10.66 3.60 7.05
C GLY A 4 -11.27 4.66 7.96
N SER A 5 -10.77 4.75 9.19
CA SER A 5 -11.28 5.70 10.18
C SER A 5 -10.09 6.14 11.04
N SER A 6 -9.43 5.17 11.69
CA SER A 6 -8.22 5.33 12.47
C SER A 6 -7.78 3.91 12.88
N GLY A 7 -6.50 3.71 13.16
CA GLY A 7 -5.99 2.39 13.45
C GLY A 7 -5.75 1.63 12.15
N VAL A 8 -4.49 1.58 11.74
CA VAL A 8 -3.97 0.73 10.68
C VAL A 8 -2.60 0.20 11.17
N GLU A 9 -1.88 -0.54 10.34
CA GLU A 9 -0.55 -1.06 10.62
C GLU A 9 0.33 -0.88 9.38
N ASN A 10 1.64 -1.07 9.52
CA ASN A 10 2.68 -0.78 8.52
C ASN A 10 2.61 0.68 8.02
N LEU A 11 3.37 1.00 6.97
CA LEU A 11 3.05 2.07 6.03
C LEU A 11 1.90 1.60 5.11
N LYS A 12 1.07 2.51 4.61
CA LYS A 12 0.16 2.27 3.48
C LYS A 12 0.39 3.35 2.44
N ALA A 13 0.19 3.00 1.18
CA ALA A 13 0.26 3.91 0.06
C ALA A 13 -0.90 3.60 -0.89
N GLN A 14 -1.47 4.64 -1.48
CA GLN A 14 -2.54 4.52 -2.46
C GLN A 14 -1.89 4.50 -3.84
N ALA A 15 -2.27 3.50 -4.65
CA ALA A 15 -1.92 3.40 -6.05
C ALA A 15 -2.42 4.62 -6.82
N LEU A 16 -1.60 5.19 -7.71
CA LEU A 16 -1.96 6.37 -8.48
C LEU A 16 -2.49 6.01 -9.87
N CYS A 17 -2.15 4.83 -10.40
CA CYS A 17 -2.70 4.25 -11.63
C CYS A 17 -2.65 2.73 -11.48
N SER A 18 -3.42 2.02 -12.28
CA SER A 18 -3.39 0.56 -12.37
C SER A 18 -2.00 0.11 -12.88
N TRP A 19 -1.57 -1.10 -12.57
CA TRP A 19 -0.45 -1.80 -13.17
C TRP A 19 -0.57 -3.27 -12.78
N THR A 20 0.09 -4.15 -13.55
CA THR A 20 -0.18 -5.56 -13.55
C THR A 20 1.13 -6.33 -13.48
N ALA A 21 1.11 -7.53 -12.87
CA ALA A 21 2.30 -8.28 -12.55
C ALA A 21 3.01 -8.77 -13.80
N LYS A 22 4.26 -9.18 -13.60
CA LYS A 22 5.22 -9.50 -14.64
C LYS A 22 5.99 -10.72 -14.11
N LYS A 23 6.97 -10.52 -13.22
CA LYS A 23 7.58 -11.59 -12.43
C LYS A 23 6.55 -12.06 -11.41
N ASP A 24 6.77 -13.25 -10.83
CA ASP A 24 5.87 -13.89 -9.87
C ASP A 24 5.61 -13.00 -8.67
N ASN A 25 6.68 -12.38 -8.16
CA ASN A 25 6.67 -11.61 -6.94
C ASN A 25 6.40 -10.13 -7.18
N HIS A 26 5.77 -9.75 -8.30
CA HIS A 26 5.24 -8.41 -8.46
C HIS A 26 3.90 -8.30 -7.74
N LEU A 27 3.57 -7.08 -7.29
CA LEU A 27 2.23 -6.72 -6.86
C LEU A 27 1.44 -6.41 -8.14
N ASN A 28 0.15 -6.78 -8.20
CA ASN A 28 -0.78 -6.27 -9.21
C ASN A 28 -1.94 -5.57 -8.50
N PHE A 29 -2.25 -4.34 -8.91
CA PHE A 29 -3.23 -3.44 -8.29
C PHE A 29 -4.02 -2.71 -9.38
N SER A 30 -4.90 -1.84 -8.93
CA SER A 30 -5.70 -0.95 -9.75
C SER A 30 -5.56 0.48 -9.24
N LYS A 31 -6.12 1.43 -9.99
CA LYS A 31 -6.09 2.85 -9.68
C LYS A 31 -6.85 3.13 -8.38
N HIS A 32 -6.20 3.86 -7.49
CA HIS A 32 -6.65 4.30 -6.19
C HIS A 32 -6.81 3.19 -5.15
N ASP A 33 -6.46 1.93 -5.45
CA ASP A 33 -6.48 0.91 -4.41
C ASP A 33 -5.45 1.28 -3.33
N ILE A 34 -5.74 0.96 -2.06
CA ILE A 34 -4.85 1.18 -0.92
C ILE A 34 -4.10 -0.13 -0.69
N ILE A 35 -2.78 -0.05 -0.68
CA ILE A 35 -1.92 -1.20 -0.55
C ILE A 35 -1.15 -1.01 0.76
N THR A 36 -1.05 -2.10 1.51
CA THR A 36 -0.23 -2.22 2.69
C THR A 36 1.20 -2.21 2.18
N VAL A 37 1.99 -1.18 2.48
CA VAL A 37 3.43 -1.24 2.22
C VAL A 37 4.00 -2.20 3.27
N LEU A 38 5.11 -2.87 2.95
CA LEU A 38 5.75 -3.82 3.85
C LEU A 38 7.27 -3.68 3.87
N GLU A 39 7.90 -3.24 2.77
CA GLU A 39 9.34 -3.02 2.69
C GLU A 39 9.63 -1.97 1.62
N GLN A 40 10.81 -1.37 1.64
CA GLN A 40 11.21 -0.31 0.72
C GLN A 40 12.68 -0.50 0.33
N GLN A 41 12.94 -1.04 -0.86
CA GLN A 41 14.28 -1.15 -1.48
C GLN A 41 14.58 0.17 -2.23
N GLU A 42 15.66 0.22 -3.02
CA GLU A 42 16.18 1.45 -3.64
C GLU A 42 15.12 2.28 -4.35
N ASN A 43 14.24 1.62 -5.11
CA ASN A 43 13.17 2.30 -5.84
C ASN A 43 11.93 1.41 -6.01
N TRP A 44 11.95 0.17 -5.52
CA TRP A 44 10.81 -0.73 -5.48
C TRP A 44 10.41 -0.96 -4.05
N TRP A 45 9.12 -1.07 -3.77
CA TRP A 45 8.56 -1.32 -2.44
C TRP A 45 7.81 -2.64 -2.48
N PHE A 46 7.83 -3.39 -1.39
CA PHE A 46 7.02 -4.58 -1.23
C PHE A 46 5.74 -4.12 -0.57
N GLY A 47 4.65 -4.79 -0.86
CA GLY A 47 3.37 -4.49 -0.25
C GLY A 47 2.42 -5.65 -0.43
N GLU A 48 1.17 -5.44 -0.02
CA GLU A 48 0.10 -6.42 -0.10
C GLU A 48 -1.23 -5.70 -0.29
N VAL A 49 -1.99 -6.16 -1.28
CA VAL A 49 -3.38 -5.78 -1.50
C VAL A 49 -4.08 -6.97 -2.15
N HIS A 50 -5.40 -7.06 -2.03
CA HIS A 50 -6.26 -8.09 -2.60
C HIS A 50 -6.01 -9.51 -2.05
N GLY A 51 -5.01 -9.69 -1.17
CA GLY A 51 -4.57 -11.00 -0.67
C GLY A 51 -3.28 -11.50 -1.32
N GLY A 52 -2.58 -10.67 -2.08
CA GLY A 52 -1.37 -11.04 -2.78
C GLY A 52 -0.28 -10.02 -2.56
N ARG A 53 0.75 -10.39 -1.79
CA ARG A 53 2.00 -9.64 -1.64
C ARG A 53 2.72 -9.48 -2.97
N GLY A 54 3.65 -8.53 -3.05
CA GLY A 54 4.55 -8.40 -4.18
C GLY A 54 5.24 -7.04 -4.20
N TRP A 55 6.22 -6.91 -5.09
CA TRP A 55 7.04 -5.72 -5.30
C TRP A 55 6.46 -4.84 -6.38
N PHE A 56 6.73 -3.54 -6.32
CA PHE A 56 6.26 -2.60 -7.34
C PHE A 56 7.17 -1.36 -7.43
N PRO A 57 7.27 -0.69 -8.59
CA PRO A 57 8.01 0.56 -8.70
C PRO A 57 7.30 1.62 -7.86
N LYS A 58 7.95 2.22 -6.86
CA LYS A 58 7.23 3.08 -5.92
C LYS A 58 6.64 4.32 -6.60
N SER A 59 7.16 4.76 -7.75
CA SER A 59 6.67 5.96 -8.44
C SER A 59 5.21 5.78 -8.87
N TYR A 60 4.72 4.53 -8.90
CA TYR A 60 3.36 4.22 -9.28
C TYR A 60 2.36 4.66 -8.22
N VAL A 61 2.81 4.96 -6.99
CA VAL A 61 1.97 5.09 -5.80
C VAL A 61 2.28 6.42 -5.10
N LYS A 62 1.54 6.81 -4.05
CA LYS A 62 2.00 7.82 -3.09
C LYS A 62 1.77 7.28 -1.69
N ILE A 63 2.63 7.61 -0.73
CA ILE A 63 2.36 7.42 0.69
C ILE A 63 1.17 8.26 1.07
N ILE A 64 0.42 7.75 2.03
CA ILE A 64 -0.78 8.35 2.53
C ILE A 64 -0.58 8.58 4.04
N PRO A 65 -1.16 9.65 4.57
CA PRO A 65 -1.15 9.95 5.99
C PRO A 65 -2.04 8.98 6.77
N GLY A 66 -3.27 8.81 6.31
CA GLY A 66 -4.27 7.92 6.87
C GLY A 66 -5.65 8.54 6.83
N SER A 67 -5.99 9.31 7.85
CA SER A 67 -7.34 9.78 8.16
C SER A 67 -7.28 11.30 8.32
N GLU A 68 -6.96 12.01 7.25
CA GLU A 68 -6.31 13.31 7.33
C GLU A 68 -7.03 14.36 6.48
N SER A 69 -7.62 15.38 7.11
CA SER A 69 -8.18 16.55 6.43
C SER A 69 -7.09 17.32 5.69
N GLY A 70 -7.48 18.16 4.73
CA GLY A 70 -6.56 19.01 4.00
C GLY A 70 -7.32 19.93 3.05
N PRO A 71 -8.01 20.98 3.55
CA PRO A 71 -8.89 21.86 2.77
C PRO A 71 -8.11 22.77 1.81
N SER A 72 -7.75 22.23 0.64
CA SER A 72 -7.03 22.78 -0.52
C SER A 72 -5.72 23.56 -0.29
N SER A 73 -5.42 24.04 0.92
CA SER A 73 -4.23 24.77 1.36
C SER A 73 -3.62 25.64 0.27
N GLY A 74 -4.20 26.81 0.05
CA GLY A 74 -3.69 27.78 -0.89
C GLY A 74 -4.53 29.02 -0.85
#